data_2CO5
# 
_entry.id   2CO5 
# 
_audit_conform.dict_name       mmcif_pdbx.dic 
_audit_conform.dict_version    5.397 
_audit_conform.dict_location   http://mmcif.pdb.org/dictionaries/ascii/mmcif_pdbx.dic 
# 
loop_
_database_2.database_id 
_database_2.database_code 
_database_2.pdbx_database_accession 
_database_2.pdbx_DOI 
PDB   2CO5         pdb_00002co5 10.2210/pdb2co5/pdb 
PDBE  EBI-28872    ?            ?                   
WWPDB D_1290028872 ?            ?                   
# 
loop_
_pdbx_audit_revision_history.ordinal 
_pdbx_audit_revision_history.data_content_type 
_pdbx_audit_revision_history.major_revision 
_pdbx_audit_revision_history.minor_revision 
_pdbx_audit_revision_history.revision_date 
1 'Structure model' 1 0 2006-05-31 
2 'Structure model' 1 1 2011-07-13 
3 'Structure model' 1 2 2019-05-08 
4 'Structure model' 1 3 2024-10-23 
# 
_pdbx_audit_revision_details.ordinal             1 
_pdbx_audit_revision_details.revision_ordinal    1 
_pdbx_audit_revision_details.data_content_type   'Structure model' 
_pdbx_audit_revision_details.provider            repository 
_pdbx_audit_revision_details.type                'Initial release' 
_pdbx_audit_revision_details.description         ? 
_pdbx_audit_revision_details.details             ? 
# 
loop_
_pdbx_audit_revision_group.ordinal 
_pdbx_audit_revision_group.revision_ordinal 
_pdbx_audit_revision_group.data_content_type 
_pdbx_audit_revision_group.group 
1 2 'Structure model' Advisory                    
2 2 'Structure model' 'Version format compliance' 
3 3 'Structure model' 'Data collection'           
4 3 'Structure model' 'Experimental preparation'  
5 3 'Structure model' Other                       
6 4 'Structure model' 'Data collection'           
7 4 'Structure model' 'Database references'       
8 4 'Structure model' Other                       
9 4 'Structure model' 'Structure summary'         
# 
loop_
_pdbx_audit_revision_category.ordinal 
_pdbx_audit_revision_category.revision_ordinal 
_pdbx_audit_revision_category.data_content_type 
_pdbx_audit_revision_category.category 
1  3 'Structure model' database_PDB_rev          
2  3 'Structure model' database_PDB_rev_record   
3  3 'Structure model' exptl_crystal_grow        
4  3 'Structure model' pdbx_database_proc        
5  3 'Structure model' pdbx_database_status      
6  4 'Structure model' chem_comp_atom            
7  4 'Structure model' chem_comp_bond            
8  4 'Structure model' database_2                
9  4 'Structure model' pdbx_database_status      
10 4 'Structure model' pdbx_entry_details        
11 4 'Structure model' pdbx_modification_feature 
# 
loop_
_pdbx_audit_revision_item.ordinal 
_pdbx_audit_revision_item.revision_ordinal 
_pdbx_audit_revision_item.data_content_type 
_pdbx_audit_revision_item.item 
1 3 'Structure model' '_exptl_crystal_grow.method'                   
2 3 'Structure model' '_pdbx_database_status.recvd_author_approval'  
3 4 'Structure model' '_database_2.pdbx_DOI'                         
4 4 'Structure model' '_database_2.pdbx_database_accession'          
5 4 'Structure model' '_pdbx_database_status.status_code_sf'         
6 4 'Structure model' '_pdbx_entry_details.has_protein_modification' 
# 
_pdbx_database_status.status_code                     REL 
_pdbx_database_status.entry_id                        2CO5 
_pdbx_database_status.deposit_site                    PDBE 
_pdbx_database_status.process_site                    PDBE 
_pdbx_database_status.SG_entry                        . 
_pdbx_database_status.recvd_initial_deposition_date   2006-05-25 
_pdbx_database_status.pdb_format_compatible           Y 
_pdbx_database_status.status_code_sf                  REL 
_pdbx_database_status.status_code_mr                  ? 
_pdbx_database_status.status_code_cs                  ? 
_pdbx_database_status.methods_development_category    ? 
_pdbx_database_status.status_code_nmr_data            ? 
# 
loop_
_audit_author.name 
_audit_author.pdbx_ordinal 
'Larson, E.T.'   1 
'Reiter, D.'     2 
'Lawrence, C.M.' 3 
# 
loop_
_citation.id 
_citation.title 
_citation.journal_abbrev 
_citation.journal_volume 
_citation.page_first 
_citation.page_last 
_citation.year 
_citation.journal_id_ASTM 
_citation.country 
_citation.journal_id_ISSN 
_citation.journal_id_CSD 
_citation.book_publisher 
_citation.pdbx_database_id_PubMed 
_citation.pdbx_database_id_DOI 
primary 
;A Winged-Helix Protein from Sulfolobus Turreted Icosahedral Virus Points Toward Stabilizing Disulfide Bonds in the Intracellular Proteins of a Hyperthermophilic Virus.
;
Virology               368 249  ? 2007 VIRLAX US 0042-6822 0922 ? 17669459 10.1016/J.VIROL.2007.06.040 
1       
'The Structure of a Thermophilic Archaeal Virus Shows a Double-Stranded DNA Viral Capsid Type that Spans All Domains of Life' 
Proc.Natl.Acad.Sci.USA 101 7716 ? 2004 PNASA6 US 0027-8424 0040 ? 15123802 10.1073/PNAS.0401773101     
# 
loop_
_citation_author.citation_id 
_citation_author.name 
_citation_author.ordinal 
_citation_author.identifier_ORCID 
primary 'Larson, E.T.'   1  ? 
primary 'Eilers, B.'     2  ? 
primary 'Menon, S.'      3  ? 
primary 'Reiter, D.'     4  ? 
primary 'Ortmann, A.'    5  ? 
primary 'Young, M.J.'    6  ? 
primary 'Lawrence, C.M.' 7  ? 
1       'Rice, G.'       8  ? 
1       'Tang, L.'       9  ? 
1       'Stedman, K.'    10 ? 
1       'Roberto, F.'    11 ? 
1       'Spuhler, J.'    12 ? 
1       'Gillitzer, E.'  13 ? 
1       'Johnson, J.E.'  14 ? 
1       'Douglas, T.'    15 ? 
1       'Young, M.'      16 ? 
# 
loop_
_entity.id 
_entity.type 
_entity.src_method 
_entity.pdbx_description 
_entity.formula_weight 
_entity.pdbx_number_of_molecules 
_entity.pdbx_ec 
_entity.pdbx_mutation 
_entity.pdbx_fragment 
_entity.details 
1 polymer man 'VIRAL PROTEIN F93' 12000.183 2  ? ? ? ? 
2 water   nat water               18.015    69 ? ? ? ? 
# 
_entity_poly.entity_id                      1 
_entity_poly.type                           'polypeptide(L)' 
_entity_poly.nstd_linkage                   no 
_entity_poly.nstd_monomer                   no 
_entity_poly.pdbx_seq_one_letter_code       
;MKIRKYMRINYYIILKVLVINGSRLEKKRLRSEILKRFDIDISDGVLYPLIDSLIDDKILREEEAPDGKVLFLTEKGMKE
FEELHEFFKKIVCHHHHHH
;
_entity_poly.pdbx_seq_one_letter_code_can   
;MKIRKYMRINYYIILKVLVINGSRLEKKRLRSEILKRFDIDISDGVLYPLIDSLIDDKILREEEAPDGKVLFLTEKGMKE
FEELHEFFKKIVCHHHHHH
;
_entity_poly.pdbx_strand_id                 A,B 
_entity_poly.pdbx_target_identifier         ? 
# 
_pdbx_entity_nonpoly.entity_id   2 
_pdbx_entity_nonpoly.name        water 
_pdbx_entity_nonpoly.comp_id     HOH 
# 
loop_
_entity_poly_seq.entity_id 
_entity_poly_seq.num 
_entity_poly_seq.mon_id 
_entity_poly_seq.hetero 
1 1  MET n 
1 2  LYS n 
1 3  ILE n 
1 4  ARG n 
1 5  LYS n 
1 6  TYR n 
1 7  MET n 
1 8  ARG n 
1 9  ILE n 
1 10 ASN n 
1 11 TYR n 
1 12 TYR n 
1 13 ILE n 
1 14 ILE n 
1 15 LEU n 
1 16 LYS n 
1 17 VAL n 
1 18 LEU n 
1 19 VAL n 
1 20 ILE n 
1 21 ASN n 
1 22 GLY n 
1 23 SER n 
1 24 ARG n 
1 25 LEU n 
1 26 GLU n 
1 27 LYS n 
1 28 LYS n 
1 29 ARG n 
1 30 LEU n 
1 31 ARG n 
1 32 SER n 
1 33 GLU n 
1 34 ILE n 
1 35 LEU n 
1 36 LYS n 
1 37 ARG n 
1 38 PHE n 
1 39 ASP n 
1 40 ILE n 
1 41 ASP n 
1 42 ILE n 
1 43 SER n 
1 44 ASP n 
1 45 GLY n 
1 46 VAL n 
1 47 LEU n 
1 48 TYR n 
1 49 PRO n 
1 50 LEU n 
1 51 ILE n 
1 52 ASP n 
1 53 SER n 
1 54 LEU n 
1 55 ILE n 
1 56 ASP n 
1 57 ASP n 
1 58 LYS n 
1 59 ILE n 
1 60 LEU n 
1 61 ARG n 
1 62 GLU n 
1 63 GLU n 
1 64 GLU n 
1 65 ALA n 
1 66 PRO n 
1 67 ASP n 
1 68 GLY n 
1 69 LYS n 
1 70 VAL n 
1 71 LEU n 
1 72 PHE n 
1 73 LEU n 
1 74 THR n 
1 75 GLU n 
1 76 LYS n 
1 77 GLY n 
1 78 MET n 
1 79 LYS n 
1 80 GLU n 
1 81 PHE n 
1 82 GLU n 
1 83 GLU n 
1 84 LEU n 
1 85 HIS n 
1 86 GLU n 
1 87 PHE n 
1 88 PHE n 
1 89 LYS n 
1 90 LYS n 
1 91 ILE n 
1 92 VAL n 
1 93 CYS n 
1 94 HIS n 
1 95 HIS n 
1 96 HIS n 
1 97 HIS n 
1 98 HIS n 
1 99 HIS n 
# 
_entity_src_gen.entity_id                          1 
_entity_src_gen.pdbx_src_id                        1 
_entity_src_gen.pdbx_alt_source_flag               sample 
_entity_src_gen.pdbx_seq_type                      ? 
_entity_src_gen.pdbx_beg_seq_num                   ? 
_entity_src_gen.pdbx_end_seq_num                   ? 
_entity_src_gen.gene_src_common_name               STIV 
_entity_src_gen.gene_src_genus                     ? 
_entity_src_gen.pdbx_gene_src_gene                 ? 
_entity_src_gen.gene_src_species                   ? 
_entity_src_gen.gene_src_strain                    'ISOLATE YNPRC179' 
_entity_src_gen.gene_src_tissue                    ? 
_entity_src_gen.gene_src_tissue_fraction           ? 
_entity_src_gen.gene_src_details                   ? 
_entity_src_gen.pdbx_gene_src_fragment             ? 
_entity_src_gen.pdbx_gene_src_scientific_name      'SULFOLOBUS TURRETED ICOSAHEDRAL VIRUS' 
_entity_src_gen.pdbx_gene_src_ncbi_taxonomy_id     269145 
_entity_src_gen.pdbx_gene_src_variant              ? 
_entity_src_gen.pdbx_gene_src_cell_line            ? 
_entity_src_gen.pdbx_gene_src_atcc                 ? 
_entity_src_gen.pdbx_gene_src_organ                ? 
_entity_src_gen.pdbx_gene_src_organelle            ? 
_entity_src_gen.pdbx_gene_src_cell                 ? 
_entity_src_gen.pdbx_gene_src_cellular_location    ? 
_entity_src_gen.host_org_common_name               ? 
_entity_src_gen.pdbx_host_org_scientific_name      'ESCHERICHIA COLI' 
_entity_src_gen.pdbx_host_org_ncbi_taxonomy_id     469008 
_entity_src_gen.host_org_genus                     ? 
_entity_src_gen.pdbx_host_org_gene                 ? 
_entity_src_gen.pdbx_host_org_organ                ? 
_entity_src_gen.host_org_species                   ? 
_entity_src_gen.pdbx_host_org_tissue               ? 
_entity_src_gen.pdbx_host_org_tissue_fraction      ? 
_entity_src_gen.pdbx_host_org_strain               'BL21(DE3)-CODON PLUS (RIL)' 
_entity_src_gen.pdbx_host_org_variant              ? 
_entity_src_gen.pdbx_host_org_cell_line            ? 
_entity_src_gen.pdbx_host_org_atcc                 ? 
_entity_src_gen.pdbx_host_org_culture_collection   ? 
_entity_src_gen.pdbx_host_org_cell                 ? 
_entity_src_gen.pdbx_host_org_organelle            ? 
_entity_src_gen.pdbx_host_org_cellular_location    ? 
_entity_src_gen.pdbx_host_org_vector_type          ? 
_entity_src_gen.pdbx_host_org_vector               ? 
_entity_src_gen.host_org_details                   ? 
_entity_src_gen.expression_system_id               ? 
_entity_src_gen.plasmid_name                       PEXP14-STIVF93 
_entity_src_gen.plasmid_details                    ? 
_entity_src_gen.pdbx_description                   
;STIV WAS ISOLATED FROM SULFOLOBUS SPECIES IN ACIDIC HOT SPRINGS (PH 2.9-3.9, 72-92 DEGREES C)IN THE RABBIT CREEK THERMAL AREA WITHIN MIDWAY GEYSER BASIN IN YELLOWSTONE NATIONAL PARK, USA.
;
# 
loop_
_chem_comp.id 
_chem_comp.type 
_chem_comp.mon_nstd_flag 
_chem_comp.name 
_chem_comp.pdbx_synonyms 
_chem_comp.formula 
_chem_comp.formula_weight 
ALA 'L-peptide linking' y ALANINE         ? 'C3 H7 N O2'     89.093  
ARG 'L-peptide linking' y ARGININE        ? 'C6 H15 N4 O2 1' 175.209 
ASN 'L-peptide linking' y ASPARAGINE      ? 'C4 H8 N2 O3'    132.118 
ASP 'L-peptide linking' y 'ASPARTIC ACID' ? 'C4 H7 N O4'     133.103 
CYS 'L-peptide linking' y CYSTEINE        ? 'C3 H7 N O2 S'   121.158 
GLU 'L-peptide linking' y 'GLUTAMIC ACID' ? 'C5 H9 N O4'     147.129 
GLY 'peptide linking'   y GLYCINE         ? 'C2 H5 N O2'     75.067  
HIS 'L-peptide linking' y HISTIDINE       ? 'C6 H10 N3 O2 1' 156.162 
HOH non-polymer         . WATER           ? 'H2 O'           18.015  
ILE 'L-peptide linking' y ISOLEUCINE      ? 'C6 H13 N O2'    131.173 
LEU 'L-peptide linking' y LEUCINE         ? 'C6 H13 N O2'    131.173 
LYS 'L-peptide linking' y LYSINE          ? 'C6 H15 N2 O2 1' 147.195 
MET 'L-peptide linking' y METHIONINE      ? 'C5 H11 N O2 S'  149.211 
PHE 'L-peptide linking' y PHENYLALANINE   ? 'C9 H11 N O2'    165.189 
PRO 'L-peptide linking' y PROLINE         ? 'C5 H9 N O2'     115.130 
SER 'L-peptide linking' y SERINE          ? 'C3 H7 N O3'     105.093 
THR 'L-peptide linking' y THREONINE       ? 'C4 H9 N O3'     119.119 
TYR 'L-peptide linking' y TYROSINE        ? 'C9 H11 N O3'    181.189 
VAL 'L-peptide linking' y VALINE          ? 'C5 H11 N O2'    117.146 
# 
loop_
_pdbx_poly_seq_scheme.asym_id 
_pdbx_poly_seq_scheme.entity_id 
_pdbx_poly_seq_scheme.seq_id 
_pdbx_poly_seq_scheme.mon_id 
_pdbx_poly_seq_scheme.ndb_seq_num 
_pdbx_poly_seq_scheme.pdb_seq_num 
_pdbx_poly_seq_scheme.auth_seq_num 
_pdbx_poly_seq_scheme.pdb_mon_id 
_pdbx_poly_seq_scheme.auth_mon_id 
_pdbx_poly_seq_scheme.pdb_strand_id 
_pdbx_poly_seq_scheme.pdb_ins_code 
_pdbx_poly_seq_scheme.hetero 
A 1 1  MET 1  1  ?  ?   ?   A . n 
A 1 2  LYS 2  2  ?  ?   ?   A . n 
A 1 3  ILE 3  3  ?  ?   ?   A . n 
A 1 4  ARG 4  4  ?  ?   ?   A . n 
A 1 5  LYS 5  5  5  LYS LYS A . n 
A 1 6  TYR 6  6  6  TYR TYR A . n 
A 1 7  MET 7  7  7  MET MET A . n 
A 1 8  ARG 8  8  8  ARG ARG A . n 
A 1 9  ILE 9  9  9  ILE ILE A . n 
A 1 10 ASN 10 10 10 ASN ASN A . n 
A 1 11 TYR 11 11 11 TYR TYR A . n 
A 1 12 TYR 12 12 12 TYR TYR A . n 
A 1 13 ILE 13 13 13 ILE ILE A . n 
A 1 14 ILE 14 14 14 ILE ILE A . n 
A 1 15 LEU 15 15 15 LEU LEU A . n 
A 1 16 LYS 16 16 16 LYS LYS A . n 
A 1 17 VAL 17 17 17 VAL VAL A . n 
A 1 18 LEU 18 18 18 LEU LEU A . n 
A 1 19 VAL 19 19 19 VAL VAL A . n 
A 1 20 ILE 20 20 20 ILE ILE A . n 
A 1 21 ASN 21 21 21 ASN ASN A . n 
A 1 22 GLY 22 22 22 GLY GLY A . n 
A 1 23 SER 23 23 23 SER SER A . n 
A 1 24 ARG 24 24 24 ARG ARG A . n 
A 1 25 LEU 25 25 25 LEU LEU A . n 
A 1 26 GLU 26 26 26 GLU GLU A . n 
A 1 27 LYS 27 27 27 LYS LYS A . n 
A 1 28 LYS 28 28 28 LYS LYS A . n 
A 1 29 ARG 29 29 29 ARG ARG A . n 
A 1 30 LEU 30 30 30 LEU LEU A . n 
A 1 31 ARG 31 31 31 ARG ARG A . n 
A 1 32 SER 32 32 32 SER SER A . n 
A 1 33 GLU 33 33 33 GLU GLU A . n 
A 1 34 ILE 34 34 34 ILE ILE A . n 
A 1 35 LEU 35 35 35 LEU LEU A . n 
A 1 36 LYS 36 36 36 LYS LYS A . n 
A 1 37 ARG 37 37 37 ARG ARG A . n 
A 1 38 PHE 38 38 38 PHE PHE A . n 
A 1 39 ASP 39 39 39 ASP ASP A . n 
A 1 40 ILE 40 40 40 ILE ILE A . n 
A 1 41 ASP 41 41 41 ASP ASP A . n 
A 1 42 ILE 42 42 42 ILE ILE A . n 
A 1 43 SER 43 43 43 SER SER A . n 
A 1 44 ASP 44 44 44 ASP ASP A . n 
A 1 45 GLY 45 45 45 GLY GLY A . n 
A 1 46 VAL 46 46 46 VAL VAL A . n 
A 1 47 LEU 47 47 47 LEU LEU A . n 
A 1 48 TYR 48 48 48 TYR TYR A . n 
A 1 49 PRO 49 49 49 PRO PRO A . n 
A 1 50 LEU 50 50 50 LEU LEU A . n 
A 1 51 ILE 51 51 51 ILE ILE A . n 
A 1 52 ASP 52 52 52 ASP ASP A . n 
A 1 53 SER 53 53 53 SER SER A . n 
A 1 54 LEU 54 54 54 LEU LEU A . n 
A 1 55 ILE 55 55 55 ILE ILE A . n 
A 1 56 ASP 56 56 56 ASP ASP A . n 
A 1 57 ASP 57 57 57 ASP ASP A . n 
A 1 58 LYS 58 58 58 LYS LYS A . n 
A 1 59 ILE 59 59 59 ILE ILE A . n 
A 1 60 LEU 60 60 60 LEU LEU A . n 
A 1 61 ARG 61 61 61 ARG ARG A . n 
A 1 62 GLU 62 62 62 GLU GLU A . n 
A 1 63 GLU 63 63 63 GLU GLU A . n 
A 1 64 GLU 64 64 64 GLU GLU A . n 
A 1 65 ALA 65 65 65 ALA ALA A . n 
A 1 66 PRO 66 66 66 PRO PRO A . n 
A 1 67 ASP 67 67 67 ASP ASP A . n 
A 1 68 GLY 68 68 68 GLY GLY A . n 
A 1 69 LYS 69 69 69 LYS LYS A . n 
A 1 70 VAL 70 70 70 VAL VAL A . n 
A 1 71 LEU 71 71 71 LEU LEU A . n 
A 1 72 PHE 72 72 72 PHE PHE A . n 
A 1 73 LEU 73 73 73 LEU LEU A . n 
A 1 74 THR 74 74 74 THR THR A . n 
A 1 75 GLU 75 75 75 GLU GLU A . n 
A 1 76 LYS 76 76 76 LYS LYS A . n 
A 1 77 GLY 77 77 77 GLY GLY A . n 
A 1 78 MET 78 78 78 MET MET A . n 
A 1 79 LYS 79 79 79 LYS LYS A . n 
A 1 80 GLU 80 80 80 GLU GLU A . n 
A 1 81 PHE 81 81 81 PHE PHE A . n 
A 1 82 GLU 82 82 82 GLU GLU A . n 
A 1 83 GLU 83 83 83 GLU GLU A . n 
A 1 84 LEU 84 84 84 LEU LEU A . n 
A 1 85 HIS 85 85 85 HIS HIS A . n 
A 1 86 GLU 86 86 86 GLU GLU A . n 
A 1 87 PHE 87 87 87 PHE PHE A . n 
A 1 88 PHE 88 88 88 PHE PHE A . n 
A 1 89 LYS 89 89 89 LYS LYS A . n 
A 1 90 LYS 90 90 90 LYS LYS A . n 
A 1 91 ILE 91 91 91 ILE ILE A . n 
A 1 92 VAL 92 92 92 VAL VAL A . n 
A 1 93 CYS 93 93 93 CYS CYS A . n 
A 1 94 HIS 94 94 94 HIS HIS A . n 
A 1 95 HIS 95 95 95 HIS HIS A . n 
A 1 96 HIS 96 96 96 HIS HIS A . n 
A 1 97 HIS 97 97 ?  ?   ?   A . n 
A 1 98 HIS 98 98 ?  ?   ?   A . n 
A 1 99 HIS 99 99 ?  ?   ?   A . n 
B 1 1  MET 1  1  1  MET MET B . n 
B 1 2  LYS 2  2  2  LYS LYS B . n 
B 1 3  ILE 3  3  3  ILE ILE B . n 
B 1 4  ARG 4  4  4  ARG ARG B . n 
B 1 5  LYS 5  5  5  LYS LYS B . n 
B 1 6  TYR 6  6  6  TYR TYR B . n 
B 1 7  MET 7  7  7  MET MET B . n 
B 1 8  ARG 8  8  8  ARG ARG B . n 
B 1 9  ILE 9  9  9  ILE ILE B . n 
B 1 10 ASN 10 10 10 ASN ASN B . n 
B 1 11 TYR 11 11 11 TYR TYR B . n 
B 1 12 TYR 12 12 12 TYR TYR B . n 
B 1 13 ILE 13 13 13 ILE ILE B . n 
B 1 14 ILE 14 14 14 ILE ILE B . n 
B 1 15 LEU 15 15 15 LEU LEU B . n 
B 1 16 LYS 16 16 16 LYS LYS B . n 
B 1 17 VAL 17 17 17 VAL VAL B . n 
B 1 18 LEU 18 18 18 LEU LEU B . n 
B 1 19 VAL 19 19 19 VAL VAL B . n 
B 1 20 ILE 20 20 20 ILE ILE B . n 
B 1 21 ASN 21 21 21 ASN ASN B . n 
B 1 22 GLY 22 22 22 GLY GLY B . n 
B 1 23 SER 23 23 23 SER SER B . n 
B 1 24 ARG 24 24 24 ARG ARG B . n 
B 1 25 LEU 25 25 25 LEU LEU B . n 
B 1 26 GLU 26 26 26 GLU GLU B . n 
B 1 27 LYS 27 27 27 LYS LYS B . n 
B 1 28 LYS 28 28 28 LYS LYS B . n 
B 1 29 ARG 29 29 29 ARG ARG B . n 
B 1 30 LEU 30 30 30 LEU LEU B . n 
B 1 31 ARG 31 31 31 ARG ARG B . n 
B 1 32 SER 32 32 32 SER SER B . n 
B 1 33 GLU 33 33 33 GLU GLU B . n 
B 1 34 ILE 34 34 34 ILE ILE B . n 
B 1 35 LEU 35 35 35 LEU LEU B . n 
B 1 36 LYS 36 36 36 LYS LYS B . n 
B 1 37 ARG 37 37 37 ARG ARG B . n 
B 1 38 PHE 38 38 38 PHE PHE B . n 
B 1 39 ASP 39 39 39 ASP ASP B . n 
B 1 40 ILE 40 40 40 ILE ILE B . n 
B 1 41 ASP 41 41 41 ASP ASP B . n 
B 1 42 ILE 42 42 42 ILE ILE B . n 
B 1 43 SER 43 43 43 SER SER B . n 
B 1 44 ASP 44 44 44 ASP ASP B . n 
B 1 45 GLY 45 45 45 GLY GLY B . n 
B 1 46 VAL 46 46 46 VAL VAL B . n 
B 1 47 LEU 47 47 47 LEU LEU B . n 
B 1 48 TYR 48 48 48 TYR TYR B . n 
B 1 49 PRO 49 49 49 PRO PRO B . n 
B 1 50 LEU 50 50 50 LEU LEU B . n 
B 1 51 ILE 51 51 51 ILE ILE B . n 
B 1 52 ASP 52 52 52 ASP ASP B . n 
B 1 53 SER 53 53 53 SER SER B . n 
B 1 54 LEU 54 54 54 LEU LEU B . n 
B 1 55 ILE 55 55 55 ILE ILE B . n 
B 1 56 ASP 56 56 56 ASP ASP B . n 
B 1 57 ASP 57 57 57 ASP ASP B . n 
B 1 58 LYS 58 58 58 LYS LYS B . n 
B 1 59 ILE 59 59 59 ILE ILE B . n 
B 1 60 LEU 60 60 60 LEU LEU B . n 
B 1 61 ARG 61 61 61 ARG ARG B . n 
B 1 62 GLU 62 62 62 GLU GLU B . n 
B 1 63 GLU 63 63 63 GLU GLU B . n 
B 1 64 GLU 64 64 64 GLU GLU B . n 
B 1 65 ALA 65 65 65 ALA ALA B . n 
B 1 66 PRO 66 66 66 PRO PRO B . n 
B 1 67 ASP 67 67 67 ASP ASP B . n 
B 1 68 GLY 68 68 68 GLY GLY B . n 
B 1 69 LYS 69 69 69 LYS LYS B . n 
B 1 70 VAL 70 70 70 VAL VAL B . n 
B 1 71 LEU 71 71 71 LEU LEU B . n 
B 1 72 PHE 72 72 72 PHE PHE B . n 
B 1 73 LEU 73 73 73 LEU LEU B . n 
B 1 74 THR 74 74 74 THR THR B . n 
B 1 75 GLU 75 75 75 GLU GLU B . n 
B 1 76 LYS 76 76 76 LYS LYS B . n 
B 1 77 GLY 77 77 77 GLY GLY B . n 
B 1 78 MET 78 78 78 MET MET B . n 
B 1 79 LYS 79 79 79 LYS LYS B . n 
B 1 80 GLU 80 80 80 GLU GLU B . n 
B 1 81 PHE 81 81 81 PHE PHE B . n 
B 1 82 GLU 82 82 82 GLU GLU B . n 
B 1 83 GLU 83 83 83 GLU GLU B . n 
B 1 84 LEU 84 84 84 LEU LEU B . n 
B 1 85 HIS 85 85 85 HIS HIS B . n 
B 1 86 GLU 86 86 86 GLU GLU B . n 
B 1 87 PHE 87 87 87 PHE PHE B . n 
B 1 88 PHE 88 88 88 PHE PHE B . n 
B 1 89 LYS 89 89 89 LYS LYS B . n 
B 1 90 LYS 90 90 90 LYS LYS B . n 
B 1 91 ILE 91 91 91 ILE ILE B . n 
B 1 92 VAL 92 92 92 VAL VAL B . n 
B 1 93 CYS 93 93 93 CYS CYS B . n 
B 1 94 HIS 94 94 94 HIS HIS B . n 
B 1 95 HIS 95 95 ?  ?   ?   B . n 
B 1 96 HIS 96 96 ?  ?   ?   B . n 
B 1 97 HIS 97 97 ?  ?   ?   B . n 
B 1 98 HIS 98 98 ?  ?   ?   B . n 
B 1 99 HIS 99 99 ?  ?   ?   B . n 
# 
loop_
_pdbx_nonpoly_scheme.asym_id 
_pdbx_nonpoly_scheme.entity_id 
_pdbx_nonpoly_scheme.mon_id 
_pdbx_nonpoly_scheme.ndb_seq_num 
_pdbx_nonpoly_scheme.pdb_seq_num 
_pdbx_nonpoly_scheme.auth_seq_num 
_pdbx_nonpoly_scheme.pdb_mon_id 
_pdbx_nonpoly_scheme.auth_mon_id 
_pdbx_nonpoly_scheme.pdb_strand_id 
_pdbx_nonpoly_scheme.pdb_ins_code 
C 2 HOH 1  2001 2001 HOH HOH A . 
C 2 HOH 2  2002 2002 HOH HOH A . 
C 2 HOH 3  2003 2003 HOH HOH A . 
C 2 HOH 4  2004 2004 HOH HOH A . 
C 2 HOH 5  2005 2005 HOH HOH A . 
C 2 HOH 6  2006 2006 HOH HOH A . 
C 2 HOH 7  2007 2007 HOH HOH A . 
C 2 HOH 8  2008 2008 HOH HOH A . 
C 2 HOH 9  2009 2009 HOH HOH A . 
C 2 HOH 10 2010 2010 HOH HOH A . 
C 2 HOH 11 2011 2011 HOH HOH A . 
C 2 HOH 12 2012 2012 HOH HOH A . 
C 2 HOH 13 2013 2013 HOH HOH A . 
C 2 HOH 14 2014 2014 HOH HOH A . 
C 2 HOH 15 2015 2015 HOH HOH A . 
C 2 HOH 16 2016 2016 HOH HOH A . 
C 2 HOH 17 2017 2017 HOH HOH A . 
C 2 HOH 18 2018 2018 HOH HOH A . 
C 2 HOH 19 2019 2019 HOH HOH A . 
C 2 HOH 20 2020 2020 HOH HOH A . 
C 2 HOH 21 2021 2021 HOH HOH A . 
C 2 HOH 22 2022 2022 HOH HOH A . 
C 2 HOH 23 2023 2023 HOH HOH A . 
C 2 HOH 24 2024 2024 HOH HOH A . 
C 2 HOH 25 2025 2025 HOH HOH A . 
C 2 HOH 26 2026 2026 HOH HOH A . 
C 2 HOH 27 2027 2027 HOH HOH A . 
C 2 HOH 28 2028 2028 HOH HOH A . 
C 2 HOH 29 2029 2029 HOH HOH A . 
C 2 HOH 30 2030 2030 HOH HOH A . 
C 2 HOH 31 2031 2031 HOH HOH A . 
C 2 HOH 32 2032 2032 HOH HOH A . 
D 2 HOH 1  2001 2001 HOH HOH B . 
D 2 HOH 2  2002 2002 HOH HOH B . 
D 2 HOH 3  2003 2003 HOH HOH B . 
D 2 HOH 4  2004 2004 HOH HOH B . 
D 2 HOH 5  2005 2005 HOH HOH B . 
D 2 HOH 6  2006 2006 HOH HOH B . 
D 2 HOH 7  2007 2007 HOH HOH B . 
D 2 HOH 8  2008 2008 HOH HOH B . 
D 2 HOH 9  2009 2009 HOH HOH B . 
D 2 HOH 10 2010 2010 HOH HOH B . 
D 2 HOH 11 2011 2011 HOH HOH B . 
D 2 HOH 12 2012 2012 HOH HOH B . 
D 2 HOH 13 2013 2013 HOH HOH B . 
D 2 HOH 14 2014 2014 HOH HOH B . 
D 2 HOH 15 2015 2015 HOH HOH B . 
D 2 HOH 16 2016 2016 HOH HOH B . 
D 2 HOH 17 2017 2017 HOH HOH B . 
D 2 HOH 18 2018 2018 HOH HOH B . 
D 2 HOH 19 2019 2019 HOH HOH B . 
D 2 HOH 20 2020 2020 HOH HOH B . 
D 2 HOH 21 2021 2021 HOH HOH B . 
D 2 HOH 22 2022 2022 HOH HOH B . 
D 2 HOH 23 2023 2023 HOH HOH B . 
D 2 HOH 24 2024 2024 HOH HOH B . 
D 2 HOH 25 2025 2025 HOH HOH B . 
D 2 HOH 26 2026 2026 HOH HOH B . 
D 2 HOH 27 2027 2027 HOH HOH B . 
D 2 HOH 28 2028 2028 HOH HOH B . 
D 2 HOH 29 2029 2029 HOH HOH B . 
D 2 HOH 30 2030 2030 HOH HOH B . 
D 2 HOH 31 2031 2031 HOH HOH B . 
D 2 HOH 32 2032 2032 HOH HOH B . 
D 2 HOH 33 2033 2033 HOH HOH B . 
D 2 HOH 34 2034 2034 HOH HOH B . 
D 2 HOH 35 2035 2035 HOH HOH B . 
D 2 HOH 36 2036 2036 HOH HOH B . 
D 2 HOH 37 2037 2037 HOH HOH B . 
# 
loop_
_software.name 
_software.classification 
_software.version 
_software.citation_id 
_software.pdbx_ordinal 
HKL-2000 'data reduction' .        ? 1 
HKL-2000 'data scaling'   .        ? 2 
SOLVE    phasing          .        ? 3 
RESOLVE  phasing          .        ? 4 
REFMAC   refinement       5.2.0019 ? 5 
# 
_cell.entry_id           2CO5 
_cell.length_a           42.050 
_cell.length_b           102.594 
_cell.length_c           92.398 
_cell.angle_alpha        90.00 
_cell.angle_beta         90.00 
_cell.angle_gamma        90.00 
_cell.Z_PDB              16 
_cell.pdbx_unique_axis   ? 
# 
_symmetry.entry_id                         2CO5 
_symmetry.space_group_name_H-M             'C 2 2 21' 
_symmetry.pdbx_full_space_group_name_H-M   ? 
_symmetry.cell_setting                     ? 
_symmetry.Int_Tables_number                20 
# 
_exptl.entry_id          2CO5 
_exptl.method            'X-RAY DIFFRACTION' 
_exptl.crystals_number   1 
# 
_exptl_crystal.id                    1 
_exptl_crystal.density_meas          ? 
_exptl_crystal.density_Matthews      2.1 
_exptl_crystal.density_percent_sol   41 
_exptl_crystal.description           NONE 
# 
_exptl_crystal_grow.crystal_id      1 
_exptl_crystal_grow.method          'VAPOR DIFFUSION, HANGING DROP' 
_exptl_crystal_grow.temp            ? 
_exptl_crystal_grow.temp_details    ? 
_exptl_crystal_grow.pH              4.75 
_exptl_crystal_grow.pdbx_pH_range   ? 
_exptl_crystal_grow.pdbx_details    
;HANGING DROP VAPOR DIFFUSION, 9.0-10.5 MG/ML F93 IN 10 MM TRIS-HCL, PH 8.0, 50 MM NACL, 0.5 MM TCEP MIXED WITH BUFFER CONTAINING 0.1 M SODIUM ACETATE, PH 4.75-5.0, 0.1 M MAGNESIUM NITRATE HEXAHYDRATE, 16-20% PEG 20,000.
;
# 
_diffrn.id                     1 
_diffrn.ambient_temp           100 
_diffrn.ambient_temp_details   ? 
_diffrn.crystal_id             1 
# 
_diffrn_detector.diffrn_id              1 
_diffrn_detector.detector               CCD 
_diffrn_detector.type                   'ADSC QUANTUM 315' 
_diffrn_detector.pdbx_collection_date   2006-03-17 
_diffrn_detector.details                'VERTICAL FOCUSING MIRROR, SINGLE CRYSTAL SI(311) BENT MONOCHROMATOR (HORIZONTAL FOCUSING)' 
# 
_diffrn_radiation.diffrn_id                        1 
_diffrn_radiation.wavelength_id                    1 
_diffrn_radiation.pdbx_monochromatic_or_laue_m_l   M 
_diffrn_radiation.monochromator                    'SIDE-SCATTERING CUBEROOT I- BEAM BENT SINGLE CRYSTAL, ASYMETRIC CUT 12.2 DEGS.' 
_diffrn_radiation.pdbx_diffrn_protocol             'SINGLE WAVELENGTH' 
_diffrn_radiation.pdbx_scattering_type             x-ray 
# 
_diffrn_radiation_wavelength.id           1 
_diffrn_radiation_wavelength.wavelength   0.98789 
_diffrn_radiation_wavelength.wt           1.0 
# 
_diffrn_source.diffrn_id                   1 
_diffrn_source.source                      SYNCHROTRON 
_diffrn_source.type                        'SSRL BEAMLINE BL9-1' 
_diffrn_source.pdbx_synchrotron_site       SSRL 
_diffrn_source.pdbx_synchrotron_beamline   BL9-1 
_diffrn_source.pdbx_wavelength             0.98789 
_diffrn_source.pdbx_wavelength_list        ? 
# 
_reflns.pdbx_diffrn_id               1 
_reflns.pdbx_ordinal                 1 
_reflns.entry_id                     2CO5 
_reflns.observed_criterion_sigma_I   3.0 
_reflns.observed_criterion_sigma_F   ? 
_reflns.d_resolution_low             50.00 
_reflns.d_resolution_high            2.20 
_reflns.number_obs                   10466 
_reflns.number_all                   ? 
_reflns.percent_possible_obs         99.8 
_reflns.pdbx_Rmerge_I_obs            0.06 
_reflns.pdbx_Rsym_value              ? 
_reflns.pdbx_netI_over_sigmaI        33.00 
_reflns.B_iso_Wilson_estimate        ? 
_reflns.pdbx_redundancy              7.1 
# 
_reflns_shell.pdbx_diffrn_id         1 
_reflns_shell.pdbx_ordinal           1 
_reflns_shell.d_res_high             2.20 
_reflns_shell.d_res_low              2.28 
_reflns_shell.percent_possible_all   100.0 
_reflns_shell.Rmerge_I_obs           0.34 
_reflns_shell.pdbx_Rsym_value        ? 
_reflns_shell.meanI_over_sigI_obs    4.20 
_reflns_shell.pdbx_redundancy        7.3 
# 
_refine.pdbx_refine_id                           'X-RAY DIFFRACTION' 
_refine.entry_id                                 2CO5 
_refine.pdbx_diffrn_id                           1 
_refine.pdbx_TLS_residual_ADP_flag               'LIKELY RESIDUAL' 
_refine.ls_number_reflns_obs                     9938 
_refine.ls_number_reflns_all                     ? 
_refine.pdbx_ls_sigma_I                          ? 
_refine.pdbx_ls_sigma_F                          ? 
_refine.pdbx_data_cutoff_high_absF               ? 
_refine.pdbx_data_cutoff_low_absF                ? 
_refine.pdbx_data_cutoff_high_rms_absF           ? 
_refine.ls_d_res_low                             46.37 
_refine.ls_d_res_high                            2.20 
_refine.ls_percent_reflns_obs                    99.7 
_refine.ls_R_factor_obs                          0.192 
_refine.ls_R_factor_all                          ? 
_refine.ls_R_factor_R_work                       0.190 
_refine.ls_R_factor_R_free                       0.232 
_refine.ls_R_factor_R_free_error                 ? 
_refine.ls_R_factor_R_free_error_details         ? 
_refine.ls_percent_reflns_R_free                 4.900 
_refine.ls_number_reflns_R_free                  508 
_refine.ls_number_parameters                     ? 
_refine.ls_number_restraints                     ? 
_refine.occupancy_min                            ? 
_refine.occupancy_max                            ? 
_refine.correlation_coeff_Fo_to_Fc               0.957 
_refine.correlation_coeff_Fo_to_Fc_free          0.941 
_refine.B_iso_mean                               42.80 
_refine.aniso_B[1][1]                            1.71000 
_refine.aniso_B[2][2]                            -1.37000 
_refine.aniso_B[3][3]                            -0.34000 
_refine.aniso_B[1][2]                            0.00000 
_refine.aniso_B[1][3]                            0.00000 
_refine.aniso_B[2][3]                            0.00000 
_refine.solvent_model_details                    'BABINET MODEL WITH MASK' 
_refine.solvent_model_param_ksol                 ? 
_refine.solvent_model_param_bsol                 ? 
_refine.pdbx_solvent_vdw_probe_radii             1.20 
_refine.pdbx_solvent_ion_probe_radii             0.80 
_refine.pdbx_solvent_shrinkage_radii             0.80 
_refine.pdbx_ls_cross_valid_method               THROUGHOUT 
_refine.details                                  
;HYDROGENS HAVE BEEN ADDED IN THE RIDING POSITIONS. TLS MOTION DETERMINATION SERVER (J PAINTER & E A MERRITT (2006) J. APPL. CRYST. 39, 109-111) WAS USED FOR SELECTION OF OPTIMAL TLS GROUPS USED IN REFINEMENT.
;
_refine.pdbx_starting_model                      NONE 
_refine.pdbx_method_to_determine_struct          SAD 
_refine.pdbx_isotropic_thermal_model             ? 
_refine.pdbx_stereochemistry_target_values       'MAXIMUM LIKELIHOOD' 
_refine.pdbx_stereochem_target_val_spec_case     ? 
_refine.pdbx_R_Free_selection_details            RANDOM 
_refine.pdbx_overall_ESU_R                       0.304 
_refine.pdbx_overall_ESU_R_Free                  0.213 
_refine.overall_SU_ML                            0.170 
_refine.pdbx_overall_phase_error                 ? 
_refine.overall_SU_B                             13.322 
_refine.overall_SU_R_Cruickshank_DPI             ? 
_refine.pdbx_overall_SU_R_free_Cruickshank_DPI   ? 
_refine.pdbx_overall_SU_R_Blow_DPI               ? 
_refine.pdbx_overall_SU_R_free_Blow_DPI          ? 
# 
_refine_hist.pdbx_refine_id                   'X-RAY DIFFRACTION' 
_refine_hist.cycle_id                         LAST 
_refine_hist.pdbx_number_atoms_protein        1570 
_refine_hist.pdbx_number_atoms_nucleic_acid   0 
_refine_hist.pdbx_number_atoms_ligand         0 
_refine_hist.number_atoms_solvent             69 
_refine_hist.number_atoms_total               1639 
_refine_hist.d_res_high                       2.20 
_refine_hist.d_res_low                        46.37 
# 
loop_
_refine_ls_restr.type 
_refine_ls_restr.dev_ideal 
_refine_ls_restr.dev_ideal_target 
_refine_ls_restr.weight 
_refine_ls_restr.number 
_refine_ls_restr.pdbx_refine_id 
_refine_ls_restr.pdbx_restraint_function 
r_bond_refined_d             0.007  0.022  ? 1629 'X-RAY DIFFRACTION' ? 
r_bond_other_d               0.001  0.020  ? 1216 'X-RAY DIFFRACTION' ? 
r_angle_refined_deg          0.991  1.999  ? 2179 'X-RAY DIFFRACTION' ? 
r_angle_other_deg            0.789  3.001  ? 2957 'X-RAY DIFFRACTION' ? 
r_dihedral_angle_1_deg       6.135  5.000  ? 192  'X-RAY DIFFRACTION' ? 
r_dihedral_angle_2_deg       35.991 23.077 ? 78   'X-RAY DIFFRACTION' ? 
r_dihedral_angle_3_deg       14.796 15.000 ? 356  'X-RAY DIFFRACTION' ? 
r_dihedral_angle_4_deg       15.730 15.000 ? 15   'X-RAY DIFFRACTION' ? 
r_chiral_restr               0.061  0.200  ? 241  'X-RAY DIFFRACTION' ? 
r_gen_planes_refined         0.003  0.020  ? 1721 'X-RAY DIFFRACTION' ? 
r_gen_planes_other           0.001  0.020  ? 338  'X-RAY DIFFRACTION' ? 
r_nbd_refined                0.202  0.200  ? 338  'X-RAY DIFFRACTION' ? 
r_nbd_other                  0.172  0.200  ? 1162 'X-RAY DIFFRACTION' ? 
r_nbtor_refined              0.178  0.200  ? 781  'X-RAY DIFFRACTION' ? 
r_nbtor_other                0.082  0.200  ? 842  'X-RAY DIFFRACTION' ? 
r_xyhbond_nbd_refined        0.113  0.200  ? 74   'X-RAY DIFFRACTION' ? 
r_xyhbond_nbd_other          ?      ?      ? ?    'X-RAY DIFFRACTION' ? 
r_metal_ion_refined          ?      ?      ? ?    'X-RAY DIFFRACTION' ? 
r_metal_ion_other            ?      ?      ? ?    'X-RAY DIFFRACTION' ? 
r_symmetry_vdw_refined       0.104  0.200  ? 11   'X-RAY DIFFRACTION' ? 
r_symmetry_vdw_other         0.168  0.200  ? 38   'X-RAY DIFFRACTION' ? 
r_symmetry_hbond_refined     0.155  0.200  ? 12   'X-RAY DIFFRACTION' ? 
r_symmetry_hbond_other       ?      ?      ? ?    'X-RAY DIFFRACTION' ? 
r_symmetry_metal_ion_refined ?      ?      ? ?    'X-RAY DIFFRACTION' ? 
r_symmetry_metal_ion_other   ?      ?      ? ?    'X-RAY DIFFRACTION' ? 
r_mcbond_it                  1.994  6.000  ? 1277 'X-RAY DIFFRACTION' ? 
r_mcbond_other               ?      ?      ? ?    'X-RAY DIFFRACTION' ? 
r_mcangle_it                 2.509  8.000  ? 1527 'X-RAY DIFFRACTION' ? 
r_mcangle_other              ?      ?      ? ?    'X-RAY DIFFRACTION' ? 
r_scbond_it                  9.210  36.000 ? 813  'X-RAY DIFFRACTION' ? 
r_scbond_other               ?      ?      ? ?    'X-RAY DIFFRACTION' ? 
r_scangle_it                 11.446 54.000 ? 648  'X-RAY DIFFRACTION' ? 
r_scangle_other              ?      ?      ? ?    'X-RAY DIFFRACTION' ? 
r_long_range_B_refined       ?      ?      ? ?    'X-RAY DIFFRACTION' ? 
r_long_range_B_other         ?      ?      ? ?    'X-RAY DIFFRACTION' ? 
r_rigid_bond_restr           ?      ?      ? ?    'X-RAY DIFFRACTION' ? 
r_sphericity_free            ?      ?      ? ?    'X-RAY DIFFRACTION' ? 
r_sphericity_bonded          ?      ?      ? ?    'X-RAY DIFFRACTION' ? 
# 
_refine_ls_shell.pdbx_refine_id                   'X-RAY DIFFRACTION' 
_refine_ls_shell.pdbx_total_number_of_bins_used   20 
_refine_ls_shell.d_res_high                       2.20 
_refine_ls_shell.d_res_low                        2.26 
_refine_ls_shell.number_reflns_R_work             699 
_refine_ls_shell.R_factor_R_work                  0.2250 
_refine_ls_shell.percent_reflns_obs               ? 
_refine_ls_shell.R_factor_R_free                  0.2850 
_refine_ls_shell.R_factor_R_free_error            ? 
_refine_ls_shell.percent_reflns_R_free            ? 
_refine_ls_shell.number_reflns_R_free             41 
_refine_ls_shell.number_reflns_all                ? 
_refine_ls_shell.R_factor_all                     ? 
# 
_struct.entry_id                  2CO5 
_struct.title                     'F93 FROM STIV, a winged-helix DNA-binding protein' 
_struct.pdbx_model_details        ? 
_struct.pdbx_CASP_flag            ? 
_struct.pdbx_model_type_details   ? 
# 
_struct_keywords.entry_id        2CO5 
_struct_keywords.pdbx_keywords   'VIRAL PROTEIN/WINGED HELIX' 
_struct_keywords.text            
;VIRAL PROTEIN-WINGED HELIX COMPLEX, WINGED HELIX, DNA-BINDING, HTH, WHTH, F93, DISULFIDE BOND, STIV, SULFOLOBUS TURRETED ICOSAHEDRAL VIRUS, VIRAL PROTEIN, VIRUS, ARCHAEA, CRENARCHAEA, ARCHAEAL VIRUS, CRENARCHAEAL VIRUS, THERMOPHILIC PROTEIN, THERMOPHILIC VIRUS, SULFOLOBUS, YELLOWSTONE
;
# 
loop_
_struct_asym.id 
_struct_asym.pdbx_blank_PDB_chainid_flag 
_struct_asym.pdbx_modified 
_struct_asym.entity_id 
_struct_asym.details 
A N N 1 ? 
B N N 1 ? 
C N N 2 ? 
D N N 2 ? 
# 
_struct_ref.id                         1 
_struct_ref.db_name                    UNP 
_struct_ref.db_code                    Q6Q0J9_9VIRU 
_struct_ref.entity_id                  1 
_struct_ref.pdbx_seq_one_letter_code   ? 
_struct_ref.pdbx_align_begin           ? 
_struct_ref.pdbx_db_accession          Q6Q0J9 
_struct_ref.pdbx_db_isoform            ? 
# 
loop_
_struct_ref_seq.align_id 
_struct_ref_seq.ref_id 
_struct_ref_seq.pdbx_PDB_id_code 
_struct_ref_seq.pdbx_strand_id 
_struct_ref_seq.seq_align_beg 
_struct_ref_seq.pdbx_seq_align_beg_ins_code 
_struct_ref_seq.seq_align_end 
_struct_ref_seq.pdbx_seq_align_end_ins_code 
_struct_ref_seq.pdbx_db_accession 
_struct_ref_seq.db_align_beg 
_struct_ref_seq.pdbx_db_align_beg_ins_code 
_struct_ref_seq.db_align_end 
_struct_ref_seq.pdbx_db_align_end_ins_code 
_struct_ref_seq.pdbx_auth_seq_align_beg 
_struct_ref_seq.pdbx_auth_seq_align_end 
1 1 2CO5 A 1 ? 93 ? Q6Q0J9 1 ? 93 ? 1 93 
2 1 2CO5 B 1 ? 93 ? Q6Q0J9 1 ? 93 ? 1 93 
# 
_pdbx_struct_assembly.id                   1 
_pdbx_struct_assembly.details              author_and_software_defined_assembly 
_pdbx_struct_assembly.method_details       PQS 
_pdbx_struct_assembly.oligomeric_details   dimeric 
_pdbx_struct_assembly.oligomeric_count     2 
# 
loop_
_pdbx_struct_assembly_prop.biol_id 
_pdbx_struct_assembly_prop.type 
_pdbx_struct_assembly_prop.value 
_pdbx_struct_assembly_prop.details 
1 'ABSA (A^2)' 2240  ? 
1 MORE         -25.3 ? 
1 'SSA (A^2)'  12350 ? 
# 
_pdbx_struct_assembly_gen.assembly_id       1 
_pdbx_struct_assembly_gen.oper_expression   1 
_pdbx_struct_assembly_gen.asym_id_list      A,B,C,D 
# 
_pdbx_struct_oper_list.id                   1 
_pdbx_struct_oper_list.type                 'identity operation' 
_pdbx_struct_oper_list.name                 1_555 
_pdbx_struct_oper_list.symmetry_operation   x,y,z 
_pdbx_struct_oper_list.matrix[1][1]         1.0000000000 
_pdbx_struct_oper_list.matrix[1][2]         0.0000000000 
_pdbx_struct_oper_list.matrix[1][3]         0.0000000000 
_pdbx_struct_oper_list.vector[1]            0.0000000000 
_pdbx_struct_oper_list.matrix[2][1]         0.0000000000 
_pdbx_struct_oper_list.matrix[2][2]         1.0000000000 
_pdbx_struct_oper_list.matrix[2][3]         0.0000000000 
_pdbx_struct_oper_list.vector[2]            0.0000000000 
_pdbx_struct_oper_list.matrix[3][1]         0.0000000000 
_pdbx_struct_oper_list.matrix[3][2]         0.0000000000 
_pdbx_struct_oper_list.matrix[3][3]         1.0000000000 
_pdbx_struct_oper_list.vector[3]            0.0000000000 
# 
_struct_biol.id   1 
# 
loop_
_struct_conf.conf_type_id 
_struct_conf.id 
_struct_conf.pdbx_PDB_helix_id 
_struct_conf.beg_label_comp_id 
_struct_conf.beg_label_asym_id 
_struct_conf.beg_label_seq_id 
_struct_conf.pdbx_beg_PDB_ins_code 
_struct_conf.end_label_comp_id 
_struct_conf.end_label_asym_id 
_struct_conf.end_label_seq_id 
_struct_conf.pdbx_end_PDB_ins_code 
_struct_conf.beg_auth_comp_id 
_struct_conf.beg_auth_asym_id 
_struct_conf.beg_auth_seq_id 
_struct_conf.end_auth_comp_id 
_struct_conf.end_auth_asym_id 
_struct_conf.end_auth_seq_id 
_struct_conf.pdbx_PDB_helix_class 
_struct_conf.details 
_struct_conf.pdbx_PDB_helix_length 
HELX_P HELX_P1 1 MET A 7  ? ASN A 21 ? MET A 7  ASN A 21 1 ? 15 
HELX_P HELX_P2 2 ARG A 29 ? ASP A 39 ? ARG A 29 ASP A 39 1 ? 11 
HELX_P HELX_P3 3 SER A 43 ? ASP A 57 ? SER A 43 ASP A 57 1 ? 15 
HELX_P HELX_P4 4 THR A 74 ? CYS A 93 ? THR A 74 CYS A 93 1 ? 20 
HELX_P HELX_P5 5 ARG B 8  ? ASN B 21 ? ARG B 8  ASN B 21 1 ? 14 
HELX_P HELX_P6 6 ARG B 29 ? ASP B 39 ? ARG B 29 ASP B 39 1 ? 11 
HELX_P HELX_P7 7 SER B 43 ? ASP B 57 ? SER B 43 ASP B 57 1 ? 15 
HELX_P HELX_P8 8 THR B 74 ? CYS B 93 ? THR B 74 CYS B 93 1 ? 20 
# 
_struct_conf_type.id          HELX_P 
_struct_conf_type.criteria    ? 
_struct_conf_type.reference   ? 
# 
_struct_conn.id                            disulf1 
_struct_conn.conn_type_id                  disulf 
_struct_conn.pdbx_leaving_atom_flag        ? 
_struct_conn.pdbx_PDB_id                   ? 
_struct_conn.ptnr1_label_asym_id           A 
_struct_conn.ptnr1_label_comp_id           CYS 
_struct_conn.ptnr1_label_seq_id            93 
_struct_conn.ptnr1_label_atom_id           SG 
_struct_conn.pdbx_ptnr1_label_alt_id       ? 
_struct_conn.pdbx_ptnr1_PDB_ins_code       ? 
_struct_conn.pdbx_ptnr1_standard_comp_id   ? 
_struct_conn.ptnr1_symmetry                1_555 
_struct_conn.ptnr2_label_asym_id           B 
_struct_conn.ptnr2_label_comp_id           CYS 
_struct_conn.ptnr2_label_seq_id            93 
_struct_conn.ptnr2_label_atom_id           SG 
_struct_conn.pdbx_ptnr2_label_alt_id       ? 
_struct_conn.pdbx_ptnr2_PDB_ins_code       ? 
_struct_conn.ptnr1_auth_asym_id            A 
_struct_conn.ptnr1_auth_comp_id            CYS 
_struct_conn.ptnr1_auth_seq_id             93 
_struct_conn.ptnr2_auth_asym_id            B 
_struct_conn.ptnr2_auth_comp_id            CYS 
_struct_conn.ptnr2_auth_seq_id             93 
_struct_conn.ptnr2_symmetry                1_555 
_struct_conn.pdbx_ptnr3_label_atom_id      ? 
_struct_conn.pdbx_ptnr3_label_seq_id       ? 
_struct_conn.pdbx_ptnr3_label_comp_id      ? 
_struct_conn.pdbx_ptnr3_label_asym_id      ? 
_struct_conn.pdbx_ptnr3_label_alt_id       ? 
_struct_conn.pdbx_ptnr3_PDB_ins_code       ? 
_struct_conn.details                       ? 
_struct_conn.pdbx_dist_value               2.025 
_struct_conn.pdbx_value_order              ? 
_struct_conn.pdbx_role                     ? 
# 
_struct_conn_type.id          disulf 
_struct_conn_type.criteria    ? 
_struct_conn_type.reference   ? 
# 
_pdbx_modification_feature.ordinal                            1 
_pdbx_modification_feature.label_comp_id                      CYS 
_pdbx_modification_feature.label_asym_id                      A 
_pdbx_modification_feature.label_seq_id                       93 
_pdbx_modification_feature.label_alt_id                       ? 
_pdbx_modification_feature.modified_residue_label_comp_id     CYS 
_pdbx_modification_feature.modified_residue_label_asym_id     B 
_pdbx_modification_feature.modified_residue_label_seq_id      93 
_pdbx_modification_feature.modified_residue_label_alt_id      ? 
_pdbx_modification_feature.auth_comp_id                       CYS 
_pdbx_modification_feature.auth_asym_id                       A 
_pdbx_modification_feature.auth_seq_id                        93 
_pdbx_modification_feature.PDB_ins_code                       ? 
_pdbx_modification_feature.symmetry                           1_555 
_pdbx_modification_feature.modified_residue_auth_comp_id      CYS 
_pdbx_modification_feature.modified_residue_auth_asym_id      B 
_pdbx_modification_feature.modified_residue_auth_seq_id       93 
_pdbx_modification_feature.modified_residue_PDB_ins_code      ? 
_pdbx_modification_feature.modified_residue_symmetry          1_555 
_pdbx_modification_feature.comp_id_linking_atom               SG 
_pdbx_modification_feature.modified_residue_id_linking_atom   SG 
_pdbx_modification_feature.modified_residue_id                . 
_pdbx_modification_feature.ref_pcm_id                         . 
_pdbx_modification_feature.ref_comp_id                        . 
_pdbx_modification_feature.type                               None 
_pdbx_modification_feature.category                           'Disulfide bridge' 
# 
_struct_mon_prot_cis.pdbx_id                1 
_struct_mon_prot_cis.label_comp_id          PRO 
_struct_mon_prot_cis.label_seq_id           66 
_struct_mon_prot_cis.label_asym_id          A 
_struct_mon_prot_cis.label_alt_id           . 
_struct_mon_prot_cis.pdbx_PDB_ins_code      ? 
_struct_mon_prot_cis.auth_comp_id           PRO 
_struct_mon_prot_cis.auth_seq_id            66 
_struct_mon_prot_cis.auth_asym_id           A 
_struct_mon_prot_cis.pdbx_label_comp_id_2   ASP 
_struct_mon_prot_cis.pdbx_label_seq_id_2    67 
_struct_mon_prot_cis.pdbx_label_asym_id_2   A 
_struct_mon_prot_cis.pdbx_PDB_ins_code_2    ? 
_struct_mon_prot_cis.pdbx_auth_comp_id_2    ASP 
_struct_mon_prot_cis.pdbx_auth_seq_id_2     67 
_struct_mon_prot_cis.pdbx_auth_asym_id_2    A 
_struct_mon_prot_cis.pdbx_PDB_model_num     1 
_struct_mon_prot_cis.pdbx_omega_angle       11.69 
# 
loop_
_struct_sheet.id 
_struct_sheet.type 
_struct_sheet.number_strands 
_struct_sheet.details 
AA ? 3 ? 
BA ? 3 ? 
# 
loop_
_struct_sheet_order.sheet_id 
_struct_sheet_order.range_id_1 
_struct_sheet_order.range_id_2 
_struct_sheet_order.offset 
_struct_sheet_order.sense 
AA 1 2 ? anti-parallel 
AA 2 3 ? anti-parallel 
BA 1 2 ? anti-parallel 
BA 2 3 ? anti-parallel 
# 
loop_
_struct_sheet_range.sheet_id 
_struct_sheet_range.id 
_struct_sheet_range.beg_label_comp_id 
_struct_sheet_range.beg_label_asym_id 
_struct_sheet_range.beg_label_seq_id 
_struct_sheet_range.pdbx_beg_PDB_ins_code 
_struct_sheet_range.end_label_comp_id 
_struct_sheet_range.end_label_asym_id 
_struct_sheet_range.end_label_seq_id 
_struct_sheet_range.pdbx_end_PDB_ins_code 
_struct_sheet_range.beg_auth_comp_id 
_struct_sheet_range.beg_auth_asym_id 
_struct_sheet_range.beg_auth_seq_id 
_struct_sheet_range.end_auth_comp_id 
_struct_sheet_range.end_auth_asym_id 
_struct_sheet_range.end_auth_seq_id 
AA 1 ARG A 24 ? GLU A 26 ? ARG A 24 GLU A 26 
AA 2 VAL A 70 ? LEU A 73 ? VAL A 70 LEU A 73 
AA 3 LEU A 60 ? GLU A 63 ? LEU A 60 GLU A 63 
BA 1 ARG B 24 ? GLU B 26 ? ARG B 24 GLU B 26 
BA 2 VAL B 70 ? LEU B 73 ? VAL B 70 LEU B 73 
BA 3 LEU B 60 ? GLU B 63 ? LEU B 60 GLU B 63 
# 
loop_
_pdbx_struct_sheet_hbond.sheet_id 
_pdbx_struct_sheet_hbond.range_id_1 
_pdbx_struct_sheet_hbond.range_id_2 
_pdbx_struct_sheet_hbond.range_1_label_atom_id 
_pdbx_struct_sheet_hbond.range_1_label_comp_id 
_pdbx_struct_sheet_hbond.range_1_label_asym_id 
_pdbx_struct_sheet_hbond.range_1_label_seq_id 
_pdbx_struct_sheet_hbond.range_1_PDB_ins_code 
_pdbx_struct_sheet_hbond.range_1_auth_atom_id 
_pdbx_struct_sheet_hbond.range_1_auth_comp_id 
_pdbx_struct_sheet_hbond.range_1_auth_asym_id 
_pdbx_struct_sheet_hbond.range_1_auth_seq_id 
_pdbx_struct_sheet_hbond.range_2_label_atom_id 
_pdbx_struct_sheet_hbond.range_2_label_comp_id 
_pdbx_struct_sheet_hbond.range_2_label_asym_id 
_pdbx_struct_sheet_hbond.range_2_label_seq_id 
_pdbx_struct_sheet_hbond.range_2_PDB_ins_code 
_pdbx_struct_sheet_hbond.range_2_auth_atom_id 
_pdbx_struct_sheet_hbond.range_2_auth_comp_id 
_pdbx_struct_sheet_hbond.range_2_auth_asym_id 
_pdbx_struct_sheet_hbond.range_2_auth_seq_id 
AA 1 2 N LEU A 25 ? N LEU A 25 O LEU A 71 ? O LEU A 71 
AA 2 3 N PHE A 72 ? N PHE A 72 O ARG A 61 ? O ARG A 61 
BA 1 2 N LEU B 25 ? N LEU B 25 O LEU B 71 ? O LEU B 71 
BA 2 3 N PHE B 72 ? N PHE B 72 O ARG B 61 ? O ARG B 61 
# 
_pdbx_entry_details.entry_id                   2CO5 
_pdbx_entry_details.compound_details           ? 
_pdbx_entry_details.source_details             ? 
_pdbx_entry_details.nonpolymer_details         ? 
_pdbx_entry_details.sequence_details           
;C-TERMINAL 6XHIS TAG WAS ADDED DURING CLONING TO
FACILITATE PURIFICATION
;
_pdbx_entry_details.has_ligand_of_interest     ? 
_pdbx_entry_details.has_protein_modification   Y 
# 
loop_
_pdbx_validate_torsion.id 
_pdbx_validate_torsion.PDB_model_num 
_pdbx_validate_torsion.auth_comp_id 
_pdbx_validate_torsion.auth_asym_id 
_pdbx_validate_torsion.auth_seq_id 
_pdbx_validate_torsion.PDB_ins_code 
_pdbx_validate_torsion.label_alt_id 
_pdbx_validate_torsion.phi 
_pdbx_validate_torsion.psi 
1 1 ASP A 67 ? ? -96.95 35.50  
2 1 HIS A 95 ? ? -61.65 -72.56 
# 
_pdbx_validate_peptide_omega.id               1 
_pdbx_validate_peptide_omega.PDB_model_num    1 
_pdbx_validate_peptide_omega.auth_comp_id_1   HIS 
_pdbx_validate_peptide_omega.auth_asym_id_1   A 
_pdbx_validate_peptide_omega.auth_seq_id_1    95 
_pdbx_validate_peptide_omega.PDB_ins_code_1   ? 
_pdbx_validate_peptide_omega.label_alt_id_1   ? 
_pdbx_validate_peptide_omega.auth_comp_id_2   HIS 
_pdbx_validate_peptide_omega.auth_asym_id_2   A 
_pdbx_validate_peptide_omega.auth_seq_id_2    96 
_pdbx_validate_peptide_omega.PDB_ins_code_2   ? 
_pdbx_validate_peptide_omega.label_alt_id_2   ? 
_pdbx_validate_peptide_omega.omega            -146.64 
# 
_pdbx_struct_special_symmetry.id              1 
_pdbx_struct_special_symmetry.PDB_model_num   1 
_pdbx_struct_special_symmetry.auth_asym_id    B 
_pdbx_struct_special_symmetry.auth_comp_id    HOH 
_pdbx_struct_special_symmetry.auth_seq_id     2009 
_pdbx_struct_special_symmetry.PDB_ins_code    ? 
_pdbx_struct_special_symmetry.label_asym_id   D 
_pdbx_struct_special_symmetry.label_comp_id   HOH 
_pdbx_struct_special_symmetry.label_seq_id    . 
# 
loop_
_pdbx_refine_tls.pdbx_refine_id 
_pdbx_refine_tls.id 
_pdbx_refine_tls.details 
_pdbx_refine_tls.method 
_pdbx_refine_tls.origin_x 
_pdbx_refine_tls.origin_y 
_pdbx_refine_tls.origin_z 
_pdbx_refine_tls.T[1][1] 
_pdbx_refine_tls.T[2][2] 
_pdbx_refine_tls.T[3][3] 
_pdbx_refine_tls.T[1][2] 
_pdbx_refine_tls.T[1][3] 
_pdbx_refine_tls.T[2][3] 
_pdbx_refine_tls.L[1][1] 
_pdbx_refine_tls.L[2][2] 
_pdbx_refine_tls.L[3][3] 
_pdbx_refine_tls.L[1][2] 
_pdbx_refine_tls.L[1][3] 
_pdbx_refine_tls.L[2][3] 
_pdbx_refine_tls.S[1][1] 
_pdbx_refine_tls.S[1][2] 
_pdbx_refine_tls.S[1][3] 
_pdbx_refine_tls.S[2][1] 
_pdbx_refine_tls.S[2][2] 
_pdbx_refine_tls.S[2][3] 
_pdbx_refine_tls.S[3][1] 
_pdbx_refine_tls.S[3][2] 
_pdbx_refine_tls.S[3][3] 
'X-RAY DIFFRACTION' 1  ? refined 4.9448   5.7350   1.0906   -0.1514 -0.1695 -0.0980 0.0459  -0.0518 0.0602  25.3447 3.3268  24.1899 3.8757  -8.5235 3.4730  -0.4451 0.7261  1.0488  -0.5556 0.2556  -0.1416 -0.8740 -0.3925 0.1895  
'X-RAY DIFFRACTION' 2  ? refined 5.1049   7.0009   15.8629  -0.1219 0.2331  -0.1261 0.1170  -0.0096 -0.0409 7.8177  3.4911  5.6675  -2.4867 -4.2354 0.5047  -0.2543 -1.5760 0.5553  0.4483  0.1797  0.0829  -0.0751 0.1149  0.0745  
'X-RAY DIFFRACTION' 3  ? refined 9.8619   -0.4754  15.4904  -0.0888 0.1390  -0.2424 0.0762  -0.0643 0.1223  26.1483 29.7411 9.2453  11.9083 0.0298  5.0402  0.2777  -1.9374 0.0318  1.7443  -0.2019 -0.2184 0.2720  0.0394  -0.0758 
'X-RAY DIFFRACTION' 4  ? refined 10.7436  11.0165  8.1617   -0.1144 0.0003  -0.0571 -0.0088 -0.0977 -0.0180 7.5164  7.1983  5.0555  -2.2771 0.3051  -0.8589 -0.1959 -0.6296 0.9584  0.1213  -0.0644 -0.5174 -0.8356 0.2992  0.2604  
'X-RAY DIFFRACTION' 5  ? refined 8.3067   15.2172  17.2920  0.1808  0.3675  0.1925  0.1176  -0.0990 -0.3092 33.7410 12.7821 3.7857  -7.6620 11.0575 -1.1737 -1.0302 -2.5517 2.7607  1.4158  0.5640  -1.1145 -0.2496 0.0892  0.4662  
'X-RAY DIFFRACTION' 6  ? refined -5.3339  11.7560  8.1875   -0.0699 -0.1010 0.0328  0.1194  -0.0258 -0.1188 83.3679 31.9091 50.6199 11.0950 32.7843 38.2474 0.4566  0.6829  1.8295  0.4529  0.4921  0.6655  -1.0657 -0.6722 -0.9486 
'X-RAY DIFFRACTION' 7  ? refined -10.0540 0.4245   3.4284   -0.1911 -0.0230 -0.1853 0.0794  0.0075  -0.0061 20.6030 28.1180 19.7592 8.1893  4.7396  6.4303  0.1732  -0.8017 -0.1192 0.4436  -0.5780 0.8349  0.5693  -1.1094 0.4048  
'X-RAY DIFFRACTION' 8  ? refined 1.4965   -4.7786  -3.9227  -0.1596 -0.2309 -0.1465 0.0110  0.0703  0.0282  11.5386 1.9436  6.1098  1.6729  2.3469  2.5984  -0.1287 -0.3613 -0.7256 0.1352  0.2247  -0.2735 0.3644  0.1551  -0.0961 
'X-RAY DIFFRACTION' 9  ? refined -12.7012 -6.5046  -14.7291 -0.0766 0.1185  -0.0654 -0.2275 -0.0076 -0.0442 5.1769  16.7251 3.9985  -3.7553 -1.5753 4.0948  -0.5929 0.8674  -0.7650 -0.6456 0.1665  1.0236  0.5970  -1.3916 0.4265  
'X-RAY DIFFRACTION' 10 ? refined -7.6310  1.2704   -12.6326 -0.2016 -0.1209 -0.0856 -0.0654 -0.0539 -0.0158 11.1075 3.2561  9.5729  -1.9686 -4.7207 -1.8402 -0.3314 0.3500  0.3561  -0.0267 0.2952  0.4544  0.0002  -0.9836 0.0363  
'X-RAY DIFFRACTION' 11 ? refined 1.1841   -10.8260 -16.7185 0.0964  -0.1966 0.0018  -0.1100 0.1943  -0.1377 13.8012 12.1647 7.4089  1.5850  -3.9189 -2.6033 -0.8688 0.8441  -0.8303 -0.8482 0.2479  0.1469  0.9400  0.0042  0.6209  
'X-RAY DIFFRACTION' 12 ? refined -5.8052  -13.9236 -18.9401 0.2018  -0.1086 0.0574  -0.2138 0.1449  -0.2041 15.1848 10.0753 12.5412 -4.5066 7.0522  -3.3651 0.2519  1.2197  -1.1399 -1.1353 0.0410  0.8104  1.3883  -0.3252 -0.2930 
'X-RAY DIFFRACTION' 13 ? refined -0.9838  -11.8038 -0.6305  0.0109  -0.1908 -0.0058 0.0317  0.0979  0.1462  5.3230  22.9920 38.1036 8.5305  5.4186  23.2329 -0.2298 -0.8688 -1.4329 0.1155  0.3904  -0.8618 2.0318  0.2706  -0.1606 
'X-RAY DIFFRACTION' 14 ? refined -3.8539  -4.9505  7.9380   -0.0996 -0.0710 -0.1390 -0.0162 0.0347  0.1545  11.1086 22.2396 20.2090 -5.4935 7.5252  13.4546 0.1420  -1.4012 -1.1660 1.4985  -0.3006 0.0890  0.5658  -0.9896 0.1586  
# 
loop_
_pdbx_refine_tls_group.pdbx_refine_id 
_pdbx_refine_tls_group.id 
_pdbx_refine_tls_group.refine_tls_id 
_pdbx_refine_tls_group.beg_auth_asym_id 
_pdbx_refine_tls_group.beg_auth_seq_id 
_pdbx_refine_tls_group.beg_label_asym_id 
_pdbx_refine_tls_group.beg_label_seq_id 
_pdbx_refine_tls_group.end_auth_asym_id 
_pdbx_refine_tls_group.end_auth_seq_id 
_pdbx_refine_tls_group.end_label_asym_id 
_pdbx_refine_tls_group.end_label_seq_id 
_pdbx_refine_tls_group.selection 
_pdbx_refine_tls_group.selection_details 
'X-RAY DIFFRACTION' 1  1  A 5  ? ? A 12 ? ? ? ? 
'X-RAY DIFFRACTION' 2  2  A 13 ? ? A 27 ? ? ? ? 
'X-RAY DIFFRACTION' 3  3  A 28 ? ? A 39 ? ? ? ? 
'X-RAY DIFFRACTION' 4  4  A 40 ? ? A 62 ? ? ? ? 
'X-RAY DIFFRACTION' 5  5  A 63 ? ? A 78 ? ? ? ? 
'X-RAY DIFFRACTION' 6  6  A 79 ? ? A 83 ? ? ? ? 
'X-RAY DIFFRACTION' 7  7  A 84 ? ? A 96 ? ? ? ? 
'X-RAY DIFFRACTION' 8  8  B 1  ? ? B 16 ? ? ? ? 
'X-RAY DIFFRACTION' 9  9  B 17 ? ? B 36 ? ? ? ? 
'X-RAY DIFFRACTION' 10 10 B 37 ? ? B 51 ? ? ? ? 
'X-RAY DIFFRACTION' 11 11 B 52 ? ? B 62 ? ? ? ? 
'X-RAY DIFFRACTION' 12 12 B 63 ? ? B 78 ? ? ? ? 
'X-RAY DIFFRACTION' 13 13 B 79 ? ? B 87 ? ? ? ? 
'X-RAY DIFFRACTION' 14 14 B 88 ? ? B 94 ? ? ? ? 
# 
_pdbx_distant_solvent_atoms.id                                1 
_pdbx_distant_solvent_atoms.PDB_model_num                     1 
_pdbx_distant_solvent_atoms.auth_atom_id                      O 
_pdbx_distant_solvent_atoms.label_alt_id                      ? 
_pdbx_distant_solvent_atoms.auth_asym_id                      A 
_pdbx_distant_solvent_atoms.auth_comp_id                      HOH 
_pdbx_distant_solvent_atoms.auth_seq_id                       2016 
_pdbx_distant_solvent_atoms.PDB_ins_code                      ? 
_pdbx_distant_solvent_atoms.neighbor_macromolecule_distance   6.03 
_pdbx_distant_solvent_atoms.neighbor_ligand_distance          . 
# 
loop_
_pdbx_unobs_or_zero_occ_residues.id 
_pdbx_unobs_or_zero_occ_residues.PDB_model_num 
_pdbx_unobs_or_zero_occ_residues.polymer_flag 
_pdbx_unobs_or_zero_occ_residues.occupancy_flag 
_pdbx_unobs_or_zero_occ_residues.auth_asym_id 
_pdbx_unobs_or_zero_occ_residues.auth_comp_id 
_pdbx_unobs_or_zero_occ_residues.auth_seq_id 
_pdbx_unobs_or_zero_occ_residues.PDB_ins_code 
_pdbx_unobs_or_zero_occ_residues.label_asym_id 
_pdbx_unobs_or_zero_occ_residues.label_comp_id 
_pdbx_unobs_or_zero_occ_residues.label_seq_id 
1  1 Y 1 A MET 1  ? A MET 1  
2  1 Y 1 A LYS 2  ? A LYS 2  
3  1 Y 1 A ILE 3  ? A ILE 3  
4  1 Y 1 A ARG 4  ? A ARG 4  
5  1 Y 1 A HIS 97 ? A HIS 97 
6  1 Y 1 A HIS 98 ? A HIS 98 
7  1 Y 1 A HIS 99 ? A HIS 99 
8  1 Y 1 B HIS 95 ? B HIS 95 
9  1 Y 1 B HIS 96 ? B HIS 96 
10 1 Y 1 B HIS 97 ? B HIS 97 
11 1 Y 1 B HIS 98 ? B HIS 98 
12 1 Y 1 B HIS 99 ? B HIS 99 
# 
loop_
_chem_comp_atom.comp_id 
_chem_comp_atom.atom_id 
_chem_comp_atom.type_symbol 
_chem_comp_atom.pdbx_aromatic_flag 
_chem_comp_atom.pdbx_stereo_config 
_chem_comp_atom.pdbx_ordinal 
ALA N    N N N 1   
ALA CA   C N S 2   
ALA C    C N N 3   
ALA O    O N N 4   
ALA CB   C N N 5   
ALA OXT  O N N 6   
ALA H    H N N 7   
ALA H2   H N N 8   
ALA HA   H N N 9   
ALA HB1  H N N 10  
ALA HB2  H N N 11  
ALA HB3  H N N 12  
ALA HXT  H N N 13  
ARG N    N N N 14  
ARG CA   C N S 15  
ARG C    C N N 16  
ARG O    O N N 17  
ARG CB   C N N 18  
ARG CG   C N N 19  
ARG CD   C N N 20  
ARG NE   N N N 21  
ARG CZ   C N N 22  
ARG NH1  N N N 23  
ARG NH2  N N N 24  
ARG OXT  O N N 25  
ARG H    H N N 26  
ARG H2   H N N 27  
ARG HA   H N N 28  
ARG HB2  H N N 29  
ARG HB3  H N N 30  
ARG HG2  H N N 31  
ARG HG3  H N N 32  
ARG HD2  H N N 33  
ARG HD3  H N N 34  
ARG HE   H N N 35  
ARG HH11 H N N 36  
ARG HH12 H N N 37  
ARG HH21 H N N 38  
ARG HH22 H N N 39  
ARG HXT  H N N 40  
ASN N    N N N 41  
ASN CA   C N S 42  
ASN C    C N N 43  
ASN O    O N N 44  
ASN CB   C N N 45  
ASN CG   C N N 46  
ASN OD1  O N N 47  
ASN ND2  N N N 48  
ASN OXT  O N N 49  
ASN H    H N N 50  
ASN H2   H N N 51  
ASN HA   H N N 52  
ASN HB2  H N N 53  
ASN HB3  H N N 54  
ASN HD21 H N N 55  
ASN HD22 H N N 56  
ASN HXT  H N N 57  
ASP N    N N N 58  
ASP CA   C N S 59  
ASP C    C N N 60  
ASP O    O N N 61  
ASP CB   C N N 62  
ASP CG   C N N 63  
ASP OD1  O N N 64  
ASP OD2  O N N 65  
ASP OXT  O N N 66  
ASP H    H N N 67  
ASP H2   H N N 68  
ASP HA   H N N 69  
ASP HB2  H N N 70  
ASP HB3  H N N 71  
ASP HD2  H N N 72  
ASP HXT  H N N 73  
CYS N    N N N 74  
CYS CA   C N R 75  
CYS C    C N N 76  
CYS O    O N N 77  
CYS CB   C N N 78  
CYS SG   S N N 79  
CYS OXT  O N N 80  
CYS H    H N N 81  
CYS H2   H N N 82  
CYS HA   H N N 83  
CYS HB2  H N N 84  
CYS HB3  H N N 85  
CYS HG   H N N 86  
CYS HXT  H N N 87  
GLU N    N N N 88  
GLU CA   C N S 89  
GLU C    C N N 90  
GLU O    O N N 91  
GLU CB   C N N 92  
GLU CG   C N N 93  
GLU CD   C N N 94  
GLU OE1  O N N 95  
GLU OE2  O N N 96  
GLU OXT  O N N 97  
GLU H    H N N 98  
GLU H2   H N N 99  
GLU HA   H N N 100 
GLU HB2  H N N 101 
GLU HB3  H N N 102 
GLU HG2  H N N 103 
GLU HG3  H N N 104 
GLU HE2  H N N 105 
GLU HXT  H N N 106 
GLY N    N N N 107 
GLY CA   C N N 108 
GLY C    C N N 109 
GLY O    O N N 110 
GLY OXT  O N N 111 
GLY H    H N N 112 
GLY H2   H N N 113 
GLY HA2  H N N 114 
GLY HA3  H N N 115 
GLY HXT  H N N 116 
HIS N    N N N 117 
HIS CA   C N S 118 
HIS C    C N N 119 
HIS O    O N N 120 
HIS CB   C N N 121 
HIS CG   C Y N 122 
HIS ND1  N Y N 123 
HIS CD2  C Y N 124 
HIS CE1  C Y N 125 
HIS NE2  N Y N 126 
HIS OXT  O N N 127 
HIS H    H N N 128 
HIS H2   H N N 129 
HIS HA   H N N 130 
HIS HB2  H N N 131 
HIS HB3  H N N 132 
HIS HD1  H N N 133 
HIS HD2  H N N 134 
HIS HE1  H N N 135 
HIS HE2  H N N 136 
HIS HXT  H N N 137 
HOH O    O N N 138 
HOH H1   H N N 139 
HOH H2   H N N 140 
ILE N    N N N 141 
ILE CA   C N S 142 
ILE C    C N N 143 
ILE O    O N N 144 
ILE CB   C N S 145 
ILE CG1  C N N 146 
ILE CG2  C N N 147 
ILE CD1  C N N 148 
ILE OXT  O N N 149 
ILE H    H N N 150 
ILE H2   H N N 151 
ILE HA   H N N 152 
ILE HB   H N N 153 
ILE HG12 H N N 154 
ILE HG13 H N N 155 
ILE HG21 H N N 156 
ILE HG22 H N N 157 
ILE HG23 H N N 158 
ILE HD11 H N N 159 
ILE HD12 H N N 160 
ILE HD13 H N N 161 
ILE HXT  H N N 162 
LEU N    N N N 163 
LEU CA   C N S 164 
LEU C    C N N 165 
LEU O    O N N 166 
LEU CB   C N N 167 
LEU CG   C N N 168 
LEU CD1  C N N 169 
LEU CD2  C N N 170 
LEU OXT  O N N 171 
LEU H    H N N 172 
LEU H2   H N N 173 
LEU HA   H N N 174 
LEU HB2  H N N 175 
LEU HB3  H N N 176 
LEU HG   H N N 177 
LEU HD11 H N N 178 
LEU HD12 H N N 179 
LEU HD13 H N N 180 
LEU HD21 H N N 181 
LEU HD22 H N N 182 
LEU HD23 H N N 183 
LEU HXT  H N N 184 
LYS N    N N N 185 
LYS CA   C N S 186 
LYS C    C N N 187 
LYS O    O N N 188 
LYS CB   C N N 189 
LYS CG   C N N 190 
LYS CD   C N N 191 
LYS CE   C N N 192 
LYS NZ   N N N 193 
LYS OXT  O N N 194 
LYS H    H N N 195 
LYS H2   H N N 196 
LYS HA   H N N 197 
LYS HB2  H N N 198 
LYS HB3  H N N 199 
LYS HG2  H N N 200 
LYS HG3  H N N 201 
LYS HD2  H N N 202 
LYS HD3  H N N 203 
LYS HE2  H N N 204 
LYS HE3  H N N 205 
LYS HZ1  H N N 206 
LYS HZ2  H N N 207 
LYS HZ3  H N N 208 
LYS HXT  H N N 209 
MET N    N N N 210 
MET CA   C N S 211 
MET C    C N N 212 
MET O    O N N 213 
MET CB   C N N 214 
MET CG   C N N 215 
MET SD   S N N 216 
MET CE   C N N 217 
MET OXT  O N N 218 
MET H    H N N 219 
MET H2   H N N 220 
MET HA   H N N 221 
MET HB2  H N N 222 
MET HB3  H N N 223 
MET HG2  H N N 224 
MET HG3  H N N 225 
MET HE1  H N N 226 
MET HE2  H N N 227 
MET HE3  H N N 228 
MET HXT  H N N 229 
PHE N    N N N 230 
PHE CA   C N S 231 
PHE C    C N N 232 
PHE O    O N N 233 
PHE CB   C N N 234 
PHE CG   C Y N 235 
PHE CD1  C Y N 236 
PHE CD2  C Y N 237 
PHE CE1  C Y N 238 
PHE CE2  C Y N 239 
PHE CZ   C Y N 240 
PHE OXT  O N N 241 
PHE H    H N N 242 
PHE H2   H N N 243 
PHE HA   H N N 244 
PHE HB2  H N N 245 
PHE HB3  H N N 246 
PHE HD1  H N N 247 
PHE HD2  H N N 248 
PHE HE1  H N N 249 
PHE HE2  H N N 250 
PHE HZ   H N N 251 
PHE HXT  H N N 252 
PRO N    N N N 253 
PRO CA   C N S 254 
PRO C    C N N 255 
PRO O    O N N 256 
PRO CB   C N N 257 
PRO CG   C N N 258 
PRO CD   C N N 259 
PRO OXT  O N N 260 
PRO H    H N N 261 
PRO HA   H N N 262 
PRO HB2  H N N 263 
PRO HB3  H N N 264 
PRO HG2  H N N 265 
PRO HG3  H N N 266 
PRO HD2  H N N 267 
PRO HD3  H N N 268 
PRO HXT  H N N 269 
SER N    N N N 270 
SER CA   C N S 271 
SER C    C N N 272 
SER O    O N N 273 
SER CB   C N N 274 
SER OG   O N N 275 
SER OXT  O N N 276 
SER H    H N N 277 
SER H2   H N N 278 
SER HA   H N N 279 
SER HB2  H N N 280 
SER HB3  H N N 281 
SER HG   H N N 282 
SER HXT  H N N 283 
THR N    N N N 284 
THR CA   C N S 285 
THR C    C N N 286 
THR O    O N N 287 
THR CB   C N R 288 
THR OG1  O N N 289 
THR CG2  C N N 290 
THR OXT  O N N 291 
THR H    H N N 292 
THR H2   H N N 293 
THR HA   H N N 294 
THR HB   H N N 295 
THR HG1  H N N 296 
THR HG21 H N N 297 
THR HG22 H N N 298 
THR HG23 H N N 299 
THR HXT  H N N 300 
TYR N    N N N 301 
TYR CA   C N S 302 
TYR C    C N N 303 
TYR O    O N N 304 
TYR CB   C N N 305 
TYR CG   C Y N 306 
TYR CD1  C Y N 307 
TYR CD2  C Y N 308 
TYR CE1  C Y N 309 
TYR CE2  C Y N 310 
TYR CZ   C Y N 311 
TYR OH   O N N 312 
TYR OXT  O N N 313 
TYR H    H N N 314 
TYR H2   H N N 315 
TYR HA   H N N 316 
TYR HB2  H N N 317 
TYR HB3  H N N 318 
TYR HD1  H N N 319 
TYR HD2  H N N 320 
TYR HE1  H N N 321 
TYR HE2  H N N 322 
TYR HH   H N N 323 
TYR HXT  H N N 324 
VAL N    N N N 325 
VAL CA   C N S 326 
VAL C    C N N 327 
VAL O    O N N 328 
VAL CB   C N N 329 
VAL CG1  C N N 330 
VAL CG2  C N N 331 
VAL OXT  O N N 332 
VAL H    H N N 333 
VAL H2   H N N 334 
VAL HA   H N N 335 
VAL HB   H N N 336 
VAL HG11 H N N 337 
VAL HG12 H N N 338 
VAL HG13 H N N 339 
VAL HG21 H N N 340 
VAL HG22 H N N 341 
VAL HG23 H N N 342 
VAL HXT  H N N 343 
# 
loop_
_chem_comp_bond.comp_id 
_chem_comp_bond.atom_id_1 
_chem_comp_bond.atom_id_2 
_chem_comp_bond.value_order 
_chem_comp_bond.pdbx_aromatic_flag 
_chem_comp_bond.pdbx_stereo_config 
_chem_comp_bond.pdbx_ordinal 
ALA N   CA   sing N N 1   
ALA N   H    sing N N 2   
ALA N   H2   sing N N 3   
ALA CA  C    sing N N 4   
ALA CA  CB   sing N N 5   
ALA CA  HA   sing N N 6   
ALA C   O    doub N N 7   
ALA C   OXT  sing N N 8   
ALA CB  HB1  sing N N 9   
ALA CB  HB2  sing N N 10  
ALA CB  HB3  sing N N 11  
ALA OXT HXT  sing N N 12  
ARG N   CA   sing N N 13  
ARG N   H    sing N N 14  
ARG N   H2   sing N N 15  
ARG CA  C    sing N N 16  
ARG CA  CB   sing N N 17  
ARG CA  HA   sing N N 18  
ARG C   O    doub N N 19  
ARG C   OXT  sing N N 20  
ARG CB  CG   sing N N 21  
ARG CB  HB2  sing N N 22  
ARG CB  HB3  sing N N 23  
ARG CG  CD   sing N N 24  
ARG CG  HG2  sing N N 25  
ARG CG  HG3  sing N N 26  
ARG CD  NE   sing N N 27  
ARG CD  HD2  sing N N 28  
ARG CD  HD3  sing N N 29  
ARG NE  CZ   sing N N 30  
ARG NE  HE   sing N N 31  
ARG CZ  NH1  sing N N 32  
ARG CZ  NH2  doub N N 33  
ARG NH1 HH11 sing N N 34  
ARG NH1 HH12 sing N N 35  
ARG NH2 HH21 sing N N 36  
ARG NH2 HH22 sing N N 37  
ARG OXT HXT  sing N N 38  
ASN N   CA   sing N N 39  
ASN N   H    sing N N 40  
ASN N   H2   sing N N 41  
ASN CA  C    sing N N 42  
ASN CA  CB   sing N N 43  
ASN CA  HA   sing N N 44  
ASN C   O    doub N N 45  
ASN C   OXT  sing N N 46  
ASN CB  CG   sing N N 47  
ASN CB  HB2  sing N N 48  
ASN CB  HB3  sing N N 49  
ASN CG  OD1  doub N N 50  
ASN CG  ND2  sing N N 51  
ASN ND2 HD21 sing N N 52  
ASN ND2 HD22 sing N N 53  
ASN OXT HXT  sing N N 54  
ASP N   CA   sing N N 55  
ASP N   H    sing N N 56  
ASP N   H2   sing N N 57  
ASP CA  C    sing N N 58  
ASP CA  CB   sing N N 59  
ASP CA  HA   sing N N 60  
ASP C   O    doub N N 61  
ASP C   OXT  sing N N 62  
ASP CB  CG   sing N N 63  
ASP CB  HB2  sing N N 64  
ASP CB  HB3  sing N N 65  
ASP CG  OD1  doub N N 66  
ASP CG  OD2  sing N N 67  
ASP OD2 HD2  sing N N 68  
ASP OXT HXT  sing N N 69  
CYS N   CA   sing N N 70  
CYS N   H    sing N N 71  
CYS N   H2   sing N N 72  
CYS CA  C    sing N N 73  
CYS CA  CB   sing N N 74  
CYS CA  HA   sing N N 75  
CYS C   O    doub N N 76  
CYS C   OXT  sing N N 77  
CYS CB  SG   sing N N 78  
CYS CB  HB2  sing N N 79  
CYS CB  HB3  sing N N 80  
CYS SG  HG   sing N N 81  
CYS OXT HXT  sing N N 82  
GLU N   CA   sing N N 83  
GLU N   H    sing N N 84  
GLU N   H2   sing N N 85  
GLU CA  C    sing N N 86  
GLU CA  CB   sing N N 87  
GLU CA  HA   sing N N 88  
GLU C   O    doub N N 89  
GLU C   OXT  sing N N 90  
GLU CB  CG   sing N N 91  
GLU CB  HB2  sing N N 92  
GLU CB  HB3  sing N N 93  
GLU CG  CD   sing N N 94  
GLU CG  HG2  sing N N 95  
GLU CG  HG3  sing N N 96  
GLU CD  OE1  doub N N 97  
GLU CD  OE2  sing N N 98  
GLU OE2 HE2  sing N N 99  
GLU OXT HXT  sing N N 100 
GLY N   CA   sing N N 101 
GLY N   H    sing N N 102 
GLY N   H2   sing N N 103 
GLY CA  C    sing N N 104 
GLY CA  HA2  sing N N 105 
GLY CA  HA3  sing N N 106 
GLY C   O    doub N N 107 
GLY C   OXT  sing N N 108 
GLY OXT HXT  sing N N 109 
HIS N   CA   sing N N 110 
HIS N   H    sing N N 111 
HIS N   H2   sing N N 112 
HIS CA  C    sing N N 113 
HIS CA  CB   sing N N 114 
HIS CA  HA   sing N N 115 
HIS C   O    doub N N 116 
HIS C   OXT  sing N N 117 
HIS CB  CG   sing N N 118 
HIS CB  HB2  sing N N 119 
HIS CB  HB3  sing N N 120 
HIS CG  ND1  sing Y N 121 
HIS CG  CD2  doub Y N 122 
HIS ND1 CE1  doub Y N 123 
HIS ND1 HD1  sing N N 124 
HIS CD2 NE2  sing Y N 125 
HIS CD2 HD2  sing N N 126 
HIS CE1 NE2  sing Y N 127 
HIS CE1 HE1  sing N N 128 
HIS NE2 HE2  sing N N 129 
HIS OXT HXT  sing N N 130 
HOH O   H1   sing N N 131 
HOH O   H2   sing N N 132 
ILE N   CA   sing N N 133 
ILE N   H    sing N N 134 
ILE N   H2   sing N N 135 
ILE CA  C    sing N N 136 
ILE CA  CB   sing N N 137 
ILE CA  HA   sing N N 138 
ILE C   O    doub N N 139 
ILE C   OXT  sing N N 140 
ILE CB  CG1  sing N N 141 
ILE CB  CG2  sing N N 142 
ILE CB  HB   sing N N 143 
ILE CG1 CD1  sing N N 144 
ILE CG1 HG12 sing N N 145 
ILE CG1 HG13 sing N N 146 
ILE CG2 HG21 sing N N 147 
ILE CG2 HG22 sing N N 148 
ILE CG2 HG23 sing N N 149 
ILE CD1 HD11 sing N N 150 
ILE CD1 HD12 sing N N 151 
ILE CD1 HD13 sing N N 152 
ILE OXT HXT  sing N N 153 
LEU N   CA   sing N N 154 
LEU N   H    sing N N 155 
LEU N   H2   sing N N 156 
LEU CA  C    sing N N 157 
LEU CA  CB   sing N N 158 
LEU CA  HA   sing N N 159 
LEU C   O    doub N N 160 
LEU C   OXT  sing N N 161 
LEU CB  CG   sing N N 162 
LEU CB  HB2  sing N N 163 
LEU CB  HB3  sing N N 164 
LEU CG  CD1  sing N N 165 
LEU CG  CD2  sing N N 166 
LEU CG  HG   sing N N 167 
LEU CD1 HD11 sing N N 168 
LEU CD1 HD12 sing N N 169 
LEU CD1 HD13 sing N N 170 
LEU CD2 HD21 sing N N 171 
LEU CD2 HD22 sing N N 172 
LEU CD2 HD23 sing N N 173 
LEU OXT HXT  sing N N 174 
LYS N   CA   sing N N 175 
LYS N   H    sing N N 176 
LYS N   H2   sing N N 177 
LYS CA  C    sing N N 178 
LYS CA  CB   sing N N 179 
LYS CA  HA   sing N N 180 
LYS C   O    doub N N 181 
LYS C   OXT  sing N N 182 
LYS CB  CG   sing N N 183 
LYS CB  HB2  sing N N 184 
LYS CB  HB3  sing N N 185 
LYS CG  CD   sing N N 186 
LYS CG  HG2  sing N N 187 
LYS CG  HG3  sing N N 188 
LYS CD  CE   sing N N 189 
LYS CD  HD2  sing N N 190 
LYS CD  HD3  sing N N 191 
LYS CE  NZ   sing N N 192 
LYS CE  HE2  sing N N 193 
LYS CE  HE3  sing N N 194 
LYS NZ  HZ1  sing N N 195 
LYS NZ  HZ2  sing N N 196 
LYS NZ  HZ3  sing N N 197 
LYS OXT HXT  sing N N 198 
MET N   CA   sing N N 199 
MET N   H    sing N N 200 
MET N   H2   sing N N 201 
MET CA  C    sing N N 202 
MET CA  CB   sing N N 203 
MET CA  HA   sing N N 204 
MET C   O    doub N N 205 
MET C   OXT  sing N N 206 
MET CB  CG   sing N N 207 
MET CB  HB2  sing N N 208 
MET CB  HB3  sing N N 209 
MET CG  SD   sing N N 210 
MET CG  HG2  sing N N 211 
MET CG  HG3  sing N N 212 
MET SD  CE   sing N N 213 
MET CE  HE1  sing N N 214 
MET CE  HE2  sing N N 215 
MET CE  HE3  sing N N 216 
MET OXT HXT  sing N N 217 
PHE N   CA   sing N N 218 
PHE N   H    sing N N 219 
PHE N   H2   sing N N 220 
PHE CA  C    sing N N 221 
PHE CA  CB   sing N N 222 
PHE CA  HA   sing N N 223 
PHE C   O    doub N N 224 
PHE C   OXT  sing N N 225 
PHE CB  CG   sing N N 226 
PHE CB  HB2  sing N N 227 
PHE CB  HB3  sing N N 228 
PHE CG  CD1  doub Y N 229 
PHE CG  CD2  sing Y N 230 
PHE CD1 CE1  sing Y N 231 
PHE CD1 HD1  sing N N 232 
PHE CD2 CE2  doub Y N 233 
PHE CD2 HD2  sing N N 234 
PHE CE1 CZ   doub Y N 235 
PHE CE1 HE1  sing N N 236 
PHE CE2 CZ   sing Y N 237 
PHE CE2 HE2  sing N N 238 
PHE CZ  HZ   sing N N 239 
PHE OXT HXT  sing N N 240 
PRO N   CA   sing N N 241 
PRO N   CD   sing N N 242 
PRO N   H    sing N N 243 
PRO CA  C    sing N N 244 
PRO CA  CB   sing N N 245 
PRO CA  HA   sing N N 246 
PRO C   O    doub N N 247 
PRO C   OXT  sing N N 248 
PRO CB  CG   sing N N 249 
PRO CB  HB2  sing N N 250 
PRO CB  HB3  sing N N 251 
PRO CG  CD   sing N N 252 
PRO CG  HG2  sing N N 253 
PRO CG  HG3  sing N N 254 
PRO CD  HD2  sing N N 255 
PRO CD  HD3  sing N N 256 
PRO OXT HXT  sing N N 257 
SER N   CA   sing N N 258 
SER N   H    sing N N 259 
SER N   H2   sing N N 260 
SER CA  C    sing N N 261 
SER CA  CB   sing N N 262 
SER CA  HA   sing N N 263 
SER C   O    doub N N 264 
SER C   OXT  sing N N 265 
SER CB  OG   sing N N 266 
SER CB  HB2  sing N N 267 
SER CB  HB3  sing N N 268 
SER OG  HG   sing N N 269 
SER OXT HXT  sing N N 270 
THR N   CA   sing N N 271 
THR N   H    sing N N 272 
THR N   H2   sing N N 273 
THR CA  C    sing N N 274 
THR CA  CB   sing N N 275 
THR CA  HA   sing N N 276 
THR C   O    doub N N 277 
THR C   OXT  sing N N 278 
THR CB  OG1  sing N N 279 
THR CB  CG2  sing N N 280 
THR CB  HB   sing N N 281 
THR OG1 HG1  sing N N 282 
THR CG2 HG21 sing N N 283 
THR CG2 HG22 sing N N 284 
THR CG2 HG23 sing N N 285 
THR OXT HXT  sing N N 286 
TYR N   CA   sing N N 287 
TYR N   H    sing N N 288 
TYR N   H2   sing N N 289 
TYR CA  C    sing N N 290 
TYR CA  CB   sing N N 291 
TYR CA  HA   sing N N 292 
TYR C   O    doub N N 293 
TYR C   OXT  sing N N 294 
TYR CB  CG   sing N N 295 
TYR CB  HB2  sing N N 296 
TYR CB  HB3  sing N N 297 
TYR CG  CD1  doub Y N 298 
TYR CG  CD2  sing Y N 299 
TYR CD1 CE1  sing Y N 300 
TYR CD1 HD1  sing N N 301 
TYR CD2 CE2  doub Y N 302 
TYR CD2 HD2  sing N N 303 
TYR CE1 CZ   doub Y N 304 
TYR CE1 HE1  sing N N 305 
TYR CE2 CZ   sing Y N 306 
TYR CE2 HE2  sing N N 307 
TYR CZ  OH   sing N N 308 
TYR OH  HH   sing N N 309 
TYR OXT HXT  sing N N 310 
VAL N   CA   sing N N 311 
VAL N   H    sing N N 312 
VAL N   H2   sing N N 313 
VAL CA  C    sing N N 314 
VAL CA  CB   sing N N 315 
VAL CA  HA   sing N N 316 
VAL C   O    doub N N 317 
VAL C   OXT  sing N N 318 
VAL CB  CG1  sing N N 319 
VAL CB  CG2  sing N N 320 
VAL CB  HB   sing N N 321 
VAL CG1 HG11 sing N N 322 
VAL CG1 HG12 sing N N 323 
VAL CG1 HG13 sing N N 324 
VAL CG2 HG21 sing N N 325 
VAL CG2 HG22 sing N N 326 
VAL CG2 HG23 sing N N 327 
VAL OXT HXT  sing N N 328 
# 
_atom_sites.entry_id                    2CO5 
_atom_sites.fract_transf_matrix[1][1]   0.01811265 
_atom_sites.fract_transf_matrix[1][2]   -0.00450504 
_atom_sites.fract_transf_matrix[1][3]   0.01473677 
_atom_sites.fract_transf_matrix[2][1]   0.00186859 
_atom_sites.fract_transf_matrix[2][2]   -0.00826183 
_atom_sites.fract_transf_matrix[2][3]   -0.00482229 
_atom_sites.fract_transf_matrix[3][1]   0.00669931 
_atom_sites.fract_transf_matrix[3][2]   0.00536410 
_atom_sites.fract_transf_matrix[3][3]   -0.00659417 
_atom_sites.fract_transf_vector[1]      0.092082 
_atom_sites.fract_transf_vector[2]      0.362805 
_atom_sites.fract_transf_vector[3]      0.625468 
# 
loop_
_atom_type.symbol 
C 
N 
O 
S 
# 
loop_
_atom_site.group_PDB 
_atom_site.id 
_atom_site.type_symbol 
_atom_site.label_atom_id 
_atom_site.label_alt_id 
_atom_site.label_comp_id 
_atom_site.label_asym_id 
_atom_site.label_entity_id 
_atom_site.label_seq_id 
_atom_site.pdbx_PDB_ins_code 
_atom_site.Cartn_x 
_atom_site.Cartn_y 
_atom_site.Cartn_z 
_atom_site.occupancy 
_atom_site.B_iso_or_equiv 
_atom_site.pdbx_formal_charge 
_atom_site.auth_seq_id 
_atom_site.auth_comp_id 
_atom_site.auth_asym_id 
_atom_site.auth_atom_id 
_atom_site.pdbx_PDB_model_num 
ATOM   1    N N   . LYS A 1 5  ? 11.846  10.186  -3.835  1.00 53.96 ? 5    LYS A N   1 
ATOM   2    C CA  . LYS A 1 5  ? 10.555  9.714   -3.268  1.00 50.66 ? 5    LYS A CA  1 
ATOM   3    C C   . LYS A 1 5  ? 10.613  8.210   -3.031  1.00 51.97 ? 5    LYS A C   1 
ATOM   4    O O   . LYS A 1 5  ? 11.458  7.497   -3.581  1.00 48.63 ? 5    LYS A O   1 
ATOM   5    C CB  . LYS A 1 5  ? 9.374   10.077  -4.183  1.00 49.79 ? 5    LYS A CB  1 
ATOM   6    C CG  . LYS A 1 5  ? 8.059   10.308  -3.432  1.00 53.02 ? 5    LYS A CG  1 
ATOM   7    C CD  . LYS A 1 5  ? 7.006   11.030  -4.281  1.00 51.23 ? 5    LYS A CD  1 
ATOM   8    C CE  . LYS A 1 5  ? 7.102   12.565  -4.185  1.00 49.96 ? 5    LYS A CE  1 
ATOM   9    N NZ  . LYS A 1 5  ? 8.109   13.157  -5.115  1.00 50.60 ? 5    LYS A NZ  1 
ATOM   10   N N   . TYR A 1 6  ? 9.713   7.741   -2.182  1.00 51.68 ? 6    TYR A N   1 
ATOM   11   C CA  . TYR A 1 6  ? 9.686   6.352   -1.775  1.00 52.65 ? 6    TYR A CA  1 
ATOM   12   C C   . TYR A 1 6  ? 8.295   5.812   -2.021  1.00 53.43 ? 6    TYR A C   1 
ATOM   13   O O   . TYR A 1 6  ? 7.359   6.579   -2.272  1.00 53.07 ? 6    TYR A O   1 
ATOM   14   C CB  . TYR A 1 6  ? 10.078  6.247   -0.297  1.00 52.74 ? 6    TYR A CB  1 
ATOM   15   C CG  . TYR A 1 6  ? 11.424  6.882   -0.022  1.00 46.61 ? 6    TYR A CG  1 
ATOM   16   C CD1 . TYR A 1 6  ? 11.524  8.220   0.349   1.00 48.17 ? 6    TYR A CD1 1 
ATOM   17   C CD2 . TYR A 1 6  ? 12.600  6.155   -0.176  1.00 33.41 ? 6    TYR A CD2 1 
ATOM   18   C CE1 . TYR A 1 6  ? 12.757  8.810   0.583   1.00 51.69 ? 6    TYR A CE1 1 
ATOM   19   C CE2 . TYR A 1 6  ? 13.838  6.732   0.053   1.00 39.69 ? 6    TYR A CE2 1 
ATOM   20   C CZ  . TYR A 1 6  ? 13.911  8.059   0.435   1.00 57.58 ? 6    TYR A CZ  1 
ATOM   21   O OH  . TYR A 1 6  ? 15.140  8.631   0.660   1.00 55.16 ? 6    TYR A OH  1 
ATOM   22   N N   . MET A 1 7  ? 8.169   4.490   -1.972  1.00 53.82 ? 7    MET A N   1 
ATOM   23   C CA  . MET A 1 7  ? 6.858   3.845   -2.050  1.00 53.49 ? 7    MET A CA  1 
ATOM   24   C C   . MET A 1 7  ? 5.979   4.377   -0.908  1.00 52.16 ? 7    MET A C   1 
ATOM   25   O O   . MET A 1 7  ? 6.441   4.462   0.233   1.00 52.39 ? 7    MET A O   1 
ATOM   26   C CB  . MET A 1 7  ? 7.016   2.324   -1.986  1.00 54.03 ? 7    MET A CB  1 
ATOM   27   C CG  . MET A 1 7  ? 7.765   1.752   -3.185  1.00 50.09 ? 7    MET A CG  1 
ATOM   28   S SD  . MET A 1 7  ? 7.803   -0.054  -3.272  1.00 53.77 ? 7    MET A SD  1 
ATOM   29   C CE  . MET A 1 7  ? 6.050   -0.490  -3.153  1.00 36.54 ? 7    MET A CE  1 
ATOM   30   N N   . ARG A 1 8  ? 4.732   4.746   -1.230  1.00 52.09 ? 8    ARG A N   1 
ATOM   31   C CA  A ARG A 1 8  ? 3.847   5.440   -0.277  0.50 50.86 ? 8    ARG A CA  1 
ATOM   32   C CA  B ARG A 1 8  ? 3.827   5.430   -0.297  0.50 51.75 ? 8    ARG A CA  1 
ATOM   33   C C   . ARG A 1 8  ? 3.543   4.596   0.951   1.00 51.76 ? 8    ARG A C   1 
ATOM   34   O O   . ARG A 1 8  ? 3.323   5.133   2.034   1.00 51.79 ? 8    ARG A O   1 
ATOM   35   C CB  A ARG A 1 8  ? 2.523   5.864   -0.933  0.50 51.56 ? 8    ARG A CB  1 
ATOM   36   C CB  B ARG A 1 8  ? 2.507   5.765   -1.010  0.50 52.03 ? 8    ARG A CB  1 
ATOM   37   C CG  A ARG A 1 8  ? 1.471   6.415   0.060   0.50 47.53 ? 8    ARG A CG  1 
ATOM   38   C CG  B ARG A 1 8  ? 1.375   6.258   -0.093  0.50 49.17 ? 8    ARG A CG  1 
ATOM   39   C CD  A ARG A 1 8  ? 0.179   6.839   -0.624  0.50 48.63 ? 8    ARG A CD  1 
ATOM   40   C CD  B ARG A 1 8  ? -0.039  5.888   -0.573  0.50 55.17 ? 8    ARG A CD  1 
ATOM   41   N NE  A ARG A 1 8  ? -0.529  5.697   -1.202  0.50 34.22 ? 8    ARG A NE  1 
ATOM   42   N NE  B ARG A 1 8  ? -0.156  4.669   -1.391  0.50 80.78 ? 8    ARG A NE  1 
ATOM   43   C CZ  A ARG A 1 8  ? -1.614  5.777   -1.964  0.50 27.69 ? 8    ARG A CZ  1 
ATOM   44   C CZ  B ARG A 1 8  ? 0.128   3.422   -0.998  0.50 52.86 ? 8    ARG A CZ  1 
ATOM   45   N NH1 A ARG A 1 8  ? -2.149  6.956   -2.268  0.50 38.97 ? 8    ARG A NH1 1 
ATOM   46   N NH1 B ARG A 1 8  ? 0.600   3.159   0.209   0.50 44.25 ? 8    ARG A NH1 1 
ATOM   47   N NH2 A ARG A 1 8  ? -2.164  4.668   -2.440  0.50 43.72 ? 8    ARG A NH2 1 
ATOM   48   N NH2 B ARG A 1 8  ? -0.051  2.418   -1.837  0.50 20.93 ? 8    ARG A NH2 1 
ATOM   49   N N   . ILE A 1 9  ? 3.521   3.280   0.797   1.00 53.16 ? 9    ILE A N   1 
ATOM   50   C CA  . ILE A 1 9  ? 3.197   2.426   1.927   1.00 52.78 ? 9    ILE A CA  1 
ATOM   51   C C   . ILE A 1 9  ? 4.123   2.713   3.125   1.00 49.11 ? 9    ILE A C   1 
ATOM   52   O O   . ILE A 1 9  ? 3.703   2.564   4.267   1.00 51.83 ? 9    ILE A O   1 
ATOM   53   C CB  . ILE A 1 9  ? 3.191   0.915   1.534   1.00 51.46 ? 9    ILE A CB  1 
ATOM   54   C CG1 . ILE A 1 9  ? 2.485   0.096   2.615   1.00 51.29 ? 9    ILE A CG1 1 
ATOM   55   C CG2 . ILE A 1 9  ? 4.596   0.402   1.275   1.00 47.59 ? 9    ILE A CG2 1 
ATOM   56   C CD1 . ILE A 1 9  ? 1.099   0.640   2.961   1.00 51.55 ? 9    ILE A CD1 1 
ATOM   57   N N   . ASN A 1 10 ? 5.362   3.141   2.853   1.00 51.58 ? 10   ASN A N   1 
ATOM   58   C CA  . ASN A 1 10 ? 6.321   3.514   3.908   1.00 50.11 ? 10   ASN A CA  1 
ATOM   59   C C   . ASN A 1 10 ? 5.814   4.699   4.728   1.00 49.61 ? 10   ASN A C   1 
ATOM   60   O O   . ASN A 1 10 ? 5.921   4.725   5.952   1.00 47.67 ? 10   ASN A O   1 
ATOM   61   C CB  . ASN A 1 10 ? 7.681   3.880   3.308   1.00 52.78 ? 10   ASN A CB  1 
ATOM   62   C CG  . ASN A 1 10 ? 8.410   2.689   2.719   1.00 46.25 ? 10   ASN A CG  1 
ATOM   63   O OD1 . ASN A 1 10 ? 8.882   1.820   3.441   1.00 54.33 ? 10   ASN A OD1 1 
ATOM   64   N ND2 . ASN A 1 10 ? 8.524   2.659   1.401   1.00 42.69 ? 10   ASN A ND2 1 
ATOM   65   N N   . TYR A 1 11 ? 5.271   5.685   4.025   1.00 50.83 ? 11   TYR A N   1 
ATOM   66   C CA  . TYR A 1 11 ? 4.666   6.859   4.640   1.00 49.80 ? 11   TYR A CA  1 
ATOM   67   C C   . TYR A 1 11 ? 3.544   6.446   5.610   1.00 49.90 ? 11   TYR A C   1 
ATOM   68   O O   . TYR A 1 11 ? 3.502   6.899   6.759   1.00 48.82 ? 11   TYR A O   1 
ATOM   69   C CB  . TYR A 1 11 ? 4.181   7.794   3.520   1.00 50.38 ? 11   TYR A CB  1 
ATOM   70   C CG  . TYR A 1 11 ? 3.296   8.947   3.914   1.00 53.03 ? 11   TYR A CG  1 
ATOM   71   C CD1 . TYR A 1 11 ? 2.069   9.156   3.277   1.00 71.47 ? 11   TYR A CD1 1 
ATOM   72   C CD2 . TYR A 1 11 ? 3.688   9.849   4.892   1.00 78.32 ? 11   TYR A CD2 1 
ATOM   73   C CE1 . TYR A 1 11 ? 1.253   10.229  3.617   1.00 59.21 ? 11   TYR A CE1 1 
ATOM   74   C CE2 . TYR A 1 11 ? 2.880   10.922  5.240   1.00 65.04 ? 11   TYR A CE2 1 
ATOM   75   C CZ  . TYR A 1 11 ? 1.666   11.105  4.604   1.00 74.42 ? 11   TYR A CZ  1 
ATOM   76   O OH  . TYR A 1 11 ? 0.878   12.169  4.966   1.00 58.76 ? 11   TYR A OH  1 
ATOM   77   N N   . TYR A 1 12 ? 2.671   5.557   5.157   1.00 48.95 ? 12   TYR A N   1 
ATOM   78   C CA  . TYR A 1 12 ? 1.552   5.084   5.972   1.00 49.96 ? 12   TYR A CA  1 
ATOM   79   C C   . TYR A 1 12 ? 2.035   4.357   7.239   1.00 49.87 ? 12   TYR A C   1 
ATOM   80   O O   . TYR A 1 12 ? 1.504   4.584   8.332   1.00 45.50 ? 12   TYR A O   1 
ATOM   81   C CB  . TYR A 1 12 ? 0.609   4.177   5.151   1.00 49.74 ? 12   TYR A CB  1 
ATOM   82   C CG  . TYR A 1 12 ? -0.496  3.594   6.004   1.00 50.91 ? 12   TYR A CG  1 
ATOM   83   C CD1 . TYR A 1 12 ? -1.642  4.329   6.291   1.00 57.75 ? 12   TYR A CD1 1 
ATOM   84   C CD2 . TYR A 1 12 ? -0.370  2.331   6.568   1.00 50.34 ? 12   TYR A CD2 1 
ATOM   85   C CE1 . TYR A 1 12 ? -2.645  3.810   7.100   1.00 54.61 ? 12   TYR A CE1 1 
ATOM   86   C CE2 . TYR A 1 12 ? -1.367  1.803   7.376   1.00 50.36 ? 12   TYR A CE2 1 
ATOM   87   C CZ  . TYR A 1 12 ? -2.496  2.548   7.642   1.00 57.17 ? 12   TYR A CZ  1 
ATOM   88   O OH  . TYR A 1 12 ? -3.472  2.023   8.449   1.00 47.51 ? 12   TYR A OH  1 
ATOM   89   N N   . ILE A 1 13 ? 3.037   3.490   7.081   1.00 48.10 ? 13   ILE A N   1 
ATOM   90   C CA  . ILE A 1 13 ? 3.565   2.693   8.187   1.00 47.53 ? 13   ILE A CA  1 
ATOM   91   C C   . ILE A 1 13 ? 4.204   3.597   9.238   1.00 48.65 ? 13   ILE A C   1 
ATOM   92   O O   . ILE A 1 13 ? 4.009   3.391   10.431  1.00 48.76 ? 13   ILE A O   1 
ATOM   93   C CB  . ILE A 1 13 ? 4.583   1.629   7.683   1.00 49.94 ? 13   ILE A CB  1 
ATOM   94   C CG1 . ILE A 1 13 ? 3.859   0.527   6.906   1.00 51.70 ? 13   ILE A CG1 1 
ATOM   95   C CG2 . ILE A 1 13 ? 5.355   0.974   8.830   1.00 44.64 ? 13   ILE A CG2 1 
ATOM   96   C CD1 . ILE A 1 13 ? 4.789   -0.417  6.183   1.00 43.52 ? 13   ILE A CD1 1 
ATOM   97   N N   . ILE A 1 14 ? 4.954   4.600   8.791   1.00 49.61 ? 14   ILE A N   1 
ATOM   98   C CA  . ILE A 1 14 ? 5.569   5.575   9.695   1.00 49.59 ? 14   ILE A CA  1 
ATOM   99   C C   . ILE A 1 14 ? 4.520   6.304   10.549  1.00 49.41 ? 14   ILE A C   1 
ATOM   100  O O   . ILE A 1 14 ? 4.613   6.338   11.777  1.00 49.54 ? 14   ILE A O   1 
ATOM   101  C CB  . ILE A 1 14 ? 6.423   6.598   8.913   1.00 49.87 ? 14   ILE A CB  1 
ATOM   102  C CG1 . ILE A 1 14 ? 7.716   5.936   8.428   1.00 46.31 ? 14   ILE A CG1 1 
ATOM   103  C CG2 . ILE A 1 14 ? 6.748   7.801   9.772   1.00 55.30 ? 14   ILE A CG2 1 
ATOM   104  C CD1 . ILE A 1 14 ? 8.487   6.767   7.431   1.00 53.41 ? 14   ILE A CD1 1 
ATOM   105  N N   . LEU A 1 15 ? 3.517   6.869   9.891   1.00 49.25 ? 15   LEU A N   1 
ATOM   106  C CA  . LEU A 1 15 ? 2.439   7.575   10.592  1.00 50.40 ? 15   LEU A CA  1 
ATOM   107  C C   . LEU A 1 15 ? 1.663   6.647   11.527  1.00 48.60 ? 15   LEU A C   1 
ATOM   108  O O   . LEU A 1 15 ? 1.318   7.034   12.640  1.00 51.30 ? 15   LEU A O   1 
ATOM   109  C CB  . LEU A 1 15 ? 1.492   8.246   9.592   1.00 52.02 ? 15   LEU A CB  1 
ATOM   110  C CG  . LEU A 1 15 ? 1.933   9.618   9.055   1.00 52.20 ? 15   LEU A CG  1 
ATOM   111  C CD1 . LEU A 1 15 ? 3.392   9.669   8.673   1.00 72.22 ? 15   LEU A CD1 1 
ATOM   112  C CD2 . LEU A 1 15 ? 1.066   9.998   7.881   1.00 49.30 ? 15   LEU A CD2 1 
ATOM   113  N N   . LYS A 1 16 ? 1.408   5.420   11.082  1.00 48.53 ? 16   LYS A N   1 
ATOM   114  C CA  . LYS A 1 16 ? 0.688   4.430   11.888  1.00 50.04 ? 16   LYS A CA  1 
ATOM   115  C C   . LYS A 1 16 ? 1.456   4.090   13.165  1.00 49.75 ? 16   LYS A C   1 
ATOM   116  O O   . LYS A 1 16 ? 0.869   4.036   14.239  1.00 50.10 ? 16   LYS A O   1 
ATOM   117  C CB  . LYS A 1 16 ? 0.454   3.164   11.064  1.00 51.58 ? 16   LYS A CB  1 
ATOM   118  C CG  . LYS A 1 16 ? -0.252  2.007   11.774  1.00 50.49 ? 16   LYS A CG  1 
ATOM   119  C CD  . LYS A 1 16 ? -1.740  2.009   11.562  1.00 54.33 ? 16   LYS A CD  1 
ATOM   120  C CE  . LYS A 1 16 ? -2.350  0.646   11.867  1.00 65.40 ? 16   LYS A CE  1 
ATOM   121  N NZ  . LYS A 1 16 ? -3.657  0.475   11.175  1.00 53.05 ? 16   LYS A NZ  1 
ATOM   122  N N   . VAL A 1 17 ? 2.760   3.859   13.043  1.00 50.95 ? 17   VAL A N   1 
ATOM   123  C CA  . VAL A 1 17 ? 3.593   3.530   14.206  1.00 49.73 ? 17   VAL A CA  1 
ATOM   124  C C   . VAL A 1 17 ? 3.624   4.686   15.204  1.00 48.61 ? 17   VAL A C   1 
ATOM   125  O O   . VAL A 1 17 ? 3.652   4.463   16.415  1.00 47.69 ? 17   VAL A O   1 
ATOM   126  C CB  . VAL A 1 17 ? 5.032   3.146   13.799  1.00 51.57 ? 17   VAL A CB  1 
ATOM   127  C CG1 . VAL A 1 17 ? 5.940   3.028   15.037  1.00 50.93 ? 17   VAL A CG1 1 
ATOM   128  C CG2 . VAL A 1 17 ? 5.022   1.837   13.022  1.00 54.08 ? 17   VAL A CG2 1 
ATOM   129  N N   . LEU A 1 18 ? 3.610   5.915   14.693  1.00 49.00 ? 18   LEU A N   1 
ATOM   130  C CA  . LEU A 1 18 ? 3.522   7.097   15.551  1.00 48.54 ? 18   LEU A CA  1 
ATOM   131  C C   . LEU A 1 18 ? 2.168   7.174   16.243  1.00 49.31 ? 18   LEU A C   1 
ATOM   132  O O   . LEU A 1 18 ? 2.106   7.419   17.451  1.00 50.44 ? 18   LEU A O   1 
ATOM   133  C CB  . LEU A 1 18 ? 3.811   8.383   14.764  1.00 47.53 ? 18   LEU A CB  1 
ATOM   134  C CG  . LEU A 1 18 ? 5.306   8.739   14.732  1.00 55.70 ? 18   LEU A CG  1 
ATOM   135  C CD1 . LEU A 1 18 ? 5.661   9.591   13.533  1.00 70.12 ? 18   LEU A CD1 1 
ATOM   136  C CD2 . LEU A 1 18 ? 5.697   9.444   16.030  1.00 60.34 ? 18   LEU A CD2 1 
ATOM   137  N N   . VAL A 1 19 ? 1.091   6.947   15.494  1.00 46.84 ? 19   VAL A N   1 
ATOM   138  C CA  . VAL A 1 19 ? -0.252  6.976   16.081  1.00 49.92 ? 19   VAL A CA  1 
ATOM   139  C C   . VAL A 1 19 ? -0.401  5.912   17.174  1.00 49.84 ? 19   VAL A C   1 
ATOM   140  O O   . VAL A 1 19 ? -0.854  6.215   18.278  1.00 54.63 ? 19   VAL A O   1 
ATOM   141  C CB  . VAL A 1 19 ? -1.353  6.799   15.018  1.00 48.76 ? 19   VAL A CB  1 
ATOM   142  C CG1 . VAL A 1 19 ? -2.723  6.684   15.682  1.00 47.74 ? 19   VAL A CG1 1 
ATOM   143  C CG2 . VAL A 1 19 ? -1.328  7.965   14.032  1.00 46.05 ? 19   VAL A CG2 1 
ATOM   144  N N   . ILE A 1 20 ? -0.004  4.680   16.870  1.00 52.28 ? 20   ILE A N   1 
ATOM   145  C CA  . ILE A 1 20 ? 0.007   3.593   17.860  1.00 51.93 ? 20   ILE A CA  1 
ATOM   146  C C   . ILE A 1 20 ? 0.786   3.968   19.126  1.00 51.02 ? 20   ILE A C   1 
ATOM   147  O O   . ILE A 1 20 ? 0.436   3.531   20.215  1.00 48.78 ? 20   ILE A O   1 
ATOM   148  C CB  . ILE A 1 20 ? 0.630   2.303   17.276  1.00 55.93 ? 20   ILE A CB  1 
ATOM   149  C CG1 . ILE A 1 20 ? -0.309  1.650   16.264  1.00 58.93 ? 20   ILE A CG1 1 
ATOM   150  C CG2 . ILE A 1 20 ? 0.950   1.293   18.382  1.00 55.08 ? 20   ILE A CG2 1 
ATOM   151  C CD1 . ILE A 1 20 ? 0.373   0.551   15.450  1.00 56.18 ? 20   ILE A CD1 1 
ATOM   152  N N   . ASN A 1 21 ? 1.836   4.772   18.979  1.00 51.55 ? 21   ASN A N   1 
ATOM   153  C CA  . ASN A 1 21 ? 2.644   5.215   20.124  1.00 52.06 ? 21   ASN A CA  1 
ATOM   154  C C   . ASN A 1 21 ? 2.240   6.578   20.699  1.00 50.28 ? 21   ASN A C   1 
ATOM   155  O O   . ASN A 1 21 ? 3.063   7.270   21.298  1.00 51.23 ? 21   ASN A O   1 
ATOM   156  C CB  . ASN A 1 21 ? 4.125   5.226   19.738  1.00 51.03 ? 21   ASN A CB  1 
ATOM   157  C CG  . ASN A 1 21 ? 4.717   3.838   19.700  1.00 59.44 ? 21   ASN A CG  1 
ATOM   158  O OD1 . ASN A 1 21 ? 4.918   3.212   20.741  1.00 47.31 ? 21   ASN A OD1 1 
ATOM   159  N ND2 . ASN A 1 21 ? 4.998   3.344   18.497  1.00 54.87 ? 21   ASN A ND2 1 
ATOM   160  N N   . GLY A 1 22 ? 0.975   6.956   20.531  1.00 50.18 ? 22   GLY A N   1 
ATOM   161  C CA  . GLY A 1 22 ? 0.469   8.218   21.079  1.00 51.62 ? 22   GLY A CA  1 
ATOM   162  C C   . GLY A 1 22 ? 1.020   9.461   20.398  1.00 50.43 ? 22   GLY A C   1 
ATOM   163  O O   . GLY A 1 22 ? 1.189   10.504  21.039  1.00 50.25 ? 22   GLY A O   1 
ATOM   164  N N   . SER A 1 23 ? 1.301   9.341   19.102  1.00 49.98 ? 23   SER A N   1 
ATOM   165  C CA  . SER A 1 23 ? 1.788   10.447  18.258  1.00 51.82 ? 23   SER A CA  1 
ATOM   166  C C   . SER A 1 23 ? 3.163   11.008  18.650  1.00 50.73 ? 23   SER A C   1 
ATOM   167  O O   . SER A 1 23 ? 3.554   12.084  18.187  1.00 48.95 ? 23   SER A O   1 
ATOM   168  C CB  . SER A 1 23 ? 0.743   11.569  18.181  1.00 51.84 ? 23   SER A CB  1 
ATOM   169  O OG  . SER A 1 23 ? -0.500  11.072  17.703  1.00 57.47 ? 23   SER A OG  1 
ATOM   170  N N   . ARG A 1 24 ? 3.897   10.262  19.476  1.00 52.63 ? 24   ARG A N   1 
ATOM   171  C CA  . ARG A 1 24 ? 5.252   10.628  19.891  1.00 52.01 ? 24   ARG A CA  1 
ATOM   172  C C   . ARG A 1 24 ? 6.121   9.373   19.882  1.00 52.71 ? 24   ARG A C   1 
ATOM   173  O O   . ARG A 1 24 ? 5.663   8.292   20.261  1.00 53.25 ? 24   ARG A O   1 
ATOM   174  C CB  . ARG A 1 24 ? 5.256   11.251  21.293  1.00 51.84 ? 24   ARG A CB  1 
ATOM   175  C CG  . ARG A 1 24 ? 6.660   11.611  21.808  1.00 56.63 ? 24   ARG A CG  1 
ATOM   176  C CD  . ARG A 1 24 ? 6.659   12.167  23.234  1.00 54.30 ? 24   ARG A CD  1 
ATOM   177  N NE  . ARG A 1 24 ? 8.027   12.372  23.727  1.00 49.58 ? 24   ARG A NE  1 
ATOM   178  C CZ  . ARG A 1 24 ? 8.430   13.343  24.552  1.00 49.75 ? 24   ARG A CZ  1 
ATOM   179  N NH1 . ARG A 1 24 ? 7.590   14.269  25.010  1.00 76.05 ? 24   ARG A NH1 1 
ATOM   180  N NH2 . ARG A 1 24 ? 9.708   13.400  24.915  1.00 60.84 ? 24   ARG A NH2 1 
ATOM   181  N N   . LEU A 1 25 ? 7.372   9.520   19.453  1.00 51.74 ? 25   LEU A N   1 
ATOM   182  C CA  . LEU A 1 25 ? 8.318   8.407   19.452  1.00 51.34 ? 25   LEU A CA  1 
ATOM   183  C C   . LEU A 1 25 ? 9.734   8.918   19.249  1.00 49.56 ? 25   LEU A C   1 
ATOM   184  O O   . LEU A 1 25 ? 9.959   9.838   18.468  1.00 48.42 ? 25   LEU A O   1 
ATOM   185  C CB  . LEU A 1 25 ? 7.956   7.395   18.353  1.00 51.05 ? 25   LEU A CB  1 
ATOM   186  C CG  . LEU A 1 25 ? 8.712   6.063   18.314  1.00 50.59 ? 25   LEU A CG  1 
ATOM   187  C CD1 . LEU A 1 25 ? 8.572   5.271   19.614  1.00 36.73 ? 25   LEU A CD1 1 
ATOM   188  C CD2 . LEU A 1 25 ? 8.220   5.243   17.137  1.00 51.34 ? 25   LEU A CD2 1 
ATOM   189  N N   . GLU A 1 26 ? 10.685  8.327   19.966  1.00 51.34 ? 26   GLU A N   1 
ATOM   190  C CA  . GLU A 1 26 ? 12.097  8.651   19.771  1.00 51.18 ? 26   GLU A CA  1 
ATOM   191  C C   . GLU A 1 26 ? 12.494  8.215   18.367  1.00 50.08 ? 26   GLU A C   1 
ATOM   192  O O   . GLU A 1 26 ? 12.184  7.099   17.956  1.00 50.71 ? 26   GLU A O   1 
ATOM   193  C CB  . GLU A 1 26 ? 12.974  7.948   20.810  1.00 50.23 ? 26   GLU A CB  1 
ATOM   194  C CG  . GLU A 1 26 ? 12.874  8.540   22.209  1.00 51.36 ? 26   GLU A CG  1 
ATOM   195  C CD  . GLU A 1 26 ? 13.748  7.819   23.221  1.00 55.82 ? 26   GLU A CD  1 
ATOM   196  O OE1 . GLU A 1 26 ? 14.285  6.738   22.890  1.00 66.64 ? 26   GLU A OE1 1 
ATOM   197  O OE2 . GLU A 1 26 ? 13.902  8.333   24.353  1.00 64.94 ? 26   GLU A OE2 1 
ATOM   198  N N   . LYS A 1 27 ? 13.165  9.106   17.642  1.00 50.16 ? 27   LYS A N   1 
ATOM   199  C CA  . LYS A 1 27 ? 13.576  8.855   16.258  1.00 50.00 ? 27   LYS A CA  1 
ATOM   200  C C   . LYS A 1 27 ? 14.344  7.539   16.098  1.00 49.71 ? 27   LYS A C   1 
ATOM   201  O O   . LYS A 1 27 ? 14.124  6.807   15.136  1.00 51.42 ? 27   LYS A O   1 
ATOM   202  C CB  . LYS A 1 27 ? 14.428  10.020  15.742  1.00 50.26 ? 27   LYS A CB  1 
ATOM   203  C CG  . LYS A 1 27 ? 14.567  10.084  14.221  1.00 51.32 ? 27   LYS A CG  1 
ATOM   204  C CD  . LYS A 1 27 ? 15.342  11.332  13.802  1.00 46.05 ? 27   LYS A CD  1 
ATOM   205  C CE  . LYS A 1 27 ? 15.512  11.415  12.295  1.00 48.74 ? 27   LYS A CE  1 
ATOM   206  N NZ  . LYS A 1 27 ? 16.465  12.503  11.898  1.00 48.52 ? 27   LYS A NZ  1 
ATOM   207  N N   . LYS A 1 28 ? 15.225  7.239   17.049  1.00 47.68 ? 28   LYS A N   1 
ATOM   208  C CA  . LYS A 1 28 ? 16.047  6.021   17.000  1.00 49.76 ? 28   LYS A CA  1 
ATOM   209  C C   . LYS A 1 28 ? 15.245  4.733   17.143  1.00 49.97 ? 28   LYS A C   1 
ATOM   210  O O   . LYS A 1 28 ? 15.697  3.679   16.706  1.00 51.13 ? 28   LYS A O   1 
ATOM   211  C CB  . LYS A 1 28 ? 17.132  6.047   18.087  1.00 47.21 ? 28   LYS A CB  1 
ATOM   212  C CG  . LYS A 1 28 ? 18.327  6.902   17.751  1.00 44.05 ? 28   LYS A CG  1 
ATOM   213  C CD  . LYS A 1 28 ? 19.279  6.980   18.935  1.00 52.69 ? 28   LYS A CD  1 
ATOM   214  C CE  . LYS A 1 28 ? 20.484  7.847   18.633  1.00 63.10 ? 28   LYS A CE  1 
ATOM   215  N NZ  . LYS A 1 28 ? 21.359  8.007   19.829  1.00 58.56 ? 28   LYS A NZ  1 
ATOM   216  N N   . ARG A 1 29 ? 14.069  4.812   17.759  1.00 51.68 ? 29   ARG A N   1 
ATOM   217  C CA  . ARG A 1 29 ? 13.238  3.627   17.993  1.00 51.08 ? 29   ARG A CA  1 
ATOM   218  C C   . ARG A 1 29 ? 12.249  3.327   16.862  1.00 51.76 ? 29   ARG A C   1 
ATOM   219  O O   . ARG A 1 29 ? 11.529  2.326   16.923  1.00 53.61 ? 29   ARG A O   1 
ATOM   220  C CB  . ARG A 1 29 ? 12.465  3.782   19.306  1.00 50.78 ? 29   ARG A CB  1 
ATOM   221  C CG  . ARG A 1 29 ? 13.334  3.810   20.553  1.00 48.94 ? 29   ARG A CG  1 
ATOM   222  C CD  . ARG A 1 29 ? 12.473  4.024   21.788  1.00 52.14 ? 29   ARG A CD  1 
ATOM   223  N NE  . ARG A 1 29 ? 11.486  2.955   21.947  1.00 72.41 ? 29   ARG A NE  1 
ATOM   224  C CZ  . ARG A 1 29 ? 10.361  3.046   22.657  1.00 60.03 ? 29   ARG A CZ  1 
ATOM   225  N NH1 . ARG A 1 29 ? 10.041  4.168   23.294  1.00 56.25 ? 29   ARG A NH1 1 
ATOM   226  N NH2 . ARG A 1 29 ? 9.542   2.001   22.725  1.00 60.69 ? 29   ARG A NH2 1 
ATOM   227  N N   . LEU A 1 30 ? 12.203  4.173   15.837  1.00 51.21 ? 30   LEU A N   1 
ATOM   228  C CA  . LEU A 1 30 ? 11.204  4.015   14.773  1.00 51.41 ? 30   LEU A CA  1 
ATOM   229  C C   . LEU A 1 30 ? 11.382  2.689   14.017  1.00 51.24 ? 30   LEU A C   1 
ATOM   230  O O   . LEU A 1 30 ? 10.425  1.933   13.828  1.00 49.47 ? 30   LEU A O   1 
ATOM   231  C CB  . LEU A 1 30 ? 11.245  5.203   13.800  1.00 52.77 ? 30   LEU A CB  1 
ATOM   232  C CG  . LEU A 1 30 ? 10.101  5.317   12.784  1.00 53.70 ? 30   LEU A CG  1 
ATOM   233  C CD1 . LEU A 1 30 ? 8.741   5.432   13.463  1.00 56.08 ? 30   LEU A CD1 1 
ATOM   234  C CD2 . LEU A 1 30 ? 10.326  6.512   11.875  1.00 52.66 ? 30   LEU A CD2 1 
ATOM   235  N N   . ARG A 1 31 ? 12.612  2.407   13.612  1.00 48.07 ? 31   ARG A N   1 
ATOM   236  C CA  . ARG A 1 31 ? 12.917  1.195   12.878  1.00 47.57 ? 31   ARG A CA  1 
ATOM   237  C C   . ARG A 1 31 ? 12.558  -0.062  13.668  1.00 50.03 ? 31   ARG A C   1 
ATOM   238  O O   . ARG A 1 31 ? 11.914  -0.967  13.131  1.00 52.26 ? 31   ARG A O   1 
ATOM   239  C CB  . ARG A 1 31 ? 14.397  1.161   12.503  1.00 49.57 ? 31   ARG A CB  1 
ATOM   240  C CG  . ARG A 1 31 ? 14.688  0.095   11.501  1.00 46.26 ? 31   ARG A CG  1 
ATOM   241  C CD  . ARG A 1 31 ? 16.147  -0.016  11.134  1.00 47.27 ? 31   ARG A CD  1 
ATOM   242  N NE  . ARG A 1 31 ? 16.364  -1.318  10.509  1.00 44.38 ? 31   ARG A NE  1 
ATOM   243  C CZ  . ARG A 1 31 ? 17.355  -1.616  9.683   1.00 54.32 ? 31   ARG A CZ  1 
ATOM   244  N NH1 . ARG A 1 31 ? 18.267  -0.707  9.354   1.00 62.14 ? 31   ARG A NH1 1 
ATOM   245  N NH2 . ARG A 1 31 ? 17.430  -2.842  9.178   1.00 71.30 ? 31   ARG A NH2 1 
ATOM   246  N N   . SER A 1 32 ? 12.988  -0.109  14.933  1.00 48.45 ? 32   SER A N   1 
ATOM   247  C CA  . SER A 1 32 ? 12.670  -1.210  15.849  1.00 47.82 ? 32   SER A CA  1 
ATOM   248  C C   . SER A 1 32 ? 11.173  -1.365  16.091  1.00 47.42 ? 32   SER A C   1 
ATOM   249  O O   . SER A 1 32 ? 10.662  -2.483  16.138  1.00 48.18 ? 32   SER A O   1 
ATOM   250  C CB  . SER A 1 32 ? 13.349  -0.991  17.205  1.00 45.56 ? 32   SER A CB  1 
ATOM   251  O OG  . SER A 1 32 ? 14.756  -1.066  17.091  1.00 60.09 ? 32   SER A OG  1 
ATOM   252  N N   . GLU A 1 33 ? 10.483  -0.243  16.282  1.00 48.49 ? 33   GLU A N   1 
ATOM   253  C CA  . GLU A 1 33 ? 9.035   -0.256  16.505  1.00 50.08 ? 33   GLU A CA  1 
ATOM   254  C C   . GLU A 1 33 ? 8.271   -0.837  15.324  1.00 48.26 ? 33   GLU A C   1 
ATOM   255  O O   . GLU A 1 33 ? 7.368   -1.651  15.512  1.00 51.10 ? 33   GLU A O   1 
ATOM   256  C CB  . GLU A 1 33 ? 8.502   1.148   16.827  1.00 51.88 ? 33   GLU A CB  1 
ATOM   257  C CG  . GLU A 1 33 ? 8.575   1.500   18.302  1.00 52.58 ? 33   GLU A CG  1 
ATOM   258  C CD  . GLU A 1 33 ? 7.645   0.646   19.148  1.00 57.29 ? 33   GLU A CD  1 
ATOM   259  O OE1 . GLU A 1 33 ? 6.422   0.682   18.902  1.00 49.11 ? 33   GLU A OE1 1 
ATOM   260  O OE2 . GLU A 1 33 ? 8.134   -0.053  20.061  1.00 58.31 ? 33   GLU A OE2 1 
ATOM   261  N N   . ILE A 1 34 ? 8.631   -0.421  14.114  1.00 51.65 ? 34   ILE A N   1 
ATOM   262  C CA  . ILE A 1 34 ? 8.001   -0.944  12.902  1.00 49.13 ? 34   ILE A CA  1 
ATOM   263  C C   . ILE A 1 34 ? 8.170   -2.466  12.806  1.00 50.61 ? 34   ILE A C   1 
ATOM   264  O O   . ILE A 1 34 ? 7.236   -3.184  12.439  1.00 50.62 ? 34   ILE A O   1 
ATOM   265  C CB  . ILE A 1 34 ? 8.575   -0.270  11.642  1.00 52.34 ? 34   ILE A CB  1 
ATOM   266  C CG1 . ILE A 1 34 ? 8.122   1.192   11.571  1.00 49.94 ? 34   ILE A CG1 1 
ATOM   267  C CG2 . ILE A 1 34 ? 8.131   -1.004  10.383  1.00 50.15 ? 34   ILE A CG2 1 
ATOM   268  C CD1 . ILE A 1 34 ? 8.904   2.034   10.610  1.00 49.36 ? 34   ILE A CD1 1 
ATOM   269  N N   . LEU A 1 35 ? 9.364   -2.940  13.148  1.00 51.37 ? 35   LEU A N   1 
ATOM   270  C CA  . LEU A 1 35 ? 9.692   -4.367  13.118  1.00 51.21 ? 35   LEU A CA  1 
ATOM   271  C C   . LEU A 1 35 ? 8.913   -5.109  14.218  1.00 52.28 ? 35   LEU A C   1 
ATOM   272  O O   . LEU A 1 35 ? 8.383   -6.192  13.987  1.00 48.55 ? 35   LEU A O   1 
ATOM   273  C CB  . LEU A 1 35 ? 11.202  -4.569  13.306  1.00 50.54 ? 35   LEU A CB  1 
ATOM   274  C CG  . LEU A 1 35 ? 11.971  -5.490  12.352  1.00 60.29 ? 35   LEU A CG  1 
ATOM   275  C CD1 . LEU A 1 35 ? 13.431  -5.598  12.821  1.00 58.41 ? 35   LEU A CD1 1 
ATOM   276  C CD2 . LEU A 1 35 ? 11.355  -6.870  12.233  1.00 59.47 ? 35   LEU A CD2 1 
ATOM   277  N N   . LYS A 1 36 ? 8.855   -4.510  15.406  1.00 50.29 ? 36   LYS A N   1 
ATOM   278  C CA  . LYS A 1 36 ? 8.119   -5.065  16.542  1.00 50.84 ? 36   LYS A CA  1 
ATOM   279  C C   . LYS A 1 36 ? 6.620   -5.162  16.248  1.00 50.37 ? 36   LYS A C   1 
ATOM   280  O O   . LYS A 1 36 ? 6.022   -6.229  16.402  1.00 48.57 ? 36   LYS A O   1 
ATOM   281  C CB  . LYS A 1 36 ? 8.363   -4.205  17.794  1.00 51.19 ? 36   LYS A CB  1 
ATOM   282  C CG  . LYS A 1 36 ? 7.491   -4.533  19.004  1.00 54.72 ? 36   LYS A CG  1 
ATOM   283  C CD  . LYS A 1 36 ? 7.838   -3.641  20.199  1.00 55.06 ? 36   LYS A CD  1 
ATOM   284  C CE  . LYS A 1 36 ? 6.688   -3.556  21.199  1.00 62.52 ? 36   LYS A CE  1 
ATOM   285  N NZ  . LYS A 1 36 ? 6.938   -2.547  22.270  1.00 48.99 ? 36   LYS A NZ  1 
ATOM   286  N N   . ARG A 1 37 ? 6.029   -4.053  15.809  1.00 48.06 ? 37   ARG A N   1 
ATOM   287  C CA  . ARG A 1 37 ? 4.579   -3.960  15.631  1.00 48.79 ? 37   ARG A CA  1 
ATOM   288  C C   . ARG A 1 37 ? 4.061   -4.712  14.414  1.00 48.76 ? 37   ARG A C   1 
ATOM   289  O O   . ARG A 1 37 ? 2.973   -5.283  14.467  1.00 45.36 ? 37   ARG A O   1 
ATOM   290  C CB  . ARG A 1 37 ? 4.146   -2.499  15.501  1.00 51.19 ? 37   ARG A CB  1 
ATOM   291  C CG  . ARG A 1 37 ? 4.509   -1.627  16.685  1.00 55.35 ? 37   ARG A CG  1 
ATOM   292  C CD  . ARG A 1 37 ? 3.577   -1.833  17.851  1.00 56.73 ? 37   ARG A CD  1 
ATOM   293  N NE  . ARG A 1 37 ? 4.000   -1.025  18.987  1.00 36.01 ? 37   ARG A NE  1 
ATOM   294  C CZ  . ARG A 1 37 ? 3.255   -0.784  20.062  1.00 52.77 ? 37   ARG A CZ  1 
ATOM   295  N NH1 . ARG A 1 37 ? 2.033   -1.294  20.180  1.00 44.77 ? 37   ARG A NH1 1 
ATOM   296  N NH2 . ARG A 1 37 ? 3.745   -0.023  21.036  1.00 53.74 ? 37   ARG A NH2 1 
ATOM   297  N N   . PHE A 1 38 ? 4.816   -4.683  13.314  1.00 48.35 ? 38   PHE A N   1 
ATOM   298  C CA  . PHE A 1 38 ? 4.349   -5.239  12.032  1.00 49.08 ? 38   PHE A CA  1 
ATOM   299  C C   . PHE A 1 38 ? 5.267   -6.280  11.386  1.00 50.02 ? 38   PHE A C   1 
ATOM   300  O O   . PHE A 1 38 ? 4.958   -6.763  10.298  1.00 51.67 ? 38   PHE A O   1 
ATOM   301  C CB  . PHE A 1 38 ? 4.123   -4.107  11.034  1.00 49.79 ? 38   PHE A CB  1 
ATOM   302  C CG  . PHE A 1 38 ? 3.175   -3.056  11.523  1.00 52.96 ? 38   PHE A CG  1 
ATOM   303  C CD1 . PHE A 1 38 ? 1.855   -3.382  11.805  1.00 60.41 ? 38   PHE A CD1 1 
ATOM   304  C CD2 . PHE A 1 38 ? 3.597   -1.741  11.698  1.00 60.44 ? 38   PHE A CD2 1 
ATOM   305  C CE1 . PHE A 1 38 ? 0.965   -2.417  12.258  1.00 66.33 ? 38   PHE A CE1 1 
ATOM   306  C CE2 . PHE A 1 38 ? 2.711   -0.769  12.153  1.00 66.36 ? 38   PHE A CE2 1 
ATOM   307  C CZ  . PHE A 1 38 ? 1.393   -1.111  12.434  1.00 65.76 ? 38   PHE A CZ  1 
ATOM   308  N N   . ASP A 1 39 ? 6.374   -6.637  12.040  1.00 47.39 ? 39   ASP A N   1 
ATOM   309  C CA  . ASP A 1 39 ? 7.369   -7.522  11.437  1.00 47.24 ? 39   ASP A CA  1 
ATOM   310  C C   . ASP A 1 39 ? 7.753   -7.031  10.034  1.00 48.22 ? 39   ASP A C   1 
ATOM   311  O O   . ASP A 1 39 ? 7.860   -7.814  9.086   1.00 45.77 ? 39   ASP A O   1 
ATOM   312  C CB  . ASP A 1 39 ? 6.851   -8.968  11.402  1.00 48.61 ? 39   ASP A CB  1 
ATOM   313  C CG  . ASP A 1 39 ? 7.953   -9.989  11.121  1.00 49.71 ? 39   ASP A CG  1 
ATOM   314  O OD1 . ASP A 1 39 ? 9.132   -9.722  11.452  1.00 55.28 ? 39   ASP A OD1 1 
ATOM   315  O OD2 . ASP A 1 39 ? 7.635   -11.063 10.564  1.00 61.30 ? 39   ASP A OD2 1 
ATOM   316  N N   . ILE A 1 40 ? 7.938   -5.718  9.911   1.00 48.18 ? 40   ILE A N   1 
ATOM   317  C CA  . ILE A 1 40 ? 8.383   -5.117  8.667   1.00 49.33 ? 40   ILE A CA  1 
ATOM   318  C C   . ILE A 1 40 ? 9.738   -4.463  8.896   1.00 49.32 ? 40   ILE A C   1 
ATOM   319  O O   . ILE A 1 40 ? 9.918   -3.679  9.830   1.00 49.00 ? 40   ILE A O   1 
ATOM   320  C CB  . ILE A 1 40 ? 7.362   -4.105  8.098   1.00 51.15 ? 40   ILE A CB  1 
ATOM   321  C CG1 . ILE A 1 40 ? 6.077   -4.837  7.691   1.00 46.02 ? 40   ILE A CG1 1 
ATOM   322  C CG2 . ILE A 1 40 ? 7.934   -3.382  6.872   1.00 43.39 ? 40   ILE A CG2 1 
ATOM   323  C CD1 . ILE A 1 40 ? 4.875   -3.944  7.615   1.00 49.85 ? 40   ILE A CD1 1 
ATOM   324  N N   . ASP A 1 41 ? 10.683  -4.823  8.036   1.00 47.23 ? 41   ASP A N   1 
ATOM   325  C CA  . ASP A 1 41 ? 12.035  -4.318  8.076   1.00 47.86 ? 41   ASP A CA  1 
ATOM   326  C C   . ASP A 1 41 ? 12.170  -3.188  7.059   1.00 49.98 ? 41   ASP A C   1 
ATOM   327  O O   . ASP A 1 41 ? 12.159  -3.437  5.852   1.00 50.60 ? 41   ASP A O   1 
ATOM   328  C CB  . ASP A 1 41 ? 12.996  -5.460  7.743   1.00 49.63 ? 41   ASP A CB  1 
ATOM   329  C CG  . ASP A 1 41 ? 14.446  -5.019  7.674   1.00 50.91 ? 41   ASP A CG  1 
ATOM   330  O OD1 . ASP A 1 41 ? 14.730  -3.821  7.870   1.00 57.98 ? 41   ASP A OD1 1 
ATOM   331  O OD2 . ASP A 1 41 ? 15.306  -5.887  7.413   1.00 64.00 ? 41   ASP A OD2 1 
ATOM   332  N N   . ILE A 1 42 ? 12.285  -1.952  7.548   1.00 48.06 ? 42   ILE A N   1 
ATOM   333  C CA  . ILE A 1 42 ? 12.512  -0.793  6.681   1.00 49.41 ? 42   ILE A CA  1 
ATOM   334  C C   . ILE A 1 42 ? 13.871  -0.181  7.021   1.00 49.94 ? 42   ILE A C   1 
ATOM   335  O O   . ILE A 1 42 ? 14.200  0.032   8.191   1.00 49.65 ? 42   ILE A O   1 
ATOM   336  C CB  . ILE A 1 42 ? 11.384  0.271   6.802   1.00 46.69 ? 42   ILE A CB  1 
ATOM   337  C CG1 . ILE A 1 42 ? 10.018  -0.333  6.468   1.00 55.20 ? 42   ILE A CG1 1 
ATOM   338  C CG2 . ILE A 1 42 ? 11.639  1.446   5.862   1.00 41.52 ? 42   ILE A CG2 1 
ATOM   339  C CD1 . ILE A 1 42 ? 8.848   0.677   6.572   1.00 47.71 ? 42   ILE A CD1 1 
ATOM   340  N N   . SER A 1 43 ? 14.656  0.088   5.984   1.00 50.22 ? 43   SER A N   1 
ATOM   341  C CA  . SER A 1 43 ? 16.001  0.645   6.120   1.00 48.98 ? 43   SER A CA  1 
ATOM   342  C C   . SER A 1 43 ? 15.993  2.079   6.656   1.00 47.45 ? 43   SER A C   1 
ATOM   343  O O   . SER A 1 43 ? 15.072  2.836   6.380   1.00 48.78 ? 43   SER A O   1 
ATOM   344  C CB  . SER A 1 43 ? 16.686  0.641   4.748   1.00 47.09 ? 43   SER A CB  1 
ATOM   345  O OG  . SER A 1 43 ? 17.972  1.235   4.813   1.00 59.55 ? 43   SER A OG  1 
ATOM   346  N N   . ASP A 1 44 ? 17.035  2.443   7.400   1.00 48.84 ? 44   ASP A N   1 
ATOM   347  C CA  . ASP A 1 44 ? 17.302  3.843   7.770   1.00 49.31 ? 44   ASP A CA  1 
ATOM   348  C C   . ASP A 1 44 ? 17.488  4.707   6.529   1.00 46.96 ? 44   ASP A C   1 
ATOM   349  O O   . ASP A 1 44 ? 17.203  5.901   6.548   1.00 49.38 ? 44   ASP A O   1 
ATOM   350  C CB  . ASP A 1 44 ? 18.583  3.955   8.611   1.00 47.73 ? 44   ASP A CB  1 
ATOM   351  C CG  . ASP A 1 44 ? 18.423  3.409   10.022  1.00 57.09 ? 44   ASP A CG  1 
ATOM   352  O OD1 . ASP A 1 44 ? 17.332  3.575   10.606  1.00 53.57 ? 44   ASP A OD1 1 
ATOM   353  O OD2 . ASP A 1 44 ? 19.406  2.833   10.550  1.00 56.43 ? 44   ASP A OD2 1 
ATOM   354  N N   . GLY A 1 45 ? 17.994  4.099   5.463   1.00 47.61 ? 45   GLY A N   1 
ATOM   355  C CA  . GLY A 1 45 ? 18.120  4.763   4.168   1.00 49.49 ? 45   GLY A CA  1 
ATOM   356  C C   . GLY A 1 45 ? 16.807  5.246   3.590   1.00 47.69 ? 45   GLY A C   1 
ATOM   357  O O   . GLY A 1 45 ? 16.787  6.215   2.844   1.00 47.71 ? 45   GLY A O   1 
ATOM   358  N N   . VAL A 1 46 ? 15.714  4.558   3.920   1.00 49.03 ? 46   VAL A N   1 
ATOM   359  C CA  . VAL A 1 46 ? 14.368  5.016   3.571   1.00 49.13 ? 46   VAL A CA  1 
ATOM   360  C C   . VAL A 1 46 ? 13.769  5.891   4.681   1.00 50.74 ? 46   VAL A C   1 
ATOM   361  O O   . VAL A 1 46 ? 13.291  6.995   4.427   1.00 48.26 ? 46   VAL A O   1 
ATOM   362  C CB  . VAL A 1 46 ? 13.418  3.824   3.291   1.00 53.11 ? 46   VAL A CB  1 
ATOM   363  C CG1 . VAL A 1 46 ? 11.972  4.310   3.096   1.00 49.38 ? 46   VAL A CG1 1 
ATOM   364  C CG2 . VAL A 1 46 ? 13.893  3.041   2.068   1.00 43.35 ? 46   VAL A CG2 1 
ATOM   365  N N   . LEU A 1 47 ? 13.793  5.380   5.907   1.00 48.67 ? 47   LEU A N   1 
ATOM   366  C CA  . LEU A 1 47 ? 13.166  6.049   7.053   1.00 49.64 ? 47   LEU A CA  1 
ATOM   367  C C   . LEU A 1 47 ? 13.615  7.502   7.239   1.00 51.17 ? 47   LEU A C   1 
ATOM   368  O O   . LEU A 1 47 ? 12.778  8.398   7.326   1.00 53.89 ? 47   LEU A O   1 
ATOM   369  C CB  . LEU A 1 47 ? 13.470  5.274   8.343   1.00 54.37 ? 47   LEU A CB  1 
ATOM   370  C CG  . LEU A 1 47 ? 12.421  4.443   9.078   1.00 58.66 ? 47   LEU A CG  1 
ATOM   371  C CD1 . LEU A 1 47 ? 11.386  3.798   8.188   1.00 60.21 ? 47   LEU A CD1 1 
ATOM   372  C CD2 . LEU A 1 47 ? 13.163  3.413   9.925   1.00 50.13 ? 47   LEU A CD2 1 
ATOM   373  N N   . TYR A 1 48 ? 14.929  7.728   7.303   1.00 49.23 ? 48   TYR A N   1 
ATOM   374  C CA  . TYR A 1 48 ? 15.466  9.032   7.726   1.00 48.72 ? 48   TYR A CA  1 
ATOM   375  C C   . TYR A 1 48 ? 15.209  10.192  6.755   1.00 48.39 ? 48   TYR A C   1 
ATOM   376  O O   . TYR A 1 48 ? 14.734  11.242  7.177   1.00 48.20 ? 48   TYR A O   1 
ATOM   377  C CB  . TYR A 1 48 ? 16.963  8.940   8.071   1.00 46.34 ? 48   TYR A CB  1 
ATOM   378  C CG  . TYR A 1 48 ? 17.225  8.559   9.516   1.00 48.18 ? 48   TYR A CG  1 
ATOM   379  C CD1 . TYR A 1 48 ? 16.693  7.389   10.051  1.00 52.02 ? 48   TYR A CD1 1 
ATOM   380  C CD2 . TYR A 1 48 ? 18.003  9.366   10.349  1.00 52.58 ? 48   TYR A CD2 1 
ATOM   381  C CE1 . TYR A 1 48 ? 16.924  7.028   11.369  1.00 50.68 ? 48   TYR A CE1 1 
ATOM   382  C CE2 . TYR A 1 48 ? 18.241  9.007   11.673  1.00 53.97 ? 48   TYR A CE2 1 
ATOM   383  C CZ  . TYR A 1 48 ? 17.695  7.836   12.174  1.00 44.71 ? 48   TYR A CZ  1 
ATOM   384  O OH  . TYR A 1 48 ? 17.919  7.470   13.481  1.00 58.03 ? 48   TYR A OH  1 
ATOM   385  N N   . PRO A 1 49 ? 15.540  10.023  5.463   1.00 48.14 ? 49   PRO A N   1 
ATOM   386  C CA  . PRO A 1 49 ? 15.174  11.067  4.508   1.00 49.63 ? 49   PRO A CA  1 
ATOM   387  C C   . PRO A 1 49 ? 13.662  11.292  4.421   1.00 50.58 ? 49   PRO A C   1 
ATOM   388  O O   . PRO A 1 49 ? 13.213  12.426  4.227   1.00 51.62 ? 49   PRO A O   1 
ATOM   389  C CB  . PRO A 1 49 ? 15.708  10.531  3.171   1.00 49.91 ? 49   PRO A CB  1 
ATOM   390  C CG  . PRO A 1 49 ? 16.732  9.521   3.536   1.00 48.41 ? 49   PRO A CG  1 
ATOM   391  C CD  . PRO A 1 49 ? 16.270  8.920   4.816   1.00 48.88 ? 49   PRO A CD  1 
ATOM   392  N N   . LEU A 1 50 ? 12.890  10.220  4.560   1.00 51.64 ? 50   LEU A N   1 
ATOM   393  C CA  . LEU A 1 50 ? 11.433  10.316  4.488   1.00 52.88 ? 50   LEU A CA  1 
ATOM   394  C C   . LEU A 1 50 ? 10.908  11.162  5.648   1.00 50.33 ? 50   LEU A C   1 
ATOM   395  O O   . LEU A 1 50 ? 10.099  12.059  5.452   1.00 52.72 ? 50   LEU A O   1 
ATOM   396  C CB  . LEU A 1 50 ? 10.808  8.917   4.471   1.00 52.17 ? 50   LEU A CB  1 
ATOM   397  C CG  . LEU A 1 50 ? 9.306   8.776   4.199   1.00 59.48 ? 50   LEU A CG  1 
ATOM   398  C CD1 . LEU A 1 50 ? 8.843   9.670   3.050   1.00 70.61 ? 50   LEU A CD1 1 
ATOM   399  C CD2 . LEU A 1 50 ? 8.981   7.311   3.916   1.00 58.50 ? 50   LEU A CD2 1 
ATOM   400  N N   . ILE A 1 51 ? 11.408  10.899  6.850   1.00 53.00 ? 51   ILE A N   1 
ATOM   401  C CA  . ILE A 1 51 ? 11.131  11.746  8.018   1.00 51.73 ? 51   ILE A CA  1 
ATOM   402  C C   . ILE A 1 51 ? 11.429  13.237  7.752   1.00 51.75 ? 51   ILE A C   1 
ATOM   403  O O   . ILE A 1 51 ? 10.583  14.099  8.011   1.00 49.46 ? 51   ILE A O   1 
ATOM   404  C CB  . ILE A 1 51 ? 11.916  11.228  9.250   1.00 55.20 ? 51   ILE A CB  1 
ATOM   405  C CG1 . ILE A 1 51 ? 11.238  9.962   9.787   1.00 52.58 ? 51   ILE A CG1 1 
ATOM   406  C CG2 . ILE A 1 51 ? 12.040  12.307  10.344  1.00 47.96 ? 51   ILE A CG2 1 
ATOM   407  C CD1 . ILE A 1 51 ? 12.142  9.106   10.640  1.00 53.87 ? 51   ILE A CD1 1 
ATOM   408  N N   . ASP A 1 52 ? 12.614  13.536  7.221   1.00 49.80 ? 52   ASP A N   1 
ATOM   409  C CA  . ASP A 1 52 ? 12.980  14.919  6.876   1.00 50.10 ? 52   ASP A CA  1 
ATOM   410  C C   . ASP A 1 52 ? 11.975  15.547  5.912   1.00 49.84 ? 52   ASP A C   1 
ATOM   411  O O   . ASP A 1 52 ? 11.646  16.730  6.026   1.00 47.60 ? 52   ASP A O   1 
ATOM   412  C CB  . ASP A 1 52 ? 14.381  14.982  6.246   1.00 50.23 ? 52   ASP A CB  1 
ATOM   413  C CG  . ASP A 1 52 ? 15.501  15.038  7.279   1.00 52.17 ? 52   ASP A CG  1 
ATOM   414  O OD1 . ASP A 1 52 ? 15.238  14.873  8.486   1.00 53.67 ? 52   ASP A OD1 1 
ATOM   415  O OD2 . ASP A 1 52 ? 16.660  15.252  6.870   1.00 56.01 ? 52   ASP A OD2 1 
ATOM   416  N N   . SER A 1 53 ? 11.500  14.748  4.960   1.00 49.08 ? 53   SER A N   1 
ATOM   417  C CA  . SER A 1 53 ? 10.526  15.204  3.976   1.00 50.24 ? 53   SER A CA  1 
ATOM   418  C C   . SER A 1 53 ? 9.174   15.501  4.635   1.00 49.12 ? 53   SER A C   1 
ATOM   419  O O   . SER A 1 53 ? 8.513   16.483  4.296   1.00 50.63 ? 53   SER A O   1 
ATOM   420  C CB  . SER A 1 53 ? 10.365  14.157  2.868   1.00 50.07 ? 53   SER A CB  1 
ATOM   421  O OG  . SER A 1 53 ? 9.605   14.672  1.791   1.00 63.16 ? 53   SER A OG  1 
ATOM   422  N N   . LEU A 1 54 ? 8.772   14.652  5.575   1.00 49.20 ? 54   LEU A N   1 
ATOM   423  C CA  . LEU A 1 54 ? 7.540   14.867  6.331   1.00 49.36 ? 54   LEU A CA  1 
ATOM   424  C C   . LEU A 1 54 ? 7.650   16.074  7.270   1.00 49.32 ? 54   LEU A C   1 
ATOM   425  O O   . LEU A 1 54 ? 6.646   16.724  7.567   1.00 49.73 ? 54   LEU A O   1 
ATOM   426  C CB  . LEU A 1 54 ? 7.174   13.611  7.125   1.00 48.51 ? 54   LEU A CB  1 
ATOM   427  C CG  . LEU A 1 54 ? 6.841   12.362  6.312   1.00 55.31 ? 54   LEU A CG  1 
ATOM   428  C CD1 . LEU A 1 54 ? 6.627   11.161  7.234   1.00 51.78 ? 54   LEU A CD1 1 
ATOM   429  C CD2 . LEU A 1 54 ? 5.620   12.588  5.429   1.00 47.05 ? 54   LEU A CD2 1 
ATOM   430  N N   . ILE A 1 55 ? 8.864   16.369  7.739   1.00 48.23 ? 55   ILE A N   1 
ATOM   431  C CA  . ILE A 1 55 ? 9.117   17.584  8.527   1.00 49.36 ? 55   ILE A CA  1 
ATOM   432  C C   . ILE A 1 55 ? 8.922   18.843  7.672   1.00 50.18 ? 55   ILE A C   1 
ATOM   433  O O   . ILE A 1 55 ? 8.315   19.816  8.127   1.00 50.71 ? 55   ILE A O   1 
ATOM   434  C CB  . ILE A 1 55 ? 10.538  17.582  9.163   1.00 51.08 ? 55   ILE A CB  1 
ATOM   435  C CG1 . ILE A 1 55 ? 10.625  16.532  10.279  1.00 44.47 ? 55   ILE A CG1 1 
ATOM   436  C CG2 . ILE A 1 55 ? 10.884  18.949  9.725   1.00 39.13 ? 55   ILE A CG2 1 
ATOM   437  C CD1 . ILE A 1 55 ? 12.038  16.270  10.762  1.00 50.79 ? 55   ILE A CD1 1 
ATOM   438  N N   . ASP A 1 56 ? 9.426   18.819  6.439   1.00 51.22 ? 56   ASP A N   1 
ATOM   439  C CA  . ASP A 1 56 ? 9.204   19.921  5.496   1.00 51.26 ? 56   ASP A CA  1 
ATOM   440  C C   . ASP A 1 56 ? 7.722   20.067  5.147   1.00 48.82 ? 56   ASP A C   1 
ATOM   441  O O   . ASP A 1 56 ? 7.248   21.170  4.896   1.00 46.89 ? 56   ASP A O   1 
ATOM   442  C CB  . ASP A 1 56 ? 10.024  19.727  4.209   1.00 53.58 ? 56   ASP A CB  1 
ATOM   443  C CG  . ASP A 1 56 ? 9.974   20.951  3.286   1.00 55.32 ? 56   ASP A CG  1 
ATOM   444  O OD1 . ASP A 1 56 ? 10.258  22.079  3.753   1.00 61.46 ? 56   ASP A OD1 1 
ATOM   445  O OD2 . ASP A 1 56 ? 9.653   20.782  2.087   1.00 82.25 ? 56   ASP A OD2 1 
ATOM   446  N N   . ASP A 1 57 ? 6.998   18.950  5.141   1.00 47.89 ? 57   ASP A N   1 
ATOM   447  C CA  . ASP A 1 57 ? 5.553   18.953  4.882   1.00 48.51 ? 57   ASP A CA  1 
ATOM   448  C C   . ASP A 1 57 ? 4.713   19.367  6.102   1.00 47.50 ? 57   ASP A C   1 
ATOM   449  O O   . ASP A 1 57 ? 3.485   19.471  5.999   1.00 43.77 ? 57   ASP A O   1 
ATOM   450  C CB  . ASP A 1 57 ? 5.105   17.567  4.412   1.00 46.86 ? 57   ASP A CB  1 
ATOM   451  C CG  . ASP A 1 57 ? 5.626   17.215  3.026   1.00 57.97 ? 57   ASP A CG  1 
ATOM   452  O OD1 . ASP A 1 57 ? 6.153   18.111  2.327   1.00 75.26 ? 57   ASP A OD1 1 
ATOM   453  O OD2 . ASP A 1 57 ? 5.497   16.033  2.632   1.00 68.36 ? 57   ASP A OD2 1 
ATOM   454  N N   . LYS A 1 58 ? 5.379   19.602  7.236   1.00 47.77 ? 58   LYS A N   1 
ATOM   455  C CA  . LYS A 1 58 ? 4.733   19.925  8.519   1.00 48.48 ? 58   LYS A CA  1 
ATOM   456  C C   . LYS A 1 58 ? 3.863   18.771  9.033   1.00 47.20 ? 58   LYS A C   1 
ATOM   457  O O   . LYS A 1 58 ? 2.952   18.977  9.837   1.00 46.08 ? 58   LYS A O   1 
ATOM   458  C CB  . LYS A 1 58 ? 3.917   21.226  8.431   1.00 47.73 ? 58   LYS A CB  1 
ATOM   459  C CG  . LYS A 1 58 ? 4.745   22.476  8.161   1.00 50.65 ? 58   LYS A CG  1 
ATOM   460  C CD  . LYS A 1 58 ? 4.027   23.718  8.696   1.00 52.98 ? 58   LYS A CD  1 
ATOM   461  C CE  . LYS A 1 58 ? 4.725   25.016  8.308   1.00 62.28 ? 58   LYS A CE  1 
ATOM   462  N NZ  . LYS A 1 58 ? 3.995   26.214  8.824   1.00 41.75 ? 58   LYS A NZ  1 
ATOM   463  N N   . ILE A 1 59 ? 4.164   17.560  8.571   1.00 45.94 ? 59   ILE A N   1 
ATOM   464  C CA  . ILE A 1 59 ? 3.433   16.358  8.964   1.00 47.67 ? 59   ILE A CA  1 
ATOM   465  C C   . ILE A 1 59 ? 3.994   15.834  10.279  1.00 47.64 ? 59   ILE A C   1 
ATOM   466  O O   . ILE A 1 59 ? 3.244   15.393  11.149  1.00 48.29 ? 59   ILE A O   1 
ATOM   467  C CB  . ILE A 1 59 ? 3.527   15.270  7.877   1.00 47.07 ? 59   ILE A CB  1 
ATOM   468  C CG1 . ILE A 1 59 ? 2.687   15.673  6.660   1.00 56.11 ? 59   ILE A CG1 1 
ATOM   469  C CG2 . ILE A 1 59 ? 3.064   13.926  8.413   1.00 46.46 ? 59   ILE A CG2 1 
ATOM   470  C CD1 . ILE A 1 59 ? 2.906   14.781  5.452   1.00 55.73 ? 59   ILE A CD1 1 
ATOM   471  N N   . LEU A 1 60 ? 5.318   15.877  10.409  1.00 46.69 ? 60   LEU A N   1 
ATOM   472  C CA  . LEU A 1 60 ? 5.982   15.613  11.671  1.00 48.57 ? 60   LEU A CA  1 
ATOM   473  C C   . LEU A 1 60 ? 6.711   16.861  12.137  1.00 47.67 ? 60   LEU A C   1 
ATOM   474  O O   . LEU A 1 60 ? 6.954   17.780  11.353  1.00 47.05 ? 60   LEU A O   1 
ATOM   475  C CB  . LEU A 1 60 ? 7.003   14.486  11.517  1.00 48.32 ? 60   LEU A CB  1 
ATOM   476  C CG  . LEU A 1 60 ? 6.487   13.112  11.098  1.00 56.72 ? 60   LEU A CG  1 
ATOM   477  C CD1 . LEU A 1 60 ? 7.674   12.181  10.871  1.00 56.59 ? 60   LEU A CD1 1 
ATOM   478  C CD2 . LEU A 1 60 ? 5.521   12.551  12.140  1.00 45.03 ? 60   LEU A CD2 1 
ATOM   479  N N   . ARG A 1 61 ? 7.052   16.890  13.419  1.00 50.64 ? 61   ARG A N   1 
ATOM   480  C CA  . ARG A 1 61 ? 8.032   17.845  13.936  1.00 51.50 ? 61   ARG A CA  1 
ATOM   481  C C   . ARG A 1 61 ? 9.093   17.090  14.731  1.00 52.70 ? 61   ARG A C   1 
ATOM   482  O O   . ARG A 1 61 ? 8.859   15.969  15.198  1.00 48.97 ? 61   ARG A O   1 
ATOM   483  C CB  . ARG A 1 61 ? 7.376   18.945  14.780  1.00 50.87 ? 61   ARG A CB  1 
ATOM   484  C CG  . ARG A 1 61 ? 6.510   18.453  15.919  1.00 55.89 ? 61   ARG A CG  1 
ATOM   485  C CD  . ARG A 1 61 ? 5.930   19.613  16.733  1.00 50.32 ? 61   ARG A CD  1 
ATOM   486  N NE  . ARG A 1 61 ? 5.143   19.137  17.875  1.00 49.25 ? 61   ARG A NE  1 
ATOM   487  C CZ  . ARG A 1 61 ? 5.632   18.853  19.084  1.00 62.45 ? 61   ARG A CZ  1 
ATOM   488  N NH1 . ARG A 1 61 ? 6.925   18.996  19.353  1.00 60.81 ? 61   ARG A NH1 1 
ATOM   489  N NH2 . ARG A 1 61 ? 4.815   18.428  20.046  1.00 49.07 ? 61   ARG A NH2 1 
ATOM   490  N N   . GLU A 1 62 ? 10.257  17.715  14.871  1.00 54.76 ? 62   GLU A N   1 
ATOM   491  C CA  . GLU A 1 62 ? 11.431  17.060  15.429  1.00 55.86 ? 62   GLU A CA  1 
ATOM   492  C C   . GLU A 1 62 ? 12.019  17.862  16.587  1.00 55.49 ? 62   GLU A C   1 
ATOM   493  O O   . GLU A 1 62 ? 12.774  18.810  16.376  1.00 54.98 ? 62   GLU A O   1 
ATOM   494  C CB  . GLU A 1 62 ? 12.472  16.873  14.325  1.00 57.54 ? 62   GLU A CB  1 
ATOM   495  C CG  . GLU A 1 62 ? 13.521  15.824  14.612  1.00 56.30 ? 62   GLU A CG  1 
ATOM   496  C CD  . GLU A 1 62 ? 14.437  15.600  13.427  1.00 56.78 ? 62   GLU A CD  1 
ATOM   497  O OE1 . GLU A 1 62 ? 15.176  16.541  13.061  1.00 64.82 ? 62   GLU A OE1 1 
ATOM   498  O OE2 . GLU A 1 62 ? 14.420  14.485  12.865  1.00 50.26 ? 62   GLU A OE2 1 
ATOM   499  N N   . GLU A 1 63 ? 11.658  17.481  17.809  1.00 55.96 ? 63   GLU A N   1 
ATOM   500  C CA  . GLU A 1 63 ? 12.246  18.080  19.004  1.00 57.58 ? 63   GLU A CA  1 
ATOM   501  C C   . GLU A 1 63 ? 13.606  17.460  19.294  1.00 56.82 ? 63   GLU A C   1 
ATOM   502  O O   . GLU A 1 63 ? 13.766  16.244  19.212  1.00 56.49 ? 63   GLU A O   1 
ATOM   503  C CB  . GLU A 1 63 ? 11.345  17.880  20.224  1.00 57.45 ? 63   GLU A CB  1 
ATOM   504  C CG  . GLU A 1 63 ? 10.043  18.667  20.184  1.00 62.92 ? 63   GLU A CG  1 
ATOM   505  C CD  . GLU A 1 63 ? 9.444   18.893  21.569  1.00 59.88 ? 63   GLU A CD  1 
ATOM   506  O OE1 . GLU A 1 63 ? 9.705   18.083  22.484  1.00 83.57 ? 63   GLU A OE1 1 
ATOM   507  O OE2 . GLU A 1 63 ? 8.705   19.887  21.743  1.00 85.08 ? 63   GLU A OE2 1 
ATOM   508  N N   . GLU A 1 64 ? 14.583  18.297  19.634  1.00 57.31 ? 64   GLU A N   1 
ATOM   509  C CA  . GLU A 1 64 ? 15.851  17.802  20.157  1.00 58.08 ? 64   GLU A CA  1 
ATOM   510  C C   . GLU A 1 64 ? 15.677  17.429  21.623  1.00 57.62 ? 64   GLU A C   1 
ATOM   511  O O   . GLU A 1 64 ? 14.859  18.017  22.332  1.00 57.24 ? 64   GLU A O   1 
ATOM   512  C CB  . GLU A 1 64 ? 16.978  18.835  20.004  1.00 57.86 ? 64   GLU A CB  1 
ATOM   513  C CG  . GLU A 1 64 ? 17.829  18.657  18.745  1.00 63.31 ? 64   GLU A CG  1 
ATOM   514  C CD  . GLU A 1 64 ? 18.735  17.424  18.785  1.00 83.37 ? 64   GLU A CD  1 
ATOM   515  O OE1 . GLU A 1 64 ? 18.697  16.659  19.773  1.00 91.95 ? 64   GLU A OE1 1 
ATOM   516  O OE2 . GLU A 1 64 ? 19.498  17.221  17.817  1.00 91.09 ? 64   GLU A OE2 1 
ATOM   517  N N   . ALA A 1 65 ? 16.449  16.441  22.062  1.00 58.25 ? 65   ALA A N   1 
ATOM   518  C CA  . ALA A 1 65 ? 16.428  15.985  23.447  1.00 58.79 ? 65   ALA A CA  1 
ATOM   519  C C   . ALA A 1 65 ? 17.474  14.891  23.641  1.00 58.66 ? 65   ALA A C   1 
ATOM   520  O O   . ALA A 1 65 ? 17.843  14.219  22.687  1.00 60.20 ? 65   ALA A O   1 
ATOM   521  C CB  . ALA A 1 65 ? 15.047  15.450  23.805  1.00 58.11 ? 65   ALA A CB  1 
ATOM   522  N N   . PRO A 1 66 ? 18.025  14.763  24.853  1.00 59.46 ? 66   PRO A N   1 
ATOM   523  C CA  . PRO A 1 66 ? 18.514  13.460  25.301  1.00 59.71 ? 66   PRO A CA  1 
ATOM   524  C C   . PRO A 1 66 ? 17.334  12.598  25.773  1.00 60.03 ? 66   PRO A C   1 
ATOM   525  O O   . PRO A 1 66 ? 16.462  13.113  26.479  1.00 61.14 ? 66   PRO A O   1 
ATOM   526  C CB  . PRO A 1 66 ? 19.448  13.817  26.468  1.00 59.63 ? 66   PRO A CB  1 
ATOM   527  C CG  . PRO A 1 66 ? 19.655  15.317  26.374  1.00 59.87 ? 66   PRO A CG  1 
ATOM   528  C CD  . PRO A 1 66 ? 18.369  15.823  25.811  1.00 58.55 ? 66   PRO A CD  1 
ATOM   529  N N   . ASP A 1 67 ? 17.284  11.311  25.414  1.00 59.30 ? 67   ASP A N   1 
ATOM   530  C CA  . ASP A 1 67 ? 18.400  10.567  24.796  1.00 57.75 ? 67   ASP A CA  1 
ATOM   531  C C   . ASP A 1 67 ? 18.320  10.482  23.254  1.00 56.75 ? 67   ASP A C   1 
ATOM   532  O O   . ASP A 1 67 ? 18.712  9.476   22.653  1.00 58.02 ? 67   ASP A O   1 
ATOM   533  C CB  . ASP A 1 67 ? 18.532  9.160   25.425  1.00 58.59 ? 67   ASP A CB  1 
ATOM   534  C CG  . ASP A 1 67 ? 17.238  8.662   26.057  1.00 63.10 ? 67   ASP A CG  1 
ATOM   535  O OD1 . ASP A 1 67 ? 16.905  9.134   27.169  1.00 80.61 ? 67   ASP A OD1 1 
ATOM   536  O OD2 . ASP A 1 67 ? 16.569  7.794   25.452  1.00 45.03 ? 67   ASP A OD2 1 
ATOM   537  N N   . GLY A 1 68 ? 17.829  11.544  22.617  1.00 53.98 ? 68   GLY A N   1 
ATOM   538  C CA  . GLY A 1 68 ? 17.825  11.643  21.158  1.00 51.37 ? 68   GLY A CA  1 
ATOM   539  C C   . GLY A 1 68 ? 16.695  12.507  20.628  1.00 49.54 ? 68   GLY A C   1 
ATOM   540  O O   . GLY A 1 68 ? 15.820  12.935  21.384  1.00 47.58 ? 68   GLY A O   1 
ATOM   541  N N   . LYS A 1 69 ? 16.723  12.768  19.323  1.00 46.52 ? 69   LYS A N   1 
ATOM   542  C CA  . LYS A 1 69 ? 15.642  13.493  18.657  1.00 46.86 ? 69   LYS A CA  1 
ATOM   543  C C   . LYS A 1 69 ? 14.314  12.752  18.811  1.00 44.09 ? 69   LYS A C   1 
ATOM   544  O O   . LYS A 1 69 ? 14.266  11.526  18.715  1.00 43.02 ? 69   LYS A O   1 
ATOM   545  C CB  . LYS A 1 69 ? 15.956  13.710  17.173  1.00 44.13 ? 69   LYS A CB  1 
ATOM   546  C CG  . LYS A 1 69 ? 16.768  14.964  16.913  1.00 48.65 ? 69   LYS A CG  1 
ATOM   547  C CD  . LYS A 1 69 ? 17.293  15.007  15.492  1.00 47.41 ? 69   LYS A CD  1 
ATOM   548  C CE  . LYS A 1 69 ? 17.929  16.349  15.171  1.00 46.72 ? 69   LYS A CE  1 
ATOM   549  N NZ  . LYS A 1 69 ? 18.037  16.562  13.705  1.00 56.70 ? 69   LYS A NZ  1 
ATOM   550  N N   . VAL A 1 70 ? 13.254  13.509  19.072  1.00 44.06 ? 70   VAL A N   1 
ATOM   551  C CA  . VAL A 1 70 ? 11.919  12.951  19.253  1.00 44.60 ? 70   VAL A CA  1 
ATOM   552  C C   . VAL A 1 70 ? 11.025  13.396  18.104  1.00 45.30 ? 70   VAL A C   1 
ATOM   553  O O   . VAL A 1 70 ? 11.028  14.566  17.720  1.00 46.12 ? 70   VAL A O   1 
ATOM   554  C CB  . VAL A 1 70 ? 11.282  13.405  20.585  1.00 46.05 ? 70   VAL A CB  1 
ATOM   555  C CG1 . VAL A 1 70 ? 10.016  12.605  20.863  1.00 42.40 ? 70   VAL A CG1 1 
ATOM   556  C CG2 . VAL A 1 70 ? 12.273  13.257  21.737  1.00 36.60 ? 70   VAL A CG2 1 
ATOM   557  N N   . LEU A 1 71 ? 10.269  12.451  17.555  1.00 45.36 ? 71   LEU A N   1 
ATOM   558  C CA  . LEU A 1 71 ? 9.324   12.725  16.476  1.00 46.49 ? 71   LEU A CA  1 
ATOM   559  C C   . LEU A 1 71 ? 7.936   12.953  17.061  1.00 46.80 ? 71   LEU A C   1 
ATOM   560  O O   . LEU A 1 71 ? 7.552   12.313  18.041  1.00 45.86 ? 71   LEU A O   1 
ATOM   561  C CB  . LEU A 1 71 ? 9.289   11.558  15.484  1.00 44.23 ? 71   LEU A CB  1 
ATOM   562  C CG  . LEU A 1 71 ? 10.357  11.516  14.383  1.00 47.60 ? 71   LEU A CG  1 
ATOM   563  C CD1 . LEU A 1 71 ? 11.652  12.170  14.804  1.00 48.12 ? 71   LEU A CD1 1 
ATOM   564  C CD2 . LEU A 1 71 ? 10.605  10.084  13.939  1.00 47.02 ? 71   LEU A CD2 1 
ATOM   565  N N   . PHE A 1 72 ? 7.195   13.876  16.458  1.00 48.69 ? 72   PHE A N   1 
ATOM   566  C CA  . PHE A 1 72 ? 5.833   14.184  16.883  1.00 49.25 ? 72   PHE A CA  1 
ATOM   567  C C   . PHE A 1 72 ? 4.939   14.345  15.673  1.00 48.98 ? 72   PHE A C   1 
ATOM   568  O O   . PHE A 1 72 ? 5.273   15.080  14.747  1.00 48.69 ? 72   PHE A O   1 
ATOM   569  C CB  . PHE A 1 72 ? 5.800   15.486  17.675  1.00 51.53 ? 72   PHE A CB  1 
ATOM   570  C CG  . PHE A 1 72 ? 6.201   15.342  19.108  1.00 50.46 ? 72   PHE A CG  1 
ATOM   571  C CD1 . PHE A 1 72 ? 5.262   15.010  20.073  1.00 61.29 ? 72   PHE A CD1 1 
ATOM   572  C CD2 . PHE A 1 72 ? 7.515   15.566  19.499  1.00 58.25 ? 72   PHE A CD2 1 
ATOM   573  C CE1 . PHE A 1 72 ? 5.623   14.890  21.403  1.00 62.19 ? 72   PHE A CE1 1 
ATOM   574  C CE2 . PHE A 1 72 ? 7.886   15.449  20.828  1.00 56.55 ? 72   PHE A CE2 1 
ATOM   575  C CZ  . PHE A 1 72 ? 6.941   15.112  21.780  1.00 53.64 ? 72   PHE A CZ  1 
ATOM   576  N N   . LEU A 1 73 ? 3.804   13.657  15.688  1.00 51.53 ? 73   LEU A N   1 
ATOM   577  C CA  . LEU A 1 73 ? 2.802   13.804  14.644  1.00 50.83 ? 73   LEU A CA  1 
ATOM   578  C C   . LEU A 1 73 ? 2.022   15.085  14.918  1.00 49.87 ? 73   LEU A C   1 
ATOM   579  O O   . LEU A 1 73 ? 1.491   15.275  16.015  1.00 48.83 ? 73   LEU A O   1 
ATOM   580  C CB  . LEU A 1 73 ? 1.871   12.589  14.636  1.00 53.99 ? 73   LEU A CB  1 
ATOM   581  C CG  . LEU A 1 73 ? 0.965   12.362  13.424  1.00 54.97 ? 73   LEU A CG  1 
ATOM   582  C CD1 . LEU A 1 73 ? 1.772   12.209  12.150  1.00 49.52 ? 73   LEU A CD1 1 
ATOM   583  C CD2 . LEU A 1 73 ? 0.108   11.135  13.664  1.00 52.37 ? 73   LEU A CD2 1 
ATOM   584  N N   . THR A 1 74 ? 1.974   15.971  13.931  1.00 49.04 ? 74   THR A N   1 
ATOM   585  C CA  . THR A 1 74 ? 1.256   17.235  14.068  1.00 49.61 ? 74   THR A CA  1 
ATOM   586  C C   . THR A 1 74 ? -0.251  17.004  13.932  1.00 49.82 ? 74   THR A C   1 
ATOM   587  O O   . THR A 1 74 ? -0.697  15.878  13.675  1.00 51.55 ? 74   THR A O   1 
ATOM   588  C CB  . THR A 1 74 ? 1.711   18.242  12.995  1.00 49.06 ? 74   THR A CB  1 
ATOM   589  O OG1 . THR A 1 74 ? 1.501   17.678  11.697  1.00 49.83 ? 74   THR A OG1 1 
ATOM   590  C CG2 . THR A 1 74 ? 3.188   18.582  13.161  1.00 48.10 ? 74   THR A CG2 1 
ATOM   591  N N   . GLU A 1 75 ? -1.035  18.063  14.112  1.00 49.74 ? 75   GLU A N   1 
ATOM   592  C CA  . GLU A 1 75 ? -2.470  18.002  13.842  1.00 49.51 ? 75   GLU A CA  1 
ATOM   593  C C   . GLU A 1 75 ? -2.695  17.736  12.357  1.00 48.35 ? 75   GLU A C   1 
ATOM   594  O O   . GLU A 1 75 ? -3.502  16.885  11.993  1.00 49.59 ? 75   GLU A O   1 
ATOM   595  C CB  . GLU A 1 75 ? -3.177  19.293  14.275  1.00 51.18 ? 75   GLU A CB  1 
ATOM   596  C CG  . GLU A 1 75 ? -3.336  19.420  15.783  1.00 50.60 ? 75   GLU A CG  1 
ATOM   597  C CD  . GLU A 1 75 ? -4.353  20.465  16.191  1.00 50.91 ? 75   GLU A CD  1 
ATOM   598  O OE1 . GLU A 1 75 ? -4.691  21.348  15.369  1.00 55.29 ? 75   GLU A OE1 1 
ATOM   599  O OE2 . GLU A 1 75 ? -4.816  20.410  17.352  1.00 62.92 ? 75   GLU A OE2 1 
ATOM   600  N N   . LYS A 1 76 ? -1.959  18.453  11.510  1.00 49.09 ? 76   LYS A N   1 
ATOM   601  C CA  . LYS A 1 76 ? -1.940  18.181  10.072  1.00 48.52 ? 76   LYS A CA  1 
ATOM   602  C C   . LYS A 1 76 ? -1.569  16.726  9.805   1.00 48.46 ? 76   LYS A C   1 
ATOM   603  O O   . LYS A 1 76 ? -2.239  16.043  9.035   1.00 48.78 ? 76   LYS A O   1 
ATOM   604  C CB  . LYS A 1 76 ? -0.944  19.102  9.352   1.00 47.96 ? 76   LYS A CB  1 
ATOM   605  C CG  . LYS A 1 76 ? -0.932  18.937  7.831   1.00 48.91 ? 76   LYS A CG  1 
ATOM   606  C CD  . LYS A 1 76 ? -0.010  19.937  7.145   1.00 45.54 ? 76   LYS A CD  1 
ATOM   607  C CE  . LYS A 1 76 ? 0.009   19.713  5.637   1.00 42.48 ? 76   LYS A CE  1 
ATOM   608  N NZ  . LYS A 1 76 ? 1.138   20.406  4.962   1.00 52.17 ? 76   LYS A NZ  1 
ATOM   609  N N   . GLY A 1 77 ? -0.492  16.265  10.442  1.00 47.42 ? 77   GLY A N   1 
ATOM   610  C CA  . GLY A 1 77 ? -0.051  14.879  10.312  1.00 47.96 ? 77   GLY A CA  1 
ATOM   611  C C   . GLY A 1 77 ? -1.148  13.887  10.657  1.00 47.23 ? 77   GLY A C   1 
ATOM   612  O O   . GLY A 1 77 ? -1.397  12.944  9.904   1.00 46.85 ? 77   GLY A O   1 
ATOM   613  N N   . MET A 1 78 ? -1.807  14.118  11.791  1.00 46.66 ? 78   MET A N   1 
ATOM   614  C CA  . MET A 1 78 ? -2.872  13.240  12.281  1.00 47.01 ? 78   MET A CA  1 
ATOM   615  C C   . MET A 1 78 ? -4.066  13.177  11.323  1.00 45.93 ? 78   MET A C   1 
ATOM   616  O O   . MET A 1 78 ? -4.645  12.111  11.135  1.00 46.30 ? 78   MET A O   1 
ATOM   617  C CB  . MET A 1 78 ? -3.331  13.697  13.677  1.00 46.04 ? 78   MET A CB  1 
ATOM   618  C CG  . MET A 1 78 ? -4.381  12.798  14.354  1.00 50.40 ? 78   MET A CG  1 
ATOM   619  S SD  . MET A 1 78 ? -3.807  11.134  14.784  1.00 57.98 ? 78   MET A SD  1 
ATOM   620  C CE  . MET A 1 78 ? -5.227  10.479  15.660  1.00 55.47 ? 78   MET A CE  1 
ATOM   621  N N   . LYS A 1 79 ? -4.427  14.318  10.737  1.00 46.30 ? 79   LYS A N   1 
ATOM   622  C CA  . LYS A 1 79 ? -5.524  14.398  9.773   1.00 46.15 ? 79   LYS A CA  1 
ATOM   623  C C   . LYS A 1 79 ? -5.179  13.632  8.497   1.00 47.78 ? 79   LYS A C   1 
ATOM   624  O O   . LYS A 1 79 ? -6.028  12.953  7.918   1.00 47.27 ? 79   LYS A O   1 
ATOM   625  C CB  . LYS A 1 79 ? -5.828  15.859  9.423   1.00 47.02 ? 79   LYS A CB  1 
ATOM   626  C CG  . LYS A 1 79 ? -7.117  16.051  8.632   1.00 48.69 ? 79   LYS A CG  1 
ATOM   627  C CD  . LYS A 1 79 ? -7.219  17.437  8.021   1.00 48.52 ? 79   LYS A CD  1 
ATOM   628  C CE  . LYS A 1 79 ? -8.398  17.521  7.062   1.00 60.62 ? 79   LYS A CE  1 
ATOM   629  N NZ  . LYS A 1 79 ? -8.526  18.863  6.429   1.00 50.60 ? 79   LYS A NZ  1 
ATOM   630  N N   . GLU A 1 80 ? -3.925  13.748  8.072   1.00 46.61 ? 80   GLU A N   1 
ATOM   631  C CA  . GLU A 1 80 ? -3.453  13.094  6.857   1.00 46.81 ? 80   GLU A CA  1 
ATOM   632  C C   . GLU A 1 80 ? -3.430  11.568  7.046   1.00 47.46 ? 80   GLU A C   1 
ATOM   633  O O   . GLU A 1 80 ? -3.762  10.821  6.124   1.00 52.35 ? 80   GLU A O   1 
ATOM   634  C CB  . GLU A 1 80 ? -2.065  13.621  6.470   1.00 46.28 ? 80   GLU A CB  1 
ATOM   635  C CG  . GLU A 1 80 ? -1.759  13.585  4.970   1.00 48.89 ? 80   GLU A CG  1 
ATOM   636  C CD  . GLU A 1 80 ? -1.925  14.928  4.276   1.00 53.11 ? 80   GLU A CD  1 
ATOM   637  O OE1 . GLU A 1 80 ? -1.411  15.943  4.794   1.00 56.52 ? 80   GLU A OE1 1 
ATOM   638  O OE2 . GLU A 1 80 ? -2.548  14.964  3.194   1.00 61.43 ? 80   GLU A OE2 1 
ATOM   639  N N   . PHE A 1 81 ? -3.062  11.110  8.241   1.00 49.93 ? 81   PHE A N   1 
ATOM   640  C CA  . PHE A 1 81 ? -3.122  9.683   8.553   1.00 49.63 ? 81   PHE A CA  1 
ATOM   641  C C   . PHE A 1 81 ? -4.558  9.166   8.551   1.00 49.62 ? 81   PHE A C   1 
ATOM   642  O O   . PHE A 1 81 ? -4.847  8.128   7.956   1.00 50.65 ? 81   PHE A O   1 
ATOM   643  C CB  . PHE A 1 81 ? -2.487  9.353   9.910   1.00 53.39 ? 81   PHE A CB  1 
ATOM   644  C CG  . PHE A 1 81 ? -2.773  7.945   10.364  1.00 53.29 ? 81   PHE A CG  1 
ATOM   645  C CD1 . PHE A 1 81 ? -2.118  6.876   9.781   1.00 61.70 ? 81   PHE A CD1 1 
ATOM   646  C CD2 . PHE A 1 81 ? -3.746  7.689   11.323  1.00 55.91 ? 81   PHE A CD2 1 
ATOM   647  C CE1 . PHE A 1 81 ? -2.403  5.574   10.161  1.00 50.60 ? 81   PHE A CE1 1 
ATOM   648  C CE2 . PHE A 1 81 ? -4.037  6.393   11.714  1.00 60.60 ? 81   PHE A CE2 1 
ATOM   649  C CZ  . PHE A 1 81 ? -3.364  5.330   11.135  1.00 50.70 ? 81   PHE A CZ  1 
ATOM   650  N N   . GLU A 1 82 ? -5.451  9.873   9.235   1.00 49.63 ? 82   GLU A N   1 
ATOM   651  C CA  . GLU A 1 82 ? -6.843  9.448   9.304   1.00 50.01 ? 82   GLU A CA  1 
ATOM   652  C C   . GLU A 1 82 ? -7.420  9.285   7.898   1.00 47.60 ? 82   GLU A C   1 
ATOM   653  O O   . GLU A 1 82 ? -8.038  8.269   7.603   1.00 48.67 ? 82   GLU A O   1 
ATOM   654  C CB  . GLU A 1 82 ? -7.691  10.428  10.128  1.00 50.10 ? 82   GLU A CB  1 
ATOM   655  C CG  . GLU A 1 82 ? -7.357  10.484  11.622  1.00 52.62 ? 82   GLU A CG  1 
ATOM   656  C CD  . GLU A 1 82 ? -7.562  9.165   12.356  1.00 79.57 ? 82   GLU A CD  1 
ATOM   657  O OE1 . GLU A 1 82 ? -8.339  8.312   11.874  1.00 89.52 ? 82   GLU A OE1 1 
ATOM   658  O OE2 . GLU A 1 82 ? -6.941  8.985   13.427  1.00 60.26 ? 82   GLU A OE2 1 
ATOM   659  N N   . GLU A 1 83 ? -7.198  10.272  7.032   1.00 49.42 ? 83   GLU A N   1 
ATOM   660  C CA  . GLU A 1 83 ? -7.710  10.225  5.654   1.00 49.85 ? 83   GLU A CA  1 
ATOM   661  C C   . GLU A 1 83 ? -7.190  8.993   4.913   1.00 48.82 ? 83   GLU A C   1 
ATOM   662  O O   . GLU A 1 83 ? -7.951  8.263   4.278   1.00 45.74 ? 83   GLU A O   1 
ATOM   663  C CB  . GLU A 1 83 ? -7.302  11.482  4.873   1.00 49.54 ? 83   GLU A CB  1 
ATOM   664  C CG  . GLU A 1 83 ? -8.076  12.740  5.236   1.00 52.27 ? 83   GLU A CG  1 
ATOM   665  C CD  . GLU A 1 83 ? -7.513  14.000  4.584   1.00 54.17 ? 83   GLU A CD  1 
ATOM   666  O OE1 . GLU A 1 83 ? -6.276  14.108  4.430   1.00 71.54 ? 83   GLU A OE1 1 
ATOM   667  O OE2 . GLU A 1 83 ? -8.314  14.893  4.238   1.00 62.05 ? 83   GLU A OE2 1 
ATOM   668  N N   . LEU A 1 84 ? -5.887  8.776   5.000   1.00 47.01 ? 84   LEU A N   1 
ATOM   669  C CA  . LEU A 1 84 ? -5.257  7.662   4.300   1.00 49.91 ? 84   LEU A CA  1 
ATOM   670  C C   . LEU A 1 84 ? -5.690  6.328   4.907   1.00 47.16 ? 84   LEU A C   1 
ATOM   671  O O   . LEU A 1 84 ? -5.938  5.362   4.193   1.00 47.02 ? 84   LEU A O   1 
ATOM   672  C CB  . LEU A 1 84 ? -3.730  7.811   4.330   1.00 47.00 ? 84   LEU A CB  1 
ATOM   673  C CG  . LEU A 1 84 ? -2.927  6.970   3.334   1.00 51.91 ? 84   LEU A CG  1 
ATOM   674  C CD1 . LEU A 1 84 ? -3.510  7.018   1.920   1.00 47.28 ? 84   LEU A CD1 1 
ATOM   675  C CD2 . LEU A 1 84 ? -1.469  7.427   3.339   1.00 50.00 ? 84   LEU A CD2 1 
ATOM   676  N N   . HIS A 1 85 ? -5.783  6.289   6.232   1.00 49.06 ? 85   HIS A N   1 
ATOM   677  C CA  . HIS A 1 85 ? -6.268  5.113   6.929   1.00 48.40 ? 85   HIS A CA  1 
ATOM   678  C C   . HIS A 1 85 ? -7.692  4.758   6.494   1.00 48.36 ? 85   HIS A C   1 
ATOM   679  O O   . HIS A 1 85 ? -7.959  3.613   6.139   1.00 49.47 ? 85   HIS A O   1 
ATOM   680  C CB  . HIS A 1 85 ? -6.213  5.322   8.435   1.00 44.12 ? 85   HIS A CB  1 
ATOM   681  C CG  . HIS A 1 85 ? -6.738  4.161   9.213   1.00 49.40 ? 85   HIS A CG  1 
ATOM   682  N ND1 . HIS A 1 85 ? -6.251  2.883   9.053   1.00 51.90 ? 85   HIS A ND1 1 
ATOM   683  C CD2 . HIS A 1 85 ? -7.711  4.082   10.152  1.00 57.20 ? 85   HIS A CD2 1 
ATOM   684  C CE1 . HIS A 1 85 ? -6.905  2.065   9.860   1.00 40.06 ? 85   HIS A CE1 1 
ATOM   685  N NE2 . HIS A 1 85 ? -7.792  2.768   10.539  1.00 49.80 ? 85   HIS A NE2 1 
ATOM   686  N N   . GLU A 1 86 ? -8.599  5.732   6.505   1.00 46.86 ? 86   GLU A N   1 
ATOM   687  C CA  . GLU A 1 86 ? -9.972  5.478   6.053   1.00 49.00 ? 86   GLU A CA  1 
ATOM   688  C C   . GLU A 1 86 ? -9.983  4.979   4.613   1.00 48.28 ? 86   GLU A C   1 
ATOM   689  O O   . GLU A 1 86 ? -10.749 4.075   4.267   1.00 50.93 ? 86   GLU A O   1 
ATOM   690  C CB  . GLU A 1 86 ? -10.856 6.729   6.165   1.00 44.75 ? 86   GLU A CB  1 
ATOM   691  C CG  . GLU A 1 86 ? -11.052 7.270   7.582   1.00 55.24 ? 86   GLU A CG  1 
ATOM   692  C CD  . GLU A 1 86 ? -11.812 6.332   8.511   1.00 84.62 ? 86   GLU A CD  1 
ATOM   693  O OE1 . GLU A 1 86 ? -12.520 5.421   8.027   1.00 71.09 ? 86   GLU A OE1 1 
ATOM   694  O OE2 . GLU A 1 86 ? -11.698 6.522   9.743   1.00 80.66 ? 86   GLU A OE2 1 
ATOM   695  N N   . PHE A 1 87 ? -9.135  5.567   3.777   1.00 49.04 ? 87   PHE A N   1 
ATOM   696  C CA  . PHE A 1 87 ? -9.055  5.174   2.378   1.00 49.43 ? 87   PHE A CA  1 
ATOM   697  C C   . PHE A 1 87 ? -8.616  3.702   2.256   1.00 50.08 ? 87   PHE A C   1 
ATOM   698  O O   . PHE A 1 87 ? -9.309  2.907   1.637   1.00 50.98 ? 87   PHE A O   1 
ATOM   699  C CB  . PHE A 1 87 ? -8.131  6.129   1.614   1.00 51.03 ? 87   PHE A CB  1 
ATOM   700  C CG  . PHE A 1 87 ? -7.860  5.720   0.189   1.00 51.58 ? 87   PHE A CG  1 
ATOM   701  C CD1 . PHE A 1 87 ? -8.837  5.857   -0.785  1.00 57.30 ? 87   PHE A CD1 1 
ATOM   702  C CD2 . PHE A 1 87 ? -6.615  5.223   -0.178  1.00 55.55 ? 87   PHE A CD2 1 
ATOM   703  C CE1 . PHE A 1 87 ? -8.586  5.492   -2.098  1.00 48.70 ? 87   PHE A CE1 1 
ATOM   704  C CE2 . PHE A 1 87 ? -6.357  4.859   -1.490  1.00 46.03 ? 87   PHE A CE2 1 
ATOM   705  C CZ  . PHE A 1 87 ? -7.346  4.994   -2.451  1.00 50.19 ? 87   PHE A CZ  1 
ATOM   706  N N   . PHE A 1 88 ? -7.492  3.333   2.866   1.00 48.99 ? 88   PHE A N   1 
ATOM   707  C CA  . PHE A 1 88 ? -7.029  1.932   2.829   1.00 49.32 ? 88   PHE A CA  1 
ATOM   708  C C   . PHE A 1 88 ? -7.995  0.938   3.489   1.00 50.34 ? 88   PHE A C   1 
ATOM   709  O O   . PHE A 1 88 ? -8.178  -0.174  3.004   1.00 53.11 ? 88   PHE A O   1 
ATOM   710  C CB  . PHE A 1 88 ? -5.665  1.785   3.513   1.00 47.29 ? 88   PHE A CB  1 
ATOM   711  C CG  . PHE A 1 88 ? -4.512  2.385   2.752   1.00 48.88 ? 88   PHE A CG  1 
ATOM   712  C CD1 . PHE A 1 88 ? -4.612  2.720   1.407   1.00 51.82 ? 88   PHE A CD1 1 
ATOM   713  C CD2 . PHE A 1 88 ? -3.300  2.583   3.392   1.00 42.34 ? 88   PHE A CD2 1 
ATOM   714  C CE1 . PHE A 1 88 ? -3.543  3.259   0.739   1.00 56.54 ? 88   PHE A CE1 1 
ATOM   715  C CE2 . PHE A 1 88 ? -2.229  3.122   2.721   1.00 56.45 ? 88   PHE A CE2 1 
ATOM   716  C CZ  . PHE A 1 88 ? -2.350  3.455   1.395   1.00 47.29 ? 88   PHE A CZ  1 
ATOM   717  N N   . LYS A 1 89 ? -8.596  1.339   4.600   1.00 49.03 ? 89   LYS A N   1 
ATOM   718  C CA  . LYS A 1 89 ? -9.454  0.454   5.382   1.00 51.50 ? 89   LYS A CA  1 
ATOM   719  C C   . LYS A 1 89 ? -10.668 -0.045  4.603   1.00 50.78 ? 89   LYS A C   1 
ATOM   720  O O   . LYS A 1 89 ? -11.049 -1.220  4.709   1.00 45.11 ? 89   LYS A O   1 
ATOM   721  C CB  . LYS A 1 89 ? -9.902  1.164   6.664   1.00 49.17 ? 89   LYS A CB  1 
ATOM   722  C CG  . LYS A 1 89 ? -10.586 0.272   7.673   1.00 53.73 ? 89   LYS A CG  1 
ATOM   723  C CD  . LYS A 1 89 ? -10.706 0.956   9.044   1.00 59.57 ? 89   LYS A CD  1 
ATOM   724  C CE  . LYS A 1 89 ? -11.833 1.993   9.094   1.00 72.78 ? 89   LYS A CE  1 
ATOM   725  N NZ  . LYS A 1 89 ? -13.183 1.377   9.243   1.00 58.58 ? 89   LYS A NZ  1 
ATOM   726  N N   . LYS A 1 90 ? -11.272 0.849   3.824   1.00 51.81 ? 90   LYS A N   1 
ATOM   727  C CA  A LYS A 1 90 ? -12.459 0.506   3.048   0.50 52.00 ? 90   LYS A CA  1 
ATOM   728  C CA  B LYS A 1 90 ? -12.456 0.499   3.043   0.50 52.05 ? 90   LYS A CA  1 
ATOM   729  C C   . LYS A 1 90 ? -12.100 -0.443  1.900   1.00 49.66 ? 90   LYS A C   1 
ATOM   730  O O   . LYS A 1 90 ? -12.885 -1.318  1.554   1.00 49.44 ? 90   LYS A O   1 
ATOM   731  C CB  A LYS A 1 90 ? -13.213 1.783   2.606   0.50 53.82 ? 90   LYS A CB  1 
ATOM   732  C CB  B LYS A 1 90 ? -13.176 1.751   2.525   0.50 53.94 ? 90   LYS A CB  1 
ATOM   733  C CG  A LYS A 1 90 ? -13.523 1.941   1.119   0.50 63.06 ? 90   LYS A CG  1 
ATOM   734  C CG  B LYS A 1 90 ? -12.422 2.542   1.465   0.50 63.70 ? 90   LYS A CG  1 
ATOM   735  C CD  A LYS A 1 90 ? -12.354 2.601   0.385   0.50 75.52 ? 90   LYS A CD  1 
ATOM   736  C CD  B LYS A 1 90 ? -12.734 2.089   0.035   0.50 74.40 ? 90   LYS A CD  1 
ATOM   737  C CE  A LYS A 1 90 ? -12.636 2.775   -1.093  0.50 61.31 ? 90   LYS A CE  1 
ATOM   738  C CE  B LYS A 1 90 ? -12.378 3.167   -0.968  0.50 61.80 ? 90   LYS A CE  1 
ATOM   739  N NZ  A LYS A 1 90 ? -13.039 1.494   -1.714  0.50 29.23 ? 90   LYS A NZ  1 
ATOM   740  N NZ  B LYS A 1 90 ? -11.111 3.860   -0.618  0.50 48.26 ? 90   LYS A NZ  1 
ATOM   741  N N   . ILE A 1 91 ? -10.902 -0.275  1.338   1.00 49.50 ? 91   ILE A N   1 
ATOM   742  C CA  . ILE A 1 91 ? -10.410 -1.143  0.270   1.00 47.44 ? 91   ILE A CA  1 
ATOM   743  C C   . ILE A 1 91 ? -10.064 -2.531  0.820   1.00 45.61 ? 91   ILE A C   1 
ATOM   744  O O   . ILE A 1 91 ? -10.516 -3.548  0.300   1.00 43.69 ? 91   ILE A O   1 
ATOM   745  C CB  . ILE A 1 91 ? -9.136  -0.559  -0.403  1.00 45.29 ? 91   ILE A CB  1 
ATOM   746  C CG1 . ILE A 1 91 ? -9.436  0.782   -1.084  1.00 49.14 ? 91   ILE A CG1 1 
ATOM   747  C CG2 . ILE A 1 91 ? -8.554  -1.551  -1.409  1.00 43.50 ? 91   ILE A CG2 1 
ATOM   748  C CD1 . ILE A 1 91 ? -8.200  1.531   -1.558  1.00 49.27 ? 91   ILE A CD1 1 
ATOM   749  N N   . VAL A 1 92 ? -9.279  -2.555  1.888   1.00 45.62 ? 92   VAL A N   1 
ATOM   750  C CA  . VAL A 1 92 ? -8.625  -3.777  2.354   1.00 46.68 ? 92   VAL A CA  1 
ATOM   751  C C   . VAL A 1 92 ? -9.455  -4.576  3.355   1.00 48.48 ? 92   VAL A C   1 
ATOM   752  O O   . VAL A 1 92 ? -9.526  -5.806  3.264   1.00 47.77 ? 92   VAL A O   1 
ATOM   753  C CB  . VAL A 1 92 ? -7.265  -3.442  2.986   1.00 44.56 ? 92   VAL A CB  1 
ATOM   754  C CG1 . VAL A 1 92 ? -6.645  -4.677  3.646   1.00 51.20 ? 92   VAL A CG1 1 
ATOM   755  C CG2 . VAL A 1 92 ? -6.336  -2.852  1.924   1.00 45.70 ? 92   VAL A CG2 1 
ATOM   756  N N   . CYS A 1 93 ? -10.078 -3.883  4.306   1.00 49.15 ? 93   CYS A N   1 
ATOM   757  C CA  . CYS A 1 93 ? -10.670 -4.548  5.455   1.00 49.09 ? 93   CYS A CA  1 
ATOM   758  C C   . CYS A 1 93 ? -12.144 -4.869  5.229   1.00 50.78 ? 93   CYS A C   1 
ATOM   759  O O   . CYS A 1 93 ? -12.962 -3.963  5.064   1.00 52.16 ? 93   CYS A O   1 
ATOM   760  C CB  . CYS A 1 93 ? -10.497 -3.700  6.714   1.00 50.61 ? 93   CYS A CB  1 
ATOM   761  S SG  . CYS A 1 93 ? -8.811  -3.118  7.005   1.00 47.70 ? 93   CYS A SG  1 
ATOM   762  N N   . HIS A 1 94 ? -12.464 -6.164  5.207   1.00 50.22 ? 94   HIS A N   1 
ATOM   763  C CA  . HIS A 1 94 ? -13.854 -6.648  5.238   1.00 53.14 ? 94   HIS A CA  1 
ATOM   764  C C   . HIS A 1 94 ? -14.693 -5.996  4.139   1.00 52.19 ? 94   HIS A C   1 
ATOM   765  O O   . HIS A 1 94 ? -15.818 -5.551  4.370   1.00 50.88 ? 94   HIS A O   1 
ATOM   766  C CB  . HIS A 1 94 ? -14.456 -6.378  6.624   1.00 51.73 ? 94   HIS A CB  1 
ATOM   767  C CG  . HIS A 1 94 ? -13.452 -6.462  7.731   1.00 58.79 ? 94   HIS A CG  1 
ATOM   768  N ND1 . HIS A 1 94 ? -13.000 -7.662  8.237   1.00 90.90 ? 94   HIS A ND1 1 
ATOM   769  C CD2 . HIS A 1 94 ? -12.787 -5.495  8.407   1.00 79.11 ? 94   HIS A CD2 1 
ATOM   770  C CE1 . HIS A 1 94 ? -12.111 -7.431  9.186   1.00 94.04 ? 94   HIS A CE1 1 
ATOM   771  N NE2 . HIS A 1 94 ? -11.964 -6.124  9.311   1.00 90.54 ? 94   HIS A NE2 1 
ATOM   772  N N   . HIS A 1 95 ? -14.134 -5.977  2.934   1.00 53.22 ? 95   HIS A N   1 
ATOM   773  C CA  . HIS A 1 95 ? -14.574 -5.054  1.896   1.00 55.30 ? 95   HIS A CA  1 
ATOM   774  C C   . HIS A 1 95 ? -16.028 -5.188  1.429   1.00 56.86 ? 95   HIS A C   1 
ATOM   775  O O   . HIS A 1 95 ? -16.881 -4.364  1.772   1.00 58.42 ? 95   HIS A O   1 
ATOM   776  C CB  . HIS A 1 95 ? -13.640 -5.121  0.674   1.00 55.90 ? 95   HIS A CB  1 
ATOM   777  C CG  . HIS A 1 95 ? -14.145 -4.343  -0.504  1.00 51.82 ? 95   HIS A CG  1 
ATOM   778  N ND1 . HIS A 1 95 ? -14.288 -2.975  -0.476  1.00 47.71 ? 95   HIS A ND1 1 
ATOM   779  C CD2 . HIS A 1 95 ? -14.577 -4.742  -1.724  1.00 55.05 ? 95   HIS A CD2 1 
ATOM   780  C CE1 . HIS A 1 95 ? -14.779 -2.563  -1.632  1.00 49.33 ? 95   HIS A CE1 1 
ATOM   781  N NE2 . HIS A 1 95 ? -14.962 -3.616  -2.406  1.00 47.54 ? 95   HIS A NE2 1 
ATOM   782  N N   . HIS A 1 96 ? -16.302 -6.251  0.686   1.00 58.58 ? 96   HIS A N   1 
ATOM   783  C CA  . HIS A 1 96 ? -17.308 -6.213  -0.385  1.00 60.95 ? 96   HIS A CA  1 
ATOM   784  C C   . HIS A 1 96 ? -18.676 -6.680  0.083   1.00 60.86 ? 96   HIS A C   1 
ATOM   785  O O   . HIS A 1 96 ? -19.599 -5.873  0.190   1.00 62.93 ? 96   HIS A O   1 
ATOM   786  C CB  . HIS A 1 96 ? -16.845 -7.009  -1.631  1.00 61.61 ? 96   HIS A CB  1 
ATOM   787  C CG  . HIS A 1 96 ? -15.765 -8.021  -1.362  1.00 70.09 ? 96   HIS A CG  1 
ATOM   788  N ND1 . HIS A 1 96 ? -14.986 -8.010  -0.222  1.00 90.88 ? 96   HIS A ND1 1 
ATOM   789  C CD2 . HIS A 1 96 ? -15.317 -9.060  -2.107  1.00 90.10 ? 96   HIS A CD2 1 
ATOM   790  C CE1 . HIS A 1 96 ? -14.124 -9.009  -0.263  1.00 83.60 ? 96   HIS A CE1 1 
ATOM   791  N NE2 . HIS A 1 96 ? -14.303 -9.661  -1.398  1.00 79.95 ? 96   HIS A NE2 1 
ATOM   792  N N   . MET B 1 1  ? 9.970   -9.113  7.387   1.00 49.92 ? 1    MET B N   1 
ATOM   793  C CA  . MET B 1 1  ? 9.502   -8.925  5.994   1.00 52.78 ? 1    MET B CA  1 
ATOM   794  C C   . MET B 1 1  ? 9.921   -7.535  5.508   1.00 50.20 ? 1    MET B C   1 
ATOM   795  O O   . MET B 1 1  ? 9.850   -6.568  6.257   1.00 47.86 ? 1    MET B O   1 
ATOM   796  C CB  . MET B 1 1  ? 7.979   -9.069  5.931   1.00 51.18 ? 1    MET B CB  1 
ATOM   797  C CG  . MET B 1 1  ? 7.444   -9.331  4.535   1.00 52.93 ? 1    MET B CG  1 
ATOM   798  S SD  . MET B 1 1  ? 5.643   -9.304  4.396   1.00 67.33 ? 1    MET B SD  1 
ATOM   799  C CE  . MET B 1 1  ? 5.159   -8.142  5.665   1.00 49.34 ? 1    MET B CE  1 
ATOM   800  N N   . LYS B 1 2  ? 10.379  -7.452  4.265   1.00 50.23 ? 2    LYS B N   1 
ATOM   801  C CA  . LYS B 1 2  ? 10.693  -6.171  3.638   1.00 51.27 ? 2    LYS B CA  1 
ATOM   802  C C   . LYS B 1 2  ? 9.556   -5.770  2.715   1.00 49.88 ? 2    LYS B C   1 
ATOM   803  O O   . LYS B 1 2  ? 8.796   -6.614  2.249   1.00 48.97 ? 2    LYS B O   1 
ATOM   804  C CB  . LYS B 1 2  ? 11.998  -6.253  2.837   1.00 52.34 ? 2    LYS B CB  1 
ATOM   805  C CG  . LYS B 1 2  ? 13.243  -6.420  3.693   1.00 48.99 ? 2    LYS B CG  1 
ATOM   806  C CD  . LYS B 1 2  ? 14.490  -6.467  2.837   1.00 50.16 ? 2    LYS B CD  1 
ATOM   807  C CE  . LYS B 1 2  ? 15.702  -6.884  3.657   1.00 59.78 ? 2    LYS B CE  1 
ATOM   808  N NZ  . LYS B 1 2  ? 15.998  -5.909  4.750   1.00 54.00 ? 2    LYS B NZ  1 
ATOM   809  N N   . ILE B 1 3  ? 9.446   -4.471  2.463   1.00 49.10 ? 3    ILE B N   1 
ATOM   810  C CA  . ILE B 1 3  ? 8.456   -3.948  1.535   1.00 49.88 ? 3    ILE B CA  1 
ATOM   811  C C   . ILE B 1 3  ? 8.857   -4.379  0.138   1.00 48.69 ? 3    ILE B C   1 
ATOM   812  O O   . ILE B 1 3  ? 10.012  -4.214  -0.251  1.00 50.20 ? 3    ILE B O   1 
ATOM   813  C CB  . ILE B 1 3  ? 8.380   -2.411  1.594   1.00 49.87 ? 3    ILE B CB  1 
ATOM   814  C CG1 . ILE B 1 3  ? 7.917   -1.949  2.984   1.00 50.57 ? 3    ILE B CG1 1 
ATOM   815  C CG2 . ILE B 1 3  ? 7.453   -1.873  0.494   1.00 48.45 ? 3    ILE B CG2 1 
ATOM   816  C CD1 . ILE B 1 3  ? 6.537   -2.397  3.355   1.00 42.93 ? 3    ILE B CD1 1 
ATOM   817  N N   . ARG B 1 4  ? 7.905   -4.934  -0.608  1.00 49.93 ? 4    ARG B N   1 
ATOM   818  C CA  A ARG B 1 4  ? 8.178   -5.437  -1.953  0.50 51.24 ? 4    ARG B CA  1 
ATOM   819  C CA  B ARG B 1 4  ? 8.161   -5.453  -1.954  0.50 51.21 ? 4    ARG B CA  1 
ATOM   820  C C   . ARG B 1 4  ? 7.360   -4.668  -2.984  1.00 50.67 ? 4    ARG B C   1 
ATOM   821  O O   . ARG B 1 4  ? 6.389   -3.993  -2.634  1.00 48.11 ? 4    ARG B O   1 
ATOM   822  C CB  A ARG B 1 4  ? 7.904   -6.942  -2.015  0.50 51.08 ? 4    ARG B CB  1 
ATOM   823  C CB  B ARG B 1 4  ? 7.810   -6.939  -2.019  0.50 50.88 ? 4    ARG B CB  1 
ATOM   824  C CG  A ARG B 1 4  ? 8.840   -7.744  -1.104  0.50 53.58 ? 4    ARG B CG  1 
ATOM   825  C CG  B ARG B 1 4  ? 8.705   -7.818  -1.147  0.50 54.60 ? 4    ARG B CG  1 
ATOM   826  C CD  A ARG B 1 4  ? 8.588   -9.246  -1.169  0.50 57.02 ? 4    ARG B CD  1 
ATOM   827  C CD  B ARG B 1 4  ? 8.412   -9.299  -1.359  0.50 56.35 ? 4    ARG B CD  1 
ATOM   828  N NE  A ARG B 1 4  ? 9.053   -9.837  -2.423  0.50 70.52 ? 4    ARG B NE  1 
ATOM   829  N NE  B ARG B 1 4  ? 7.128   -9.698  -0.778  0.50 57.53 ? 4    ARG B NE  1 
ATOM   830  C CZ  A ARG B 1 4  ? 10.325  -10.101 -2.723  0.50 61.34 ? 4    ARG B CZ  1 
ATOM   831  C CZ  B ARG B 1 4  ? 6.957   -10.200 0.446   0.50 46.04 ? 4    ARG B CZ  1 
ATOM   832  N NH1 A ARG B 1 4  ? 11.305  -9.827  -1.866  0.50 61.82 ? 4    ARG B NH1 1 
ATOM   833  N NH1 B ARG B 1 4  ? 7.989   -10.386 1.268   0.50 54.04 ? 4    ARG B NH1 1 
ATOM   834  N NH2 A ARG B 1 4  ? 10.619  -10.644 -3.898  0.50 61.45 ? 4    ARG B NH2 1 
ATOM   835  N NH2 B ARG B 1 4  ? 5.736   -10.524 0.854   0.50 59.20 ? 4    ARG B NH2 1 
ATOM   836  N N   . LYS B 1 5  ? 7.765   -4.773  -4.250  1.00 50.01 ? 5    LYS B N   1 
ATOM   837  C CA  . LYS B 1 5  ? 7.251   -3.902  -5.326  1.00 50.29 ? 5    LYS B CA  1 
ATOM   838  C C   . LYS B 1 5  ? 5.738   -3.874  -5.513  1.00 48.25 ? 5    LYS B C   1 
ATOM   839  O O   . LYS B 1 5  ? 5.183   -2.842  -5.887  1.00 51.23 ? 5    LYS B O   1 
ATOM   840  C CB  . LYS B 1 5  ? 7.928   -4.229  -6.669  1.00 51.67 ? 5    LYS B CB  1 
ATOM   841  C CG  . LYS B 1 5  ? 7.576   -5.583  -7.277  1.00 47.64 ? 5    LYS B CG  1 
ATOM   842  C CD  . LYS B 1 5  ? 8.366   -5.841  -8.559  1.00 50.83 ? 5    LYS B CD  1 
ATOM   843  C CE  . LYS B 1 5  ? 8.357   -7.320  -8.930  1.00 50.60 ? 5    LYS B CE  1 
ATOM   844  N NZ  . LYS B 1 5  ? 9.061   -7.608  -10.211 1.00 55.89 ? 5    LYS B NZ  1 
ATOM   845  N N   . TYR B 1 6  ? 5.063   -4.986  -5.256  1.00 48.38 ? 6    TYR B N   1 
ATOM   846  C CA  . TYR B 1 6  ? 3.613   -5.016  -5.448  1.00 49.43 ? 6    TYR B CA  1 
ATOM   847  C C   . TYR B 1 6  ? 2.815   -4.522  -4.231  1.00 51.83 ? 6    TYR B C   1 
ATOM   848  O O   . TYR B 1 6  ? 1.578   -4.519  -4.258  1.00 49.04 ? 6    TYR B O   1 
ATOM   849  C CB  . TYR B 1 6  ? 3.158   -6.401  -5.901  1.00 51.33 ? 6    TYR B CB  1 
ATOM   850  C CG  . TYR B 1 6  ? 3.676   -6.800  -7.279  1.00 51.39 ? 6    TYR B CG  1 
ATOM   851  C CD1 . TYR B 1 6  ? 4.195   -8.070  -7.507  1.00 50.90 ? 6    TYR B CD1 1 
ATOM   852  C CD2 . TYR B 1 6  ? 3.644   -5.903  -8.355  1.00 54.46 ? 6    TYR B CD2 1 
ATOM   853  C CE1 . TYR B 1 6  ? 4.668   -8.447  -8.772  1.00 51.95 ? 6    TYR B CE1 1 
ATOM   854  C CE2 . TYR B 1 6  ? 4.115   -6.266  -9.626  1.00 50.81 ? 6    TYR B CE2 1 
ATOM   855  C CZ  . TYR B 1 6  ? 4.625   -7.541  -9.827  1.00 55.45 ? 6    TYR B CZ  1 
ATOM   856  O OH  . TYR B 1 6  ? 5.103   -7.907  -11.071 1.00 46.56 ? 6    TYR B OH  1 
ATOM   857  N N   . MET B 1 7  ? 3.514   -4.054  -3.191  1.00 49.38 ? 7    MET B N   1 
ATOM   858  C CA  . MET B 1 7  ? 2.856   -3.527  -1.995  1.00 49.61 ? 7    MET B CA  1 
ATOM   859  C C   . MET B 1 7  ? 2.429   -2.088  -2.241  1.00 48.69 ? 7    MET B C   1 
ATOM   860  O O   . MET B 1 7  ? 2.914   -1.147  -1.622  1.00 51.84 ? 7    MET B O   1 
ATOM   861  C CB  . MET B 1 7  ? 3.748   -3.678  -0.760  1.00 44.87 ? 7    MET B CB  1 
ATOM   862  C CG  . MET B 1 7  ? 4.028   -5.145  -0.461  1.00 47.88 ? 7    MET B CG  1 
ATOM   863  S SD  . MET B 1 7  ? 5.043   -5.480  0.976   1.00 52.67 ? 7    MET B SD  1 
ATOM   864  C CE  . MET B 1 7  ? 5.007   -7.275  0.987   1.00 49.83 ? 7    MET B CE  1 
ATOM   865  N N   . ARG B 1 8  ? 1.515   -1.957  -3.190  1.00 50.17 ? 8    ARG B N   1 
ATOM   866  C CA  . ARG B 1 8  ? 0.889   -0.703  -3.567  1.00 51.29 ? 8    ARG B CA  1 
ATOM   867  C C   . ARG B 1 8  ? -0.592  -1.014  -3.722  1.00 50.80 ? 8    ARG B C   1 
ATOM   868  O O   . ARG B 1 8  ? -0.954  -2.088  -4.214  1.00 48.95 ? 8    ARG B O   1 
ATOM   869  C CB  . ARG B 1 8  ? 1.467   -0.198  -4.889  1.00 51.12 ? 8    ARG B CB  1 
ATOM   870  C CG  . ARG B 1 8  ? 2.960   0.085   -4.827  1.00 47.53 ? 8    ARG B CG  1 
ATOM   871  C CD  . ARG B 1 8  ? 3.537   0.314   -6.213  1.00 58.98 ? 8    ARG B CD  1 
ATOM   872  N NE  . ARG B 1 8  ? 3.019   1.524   -6.853  1.00 57.46 ? 8    ARG B NE  1 
ATOM   873  C CZ  . ARG B 1 8  ? 3.252   1.872   -8.119  1.00 66.72 ? 8    ARG B CZ  1 
ATOM   874  N NH1 . ARG B 1 8  ? 4.004   1.111   -8.906  1.00 60.50 ? 8    ARG B NH1 1 
ATOM   875  N NH2 . ARG B 1 8  ? 2.730   2.990   -8.606  1.00 66.08 ? 8    ARG B NH2 1 
ATOM   876  N N   . ILE B 1 9  ? -1.440  -0.085  -3.302  1.00 50.05 ? 9    ILE B N   1 
ATOM   877  C CA  . ILE B 1 9  ? -2.870  -0.318  -3.235  1.00 50.61 ? 9    ILE B CA  1 
ATOM   878  C C   . ILE B 1 9  ? -3.460  -0.648  -4.618  1.00 49.62 ? 9    ILE B C   1 
ATOM   879  O O   . ILE B 1 9  ? -4.358  -1.471  -4.724  1.00 48.58 ? 9    ILE B O   1 
ATOM   880  C CB  . ILE B 1 9  ? -3.599  0.876   -2.557  1.00 51.94 ? 9    ILE B CB  1 
ATOM   881  C CG1 . ILE B 1 9  ? -4.887  0.399   -1.881  1.00 60.50 ? 9    ILE B CG1 1 
ATOM   882  C CG2 . ILE B 1 9  ? -3.855  2.020   -3.544  1.00 48.21 ? 9    ILE B CG2 1 
ATOM   883  C CD1 . ILE B 1 9  ? -4.638  -0.544  -0.719  1.00 50.27 ? 9    ILE B CD1 1 
ATOM   884  N N   . ASN B 1 10 ? -2.924  -0.036  -5.671  1.00 50.19 ? 10   ASN B N   1 
ATOM   885  C CA  . ASN B 1 10 ? -3.462  -0.240  -7.009  1.00 51.11 ? 10   ASN B CA  1 
ATOM   886  C C   . ASN B 1 10 ? -3.193  -1.648  -7.537  1.00 52.84 ? 10   ASN B C   1 
ATOM   887  O O   . ASN B 1 10 ? -4.023  -2.207  -8.256  1.00 51.53 ? 10   ASN B O   1 
ATOM   888  C CB  . ASN B 1 10 ? -2.936  0.826   -7.971  1.00 50.12 ? 10   ASN B CB  1 
ATOM   889  C CG  . ASN B 1 10 ? -3.671  2.152   -7.836  1.00 51.49 ? 10   ASN B CG  1 
ATOM   890  O OD1 . ASN B 1 10 ? -3.278  3.161   -8.429  1.00 55.11 ? 10   ASN B OD1 1 
ATOM   891  N ND2 . ASN B 1 10 ? -4.753  2.151   -7.076  1.00 42.88 ? 10   ASN B ND2 1 
ATOM   892  N N   . TYR B 1 11 ? -2.046  -2.223  -7.165  1.00 51.80 ? 11   TYR B N   1 
ATOM   893  C CA  . TYR B 1 11 ? -1.756  -3.617  -7.491  1.00 50.99 ? 11   TYR B CA  1 
ATOM   894  C C   . TYR B 1 11 ? -2.698  -4.544  -6.735  1.00 50.40 ? 11   TYR B C   1 
ATOM   895  O O   . TYR B 1 11 ? -3.240  -5.473  -7.314  1.00 49.60 ? 11   TYR B O   1 
ATOM   896  C CB  . TYR B 1 11 ? -0.304  -3.989  -7.169  1.00 51.53 ? 11   TYR B CB  1 
ATOM   897  C CG  . TYR B 1 11 ? 0.722   -3.528  -8.188  1.00 48.43 ? 11   TYR B CG  1 
ATOM   898  C CD1 . TYR B 1 11 ? 0.576   -3.824  -9.542  1.00 46.79 ? 11   TYR B CD1 1 
ATOM   899  C CD2 . TYR B 1 11 ? 1.852   -2.832  -7.796  1.00 49.30 ? 11   TYR B CD2 1 
ATOM   900  C CE1 . TYR B 1 11 ? 1.527   -3.427  -10.473 1.00 47.89 ? 11   TYR B CE1 1 
ATOM   901  C CE2 . TYR B 1 11 ? 2.818   -2.435  -8.721  1.00 49.57 ? 11   TYR B CE2 1 
ATOM   902  C CZ  . TYR B 1 11 ? 2.648   -2.737  -10.051 1.00 45.62 ? 11   TYR B CZ  1 
ATOM   903  O OH  . TYR B 1 11 ? 3.580   -2.331  -10.971 1.00 49.06 ? 11   TYR B OH  1 
ATOM   904  N N   . TYR B 1 12 ? -2.889  -4.288  -5.443  1.00 51.26 ? 12   TYR B N   1 
ATOM   905  C CA  . TYR B 1 12 ? -3.812  -5.085  -4.639  1.00 50.01 ? 12   TYR B CA  1 
ATOM   906  C C   . TYR B 1 12 ? -5.211  -5.030  -5.232  1.00 49.32 ? 12   TYR B C   1 
ATOM   907  O O   . TYR B 1 12 ? -5.864  -6.050  -5.401  1.00 48.23 ? 12   TYR B O   1 
ATOM   908  C CB  . TYR B 1 12 ? -3.846  -4.600  -3.187  1.00 49.30 ? 12   TYR B CB  1 
ATOM   909  C CG  . TYR B 1 12 ? -4.897  -5.311  -2.363  1.00 51.78 ? 12   TYR B CG  1 
ATOM   910  C CD1 . TYR B 1 12 ? -4.677  -6.602  -1.888  1.00 57.69 ? 12   TYR B CD1 1 
ATOM   911  C CD2 . TYR B 1 12 ? -6.125  -4.705  -2.085  1.00 46.35 ? 12   TYR B CD2 1 
ATOM   912  C CE1 . TYR B 1 12 ? -5.641  -7.268  -1.147  1.00 48.40 ? 12   TYR B CE1 1 
ATOM   913  C CE2 . TYR B 1 12 ? -7.097  -5.364  -1.352  1.00 42.39 ? 12   TYR B CE2 1 
ATOM   914  C CZ  . TYR B 1 12 ? -6.847  -6.653  -0.886  1.00 52.55 ? 12   TYR B CZ  1 
ATOM   915  O OH  . TYR B 1 12 ? -7.793  -7.316  -0.150  1.00 47.01 ? 12   TYR B OH  1 
ATOM   916  N N   . ILE B 1 13 ? -5.656  -3.828  -5.561  1.00 49.53 ? 13   ILE B N   1 
ATOM   917  C CA  . ILE B 1 13 ? -6.975  -3.633  -6.133  1.00 49.60 ? 13   ILE B CA  1 
ATOM   918  C C   . ILE B 1 13 ? -7.162  -4.393  -7.450  1.00 50.69 ? 13   ILE B C   1 
ATOM   919  O O   . ILE B 1 13 ? -8.193  -5.033  -7.650  1.00 51.42 ? 13   ILE B O   1 
ATOM   920  C CB  . ILE B 1 13 ? -7.264  -2.137  -6.329  1.00 48.42 ? 13   ILE B CB  1 
ATOM   921  C CG1 . ILE B 1 13 ? -7.551  -1.491  -4.976  1.00 45.34 ? 13   ILE B CG1 1 
ATOM   922  C CG2 . ILE B 1 13 ? -8.429  -1.945  -7.264  1.00 49.10 ? 13   ILE B CG2 1 
ATOM   923  C CD1 . ILE B 1 13 ? -7.502  0.009   -4.997  1.00 57.66 ? 13   ILE B CD1 1 
ATOM   924  N N   . ILE B 1 14 ? -6.169  -4.335  -8.337  1.00 49.73 ? 14   ILE B N   1 
ATOM   925  C CA  . ILE B 1 14 ? -6.226  -5.070  -9.602  1.00 48.35 ? 14   ILE B CA  1 
ATOM   926  C C   . ILE B 1 14 ? -6.363  -6.577  -9.358  1.00 51.24 ? 14   ILE B C   1 
ATOM   927  O O   . ILE B 1 14 ? -7.241  -7.224  -9.934  1.00 51.22 ? 14   ILE B O   1 
ATOM   928  C CB  . ILE B 1 14 ? -4.981  -4.813  -10.483 1.00 48.93 ? 14   ILE B CB  1 
ATOM   929  C CG1 . ILE B 1 14 ? -5.015  -3.384  -11.054 1.00 47.32 ? 14   ILE B CG1 1 
ATOM   930  C CG2 . ILE B 1 14 ? -4.913  -5.834  -11.610 1.00 47.32 ? 14   ILE B CG2 1 
ATOM   931  C CD1 . ILE B 1 14 ? -3.730  -2.951  -11.733 1.00 42.10 ? 14   ILE B CD1 1 
ATOM   932  N N   . LEU B 1 15 ? -5.495  -7.123  -8.511  1.00 50.16 ? 15   LEU B N   1 
ATOM   933  C CA  . LEU B 1 15 ? -5.526  -8.558  -8.178  1.00 51.24 ? 15   LEU B CA  1 
ATOM   934  C C   . LEU B 1 15 ? -6.827  -8.978  -7.490  1.00 51.15 ? 15   LEU B C   1 
ATOM   935  O O   . LEU B 1 15 ? -7.328  -10.079 -7.715  1.00 48.36 ? 15   LEU B O   1 
ATOM   936  C CB  . LEU B 1 15 ? -4.326  -8.931  -7.291  1.00 52.28 ? 15   LEU B CB  1 
ATOM   937  C CG  . LEU B 1 15 ? -3.056  -9.432  -7.992  1.00 56.63 ? 15   LEU B CG  1 
ATOM   938  C CD1 . LEU B 1 15 ? -2.890  -8.811  -9.356  1.00 50.97 ? 15   LEU B CD1 1 
ATOM   939  C CD2 . LEU B 1 15 ? -1.812  -9.208  -7.131  1.00 49.44 ? 15   LEU B CD2 1 
ATOM   940  N N   . LYS B 1 16 ? -7.361  -8.102  -6.643  1.00 51.64 ? 16   LYS B N   1 
ATOM   941  C CA  . LYS B 1 16 ? -8.589  -8.399  -5.911  1.00 51.56 ? 16   LYS B CA  1 
ATOM   942  C C   . LYS B 1 16 ? -9.783  -8.477  -6.860  1.00 52.43 ? 16   LYS B C   1 
ATOM   943  O O   . LYS B 1 16 ? -10.664 -9.323  -6.680  1.00 49.55 ? 16   LYS B O   1 
ATOM   944  C CB  . LYS B 1 16 ? -8.824  -7.352  -4.814  1.00 49.91 ? 16   LYS B CB  1 
ATOM   945  C CG  . LYS B 1 16 ? -10.089 -7.553  -3.950  1.00 48.72 ? 16   LYS B CG  1 
ATOM   946  C CD  . LYS B 1 16 ? -10.072 -8.855  -3.194  1.00 51.71 ? 16   LYS B CD  1 
ATOM   947  C CE  . LYS B 1 16 ? -11.288 -8.983  -2.274  1.00 61.06 ? 16   LYS B CE  1 
ATOM   948  N NZ  . LYS B 1 16 ? -11.449 -10.378 -1.775  1.00 74.81 ? 16   LYS B NZ  1 
ATOM   949  N N   . VAL B 1 17 ? -9.809  -7.595  -7.859  1.00 53.05 ? 17   VAL B N   1 
ATOM   950  C CA  . VAL B 1 17 ? -10.883 -7.576  -8.860  1.00 53.51 ? 17   VAL B CA  1 
ATOM   951  C C   . VAL B 1 17 ? -10.855 -8.842  -9.731  1.00 53.62 ? 17   VAL B C   1 
ATOM   952  O O   . VAL B 1 17 ? -11.906 -9.368  -10.102 1.00 55.11 ? 17   VAL B O   1 
ATOM   953  C CB  . VAL B 1 17 ? -10.835 -6.287  -9.725  1.00 55.30 ? 17   VAL B CB  1 
ATOM   954  C CG1 . VAL B 1 17 ? -11.644 -6.443  -11.018 1.00 55.15 ? 17   VAL B CG1 1 
ATOM   955  C CG2 . VAL B 1 17 ? -11.350 -5.106  -8.924  1.00 51.01 ? 17   VAL B CG2 1 
ATOM   956  N N   . LEU B 1 18 ? -9.656  -9.332  -10.033 1.00 51.42 ? 18   LEU B N   1 
ATOM   957  C CA  . LEU B 1 18 ? -9.495  -10.630 -10.702 1.00 51.05 ? 18   LEU B CA  1 
ATOM   958  C C   . LEU B 1 18 ? -10.030 -11.792 -9.858  1.00 47.66 ? 18   LEU B C   1 
ATOM   959  O O   . LEU B 1 18 ? -10.840 -12.580 -10.336 1.00 49.54 ? 18   LEU B O   1 
ATOM   960  C CB  . LEU B 1 18 ? -8.026  -10.873 -11.071 1.00 50.34 ? 18   LEU B CB  1 
ATOM   961  C CG  . LEU B 1 18 ? -7.646  -10.462 -12.496 1.00 54.39 ? 18   LEU B CG  1 
ATOM   962  C CD1 . LEU B 1 18 ? -8.176  -11.492 -13.480 1.00 44.99 ? 18   LEU B CD1 1 
ATOM   963  C CD2 . LEU B 1 18 ? -8.167  -9.067  -12.826 1.00 45.26 ? 18   LEU B CD2 1 
ATOM   964  N N   . VAL B 1 19 ? -9.582  -11.886 -8.609  1.00 47.48 ? 19   VAL B N   1 
ATOM   965  C CA  . VAL B 1 19 ? -10.055 -12.922 -7.675  1.00 48.90 ? 19   VAL B CA  1 
ATOM   966  C C   . VAL B 1 19 ? -11.575 -12.867 -7.480  1.00 49.21 ? 19   VAL B C   1 
ATOM   967  O O   . VAL B 1 19 ? -12.247 -13.898 -7.473  1.00 52.81 ? 19   VAL B O   1 
ATOM   968  C CB  . VAL B 1 19 ? -9.360  -12.796 -6.299  1.00 46.80 ? 19   VAL B CB  1 
ATOM   969  C CG1 . VAL B 1 19 ? -10.038 -13.679 -5.251  1.00 43.64 ? 19   VAL B CG1 1 
ATOM   970  C CG2 . VAL B 1 19 ? -7.889  -13.138 -6.421  1.00 51.46 ? 19   VAL B CG2 1 
ATOM   971  N N   . ILE B 1 20 ? -12.098 -11.655 -7.319  1.00 50.84 ? 20   ILE B N   1 
ATOM   972  C CA  . ILE B 1 20 ? -13.543 -11.402 -7.247  1.00 50.71 ? 20   ILE B CA  1 
ATOM   973  C C   . ILE B 1 20 ? -14.305 -11.985 -8.443  1.00 47.91 ? 20   ILE B C   1 
ATOM   974  O O   . ILE B 1 20 ? -15.408 -12.507 -8.288  1.00 42.02 ? 20   ILE B O   1 
ATOM   975  C CB  . ILE B 1 20 ? -13.825 -9.874  -7.166  1.00 48.79 ? 20   ILE B CB  1 
ATOM   976  C CG1 . ILE B 1 20 ? -13.778 -9.392  -5.715  1.00 63.02 ? 20   ILE B CG1 1 
ATOM   977  C CG2 . ILE B 1 20 ? -15.169 -9.534  -7.763  1.00 57.97 ? 20   ILE B CG2 1 
ATOM   978  C CD1 . ILE B 1 20 ? -13.850 -7.864  -5.564  1.00 54.35 ? 20   ILE B CD1 1 
ATOM   979  N N   . ASN B 1 21 ? -13.709 -11.882 -9.630  1.00 49.78 ? 21   ASN B N   1 
ATOM   980  C CA  . ASN B 1 21 ? -14.322 -12.359 -10.868 1.00 48.98 ? 21   ASN B CA  1 
ATOM   981  C C   . ASN B 1 21 ? -13.829 -13.753 -11.260 1.00 49.87 ? 21   ASN B C   1 
ATOM   982  O O   . ASN B 1 21 ? -13.800 -14.098 -12.439 1.00 51.47 ? 21   ASN B O   1 
ATOM   983  C CB  . ASN B 1 21 ? -14.060 -11.352 -11.995 1.00 50.02 ? 21   ASN B CB  1 
ATOM   984  C CG  . ASN B 1 21 ? -14.866 -10.073 -11.835 1.00 42.33 ? 21   ASN B CG  1 
ATOM   985  O OD1 . ASN B 1 21 ? -16.053 -10.035 -12.154 1.00 46.76 ? 21   ASN B OD1 1 
ATOM   986  N ND2 . ASN B 1 21 ? -14.223 -9.020  -11.335 1.00 48.04 ? 21   ASN B ND2 1 
ATOM   987  N N   . GLY B 1 22 ? -13.453 -14.552 -10.264 1.00 49.61 ? 22   GLY B N   1 
ATOM   988  C CA  . GLY B 1 22 ? -13.022 -15.928 -10.486 1.00 50.59 ? 22   GLY B CA  1 
ATOM   989  C C   . GLY B 1 22 ? -11.747 -16.077 -11.298 1.00 51.01 ? 22   GLY B C   1 
ATOM   990  O O   . GLY B 1 22 ? -11.645 -16.992 -12.115 1.00 49.64 ? 22   GLY B O   1 
ATOM   991  N N   . SER B 1 23 ? -10.788 -15.175 -11.074 1.00 48.71 ? 23   SER B N   1 
ATOM   992  C CA  . SER B 1 23 ? -9.470  -15.206 -11.730 1.00 51.31 ? 23   SER B CA  1 
ATOM   993  C C   . SER B 1 23 ? -9.516  -15.046 -13.261 1.00 50.30 ? 23   SER B C   1 
ATOM   994  O O   . SER B 1 23 ? -8.551  -15.381 -13.950 1.00 46.33 ? 23   SER B O   1 
ATOM   995  C CB  . SER B 1 23 ? -8.691  -16.481 -11.347 1.00 51.67 ? 23   SER B CB  1 
ATOM   996  O OG  . SER B 1 23 ? -8.278  -16.442 -9.991  1.00 55.90 ? 23   SER B OG  1 
ATOM   997  N N   . ARG B 1 24 ? -10.620 -14.512 -13.782 1.00 51.10 ? 24   ARG B N   1 
ATOM   998  C CA  . ARG B 1 24 ? -10.779 -14.319 -15.224 1.00 52.98 ? 24   ARG B CA  1 
ATOM   999  C C   . ARG B 1 24 ? -11.667 -13.113 -15.503 1.00 52.71 ? 24   ARG B C   1 
ATOM   1000 O O   . ARG B 1 24 ? -12.803 -13.052 -15.042 1.00 52.54 ? 24   ARG B O   1 
ATOM   1001 C CB  . ARG B 1 24 ? -11.383 -15.571 -15.868 1.00 55.23 ? 24   ARG B CB  1 
ATOM   1002 C CG  . ARG B 1 24 ? -11.484 -15.524 -17.396 1.00 53.08 ? 24   ARG B CG  1 
ATOM   1003 C CD  . ARG B 1 24 ? -12.387 -16.643 -17.889 1.00 59.31 ? 24   ARG B CD  1 
ATOM   1004 N NE  . ARG B 1 24 ? -12.425 -16.772 -19.348 1.00 56.06 ? 24   ARG B NE  1 
ATOM   1005 C CZ  . ARG B 1 24 ? -13.098 -15.968 -20.176 1.00 69.48 ? 24   ARG B CZ  1 
ATOM   1006 N NH1 . ARG B 1 24 ? -13.792 -14.925 -19.710 1.00 56.09 ? 24   ARG B NH1 1 
ATOM   1007 N NH2 . ARG B 1 24 ? -13.066 -16.199 -21.490 1.00 47.64 ? 24   ARG B NH2 1 
ATOM   1008 N N   . LEU B 1 25 ? -11.142 -12.156 -16.259 1.00 53.23 ? 25   LEU B N   1 
ATOM   1009 C CA  . LEU B 1 25 ? -11.887 -10.951 -16.590 1.00 51.74 ? 25   LEU B CA  1 
ATOM   1010 C C   . LEU B 1 25 ? -11.393 -10.369 -17.906 1.00 50.20 ? 25   LEU B C   1 
ATOM   1011 O O   . LEU B 1 25 ? -10.188 -10.342 -18.168 1.00 47.57 ? 25   LEU B O   1 
ATOM   1012 C CB  . LEU B 1 25 ? -11.740 -9.924  -15.468 1.00 51.65 ? 25   LEU B CB  1 
ATOM   1013 C CG  . LEU B 1 25 ? -12.545 -8.625  -15.588 1.00 56.93 ? 25   LEU B CG  1 
ATOM   1014 C CD1 . LEU B 1 25 ? -14.043 -8.876  -15.413 1.00 37.15 ? 25   LEU B CD1 1 
ATOM   1015 C CD2 . LEU B 1 25 ? -12.040 -7.601  -14.577 1.00 55.06 ? 25   LEU B CD2 1 
ATOM   1016 N N   . GLU B 1 26 ? -12.330 -9.913  -18.731 1.00 50.38 ? 26   GLU B N   1 
ATOM   1017 C CA  . GLU B 1 26 ? -11.985 -9.225  -19.965 1.00 51.57 ? 26   GLU B CA  1 
ATOM   1018 C C   . GLU B 1 26 ? -11.295 -7.930  -19.588 1.00 50.53 ? 26   GLU B C   1 
ATOM   1019 O O   . GLU B 1 26 ? -11.724 -7.247  -18.663 1.00 52.08 ? 26   GLU B O   1 
ATOM   1020 C CB  . GLU B 1 26 ? -13.228 -8.933  -20.810 1.00 51.16 ? 26   GLU B CB  1 
ATOM   1021 C CG  . GLU B 1 26 ? -13.831 -10.168 -21.467 1.00 56.59 ? 26   GLU B CG  1 
ATOM   1022 C CD  . GLU B 1 26 ? -15.165 -9.894  -22.149 1.00 51.40 ? 26   GLU B CD  1 
ATOM   1023 O OE1 . GLU B 1 26 ? -15.571 -8.716  -22.238 1.00 60.36 ? 26   GLU B OE1 1 
ATOM   1024 O OE2 . GLU B 1 26 ? -15.809 -10.867 -22.598 1.00 62.33 ? 26   GLU B OE2 1 
ATOM   1025 N N   . LYS B 1 27 ? -10.219 -7.620  -20.303 1.00 48.74 ? 27   LYS B N   1 
ATOM   1026 C CA  . LYS B 1 27 ? -9.401  -6.437  -20.043 1.00 49.23 ? 27   LYS B CA  1 
ATOM   1027 C C   . LYS B 1 27 ? -10.208 -5.136  -20.104 1.00 45.98 ? 27   LYS B C   1 
ATOM   1028 O O   . LYS B 1 27 ? -10.000 -4.238  -19.293 1.00 47.44 ? 27   LYS B O   1 
ATOM   1029 C CB  . LYS B 1 27 ? -8.249  -6.390  -21.052 1.00 47.08 ? 27   LYS B CB  1 
ATOM   1030 C CG  . LYS B 1 27 ? -7.136  -5.390  -20.764 1.00 48.63 ? 27   LYS B CG  1 
ATOM   1031 C CD  . LYS B 1 27 ? -6.167  -5.372  -21.951 1.00 50.74 ? 27   LYS B CD  1 
ATOM   1032 C CE  . LYS B 1 27 ? -4.973  -4.468  -21.725 1.00 44.44 ? 27   LYS B CE  1 
ATOM   1033 N NZ  . LYS B 1 27 ? -3.913  -4.708  -22.753 1.00 50.36 ? 27   LYS B NZ  1 
ATOM   1034 N N   . LYS B 1 28 ? -11.140 -5.051  -21.049 1.00 46.74 ? 28   LYS B N   1 
ATOM   1035 C CA  . LYS B 1 28 ? -11.931 -3.829  -21.256 1.00 49.11 ? 28   LYS B CA  1 
ATOM   1036 C C   . LYS B 1 28 ? -12.887 -3.491  -20.104 1.00 50.11 ? 28   LYS B C   1 
ATOM   1037 O O   . LYS B 1 28 ? -13.467 -2.403  -20.074 1.00 51.86 ? 28   LYS B O   1 
ATOM   1038 C CB  . LYS B 1 28 ? -12.714 -3.909  -22.574 1.00 47.42 ? 28   LYS B CB  1 
ATOM   1039 C CG  . LYS B 1 28 ? -13.781 -5.010  -22.650 1.00 54.48 ? 28   LYS B CG  1 
ATOM   1040 C CD  . LYS B 1 28 ? -14.324 -5.135  -24.067 1.00 48.57 ? 28   LYS B CD  1 
ATOM   1041 C CE  . LYS B 1 28 ? -15.379 -6.224  -24.184 1.00 59.84 ? 28   LYS B CE  1 
ATOM   1042 N NZ  . LYS B 1 28 ? -16.111 -6.159  -25.490 1.00 46.96 ? 28   LYS B NZ  1 
ATOM   1043 N N   . ARG B 1 29 ? -13.054 -4.418  -19.166 1.00 49.33 ? 29   ARG B N   1 
ATOM   1044 C CA  . ARG B 1 29 ? -13.966 -4.224  -18.050 1.00 49.99 ? 29   ARG B CA  1 
ATOM   1045 C C   . ARG B 1 29 ? -13.257 -3.905  -16.737 1.00 49.42 ? 29   ARG B C   1 
ATOM   1046 O O   . ARG B 1 29 ? -13.908 -3.516  -15.775 1.00 49.86 ? 29   ARG B O   1 
ATOM   1047 C CB  . ARG B 1 29 ? -14.866 -5.452  -17.904 1.00 49.32 ? 29   ARG B CB  1 
ATOM   1048 C CG  . ARG B 1 29 ? -15.958 -5.468  -18.966 1.00 47.34 ? 29   ARG B CG  1 
ATOM   1049 C CD  . ARG B 1 29 ? -16.561 -6.825  -19.210 1.00 53.40 ? 29   ARG B CD  1 
ATOM   1050 N NE  . ARG B 1 29 ? -17.414 -6.781  -20.403 1.00 85.60 ? 29   ARG B NE  1 
ATOM   1051 C CZ  . ARG B 1 29 ? -18.203 -7.767  -20.825 1.00 70.04 ? 29   ARG B CZ  1 
ATOM   1052 N NH1 . ARG B 1 29 ? -18.275 -8.918  -20.165 1.00 93.16 ? 29   ARG B NH1 1 
ATOM   1053 N NH2 . ARG B 1 29 ? -18.928 -7.595  -21.925 1.00 68.04 ? 29   ARG B NH2 1 
ATOM   1054 N N   . LEU B 1 30 ? -11.933 -4.040  -16.706 1.00 47.58 ? 30   LEU B N   1 
ATOM   1055 C CA  . LEU B 1 30 ? -11.180 -3.880  -15.463 1.00 49.90 ? 30   LEU B CA  1 
ATOM   1056 C C   . LEU B 1 30 ? -11.378 -2.504  -14.843 1.00 47.34 ? 30   LEU B C   1 
ATOM   1057 O O   . LEU B 1 30 ? -11.631 -2.398  -13.651 1.00 47.71 ? 30   LEU B O   1 
ATOM   1058 C CB  . LEU B 1 30 ? -9.684  -4.137  -15.696 1.00 50.53 ? 30   LEU B CB  1 
ATOM   1059 C CG  . LEU B 1 30 ? -8.763  -3.975  -14.483 1.00 54.05 ? 30   LEU B CG  1 
ATOM   1060 C CD1 . LEU B 1 30 ? -9.220  -4.844  -13.312 1.00 48.34 ? 30   LEU B CD1 1 
ATOM   1061 C CD2 . LEU B 1 30 ? -7.327  -4.291  -14.874 1.00 51.98 ? 30   LEU B CD2 1 
ATOM   1062 N N   . ARG B 1 31 ? -11.265 -1.454  -15.651 1.00 51.26 ? 31   ARG B N   1 
ATOM   1063 C CA  . ARG B 1 31 ? -11.348 -0.086  -15.134 1.00 51.77 ? 31   ARG B CA  1 
ATOM   1064 C C   . ARG B 1 31 ? -12.713 0.168   -14.492 1.00 51.22 ? 31   ARG B C   1 
ATOM   1065 O O   . ARG B 1 31 ? -12.795 0.687   -13.378 1.00 48.17 ? 31   ARG B O   1 
ATOM   1066 C CB  . ARG B 1 31 ? -11.074 0.944   -16.242 1.00 52.18 ? 31   ARG B CB  1 
ATOM   1067 C CG  . ARG B 1 31 ? -10.901 2.364   -15.712 1.00 54.05 ? 31   ARG B CG  1 
ATOM   1068 C CD  . ARG B 1 31 ? -10.607 3.393   -16.806 1.00 49.29 ? 31   ARG B CD  1 
ATOM   1069 N NE  . ARG B 1 31 ? -10.739 4.751   -16.270 1.00 47.75 ? 31   ARG B NE  1 
ATOM   1070 C CZ  . ARG B 1 31 ? -10.558 5.875   -16.963 1.00 52.07 ? 31   ARG B CZ  1 
ATOM   1071 N NH1 . ARG B 1 31 ? -10.216 5.846   -18.247 1.00 39.46 ? 31   ARG B NH1 1 
ATOM   1072 N NH2 . ARG B 1 31 ? -10.716 7.042   -16.362 1.00 47.28 ? 31   ARG B NH2 1 
ATOM   1073 N N   . SER B 1 32 ? -13.774 -0.207  -15.206 1.00 49.94 ? 32   SER B N   1 
ATOM   1074 C CA  . SER B 1 32 ? -15.144 -0.087  -14.707 1.00 49.70 ? 32   SER B CA  1 
ATOM   1075 C C   . SER B 1 32 ? -15.361 -0.880  -13.424 1.00 49.37 ? 32   SER B C   1 
ATOM   1076 O O   . SER B 1 32 ? -15.972 -0.384  -12.485 1.00 49.72 ? 32   SER B O   1 
ATOM   1077 C CB  . SER B 1 32 ? -16.135 -0.583  -15.762 1.00 47.27 ? 32   SER B CB  1 
ATOM   1078 O OG  . SER B 1 32 ? -16.071 0.222   -16.919 1.00 61.78 ? 32   SER B OG  1 
ATOM   1079 N N   . GLU B 1 33 ? -14.874 -2.120  -13.406 1.00 50.80 ? 33   GLU B N   1 
ATOM   1080 C CA  . GLU B 1 33 ? -14.994 -2.997  -12.243 1.00 49.00 ? 33   GLU B CA  1 
ATOM   1081 C C   . GLU B 1 33 ? -14.384 -2.362  -11.002 1.00 48.47 ? 33   GLU B C   1 
ATOM   1082 O O   . GLU B 1 33 ? -14.990 -2.356  -9.938  1.00 48.86 ? 33   GLU B O   1 
ATOM   1083 C CB  . GLU B 1 33 ? -14.299 -4.336  -12.511 1.00 50.70 ? 33   GLU B CB  1 
ATOM   1084 C CG  . GLU B 1 33 ? -15.130 -5.328  -13.284 1.00 49.01 ? 33   GLU B CG  1 
ATOM   1085 C CD  . GLU B 1 33 ? -16.309 -5.842  -12.477 1.00 52.74 ? 33   GLU B CD  1 
ATOM   1086 O OE1 . GLU B 1 33 ? -16.087 -6.460  -11.411 1.00 56.69 ? 33   GLU B OE1 1 
ATOM   1087 O OE2 . GLU B 1 33 ? -17.455 -5.627  -12.918 1.00 62.20 ? 33   GLU B OE2 1 
ATOM   1088 N N   . ILE B 1 34 ? -13.171 -1.845  -11.152 1.00 51.19 ? 34   ILE B N   1 
ATOM   1089 C CA  . ILE B 1 34 ? -12.477 -1.150  -10.072 1.00 49.96 ? 34   ILE B CA  1 
ATOM   1090 C C   . ILE B 1 34 ? -13.286 0.048   -9.581  1.00 48.64 ? 34   ILE B C   1 
ATOM   1091 O O   . ILE B 1 34 ? -13.427 0.255   -8.372  1.00 46.96 ? 34   ILE B O   1 
ATOM   1092 C CB  . ILE B 1 34 ? -11.088 -0.669  -10.529 1.00 50.30 ? 34   ILE B CB  1 
ATOM   1093 C CG1 . ILE B 1 34 ? -10.143 -1.859  -10.700 1.00 55.23 ? 34   ILE B CG1 1 
ATOM   1094 C CG2 . ILE B 1 34 ? -10.499 0.317   -9.531  1.00 51.58 ? 34   ILE B CG2 1 
ATOM   1095 C CD1 . ILE B 1 34 ? -8.855  -1.500  -11.433 1.00 54.02 ? 34   ILE B CD1 1 
ATOM   1096 N N   . LEU B 1 35 ? -13.810 0.835   -10.518 1.00 48.50 ? 35   LEU B N   1 
ATOM   1097 C CA  . LEU B 1 35 ? -14.618 1.996   -10.159 1.00 49.40 ? 35   LEU B CA  1 
ATOM   1098 C C   . LEU B 1 35 ? -15.877 1.601   -9.384  1.00 51.05 ? 35   LEU B C   1 
ATOM   1099 O O   . LEU B 1 35 ? -16.204 2.219   -8.366  1.00 52.27 ? 35   LEU B O   1 
ATOM   1100 C CB  . LEU B 1 35 ? -15.010 2.811   -11.398 1.00 49.08 ? 35   LEU B CB  1 
ATOM   1101 C CG  . LEU B 1 35 ? -15.820 4.086   -11.118 1.00 51.06 ? 35   LEU B CG  1 
ATOM   1102 C CD1 . LEU B 1 35 ? -15.083 5.012   -10.131 1.00 52.83 ? 35   LEU B CD1 1 
ATOM   1103 C CD2 . LEU B 1 35 ? -16.137 4.803   -12.415 1.00 52.75 ? 35   LEU B CD2 1 
ATOM   1104 N N   . LYS B 1 36 ? -16.584 0.582   -9.858  1.00 49.92 ? 36   LYS B N   1 
ATOM   1105 C CA  . LYS B 1 36 ? -17.846 0.216   -9.233  1.00 49.89 ? 36   LYS B CA  1 
ATOM   1106 C C   . LYS B 1 36 ? -17.653 -0.550  -7.925  1.00 47.48 ? 36   LYS B C   1 
ATOM   1107 O O   . LYS B 1 36 ? -18.429 -0.374  -6.992  1.00 47.82 ? 36   LYS B O   1 
ATOM   1108 C CB  . LYS B 1 36 ? -18.781 -0.514  -10.210 1.00 52.55 ? 36   LYS B CB  1 
ATOM   1109 C CG  . LYS B 1 36 ? -18.502 -1.977  -10.498 1.00 57.74 ? 36   LYS B CG  1 
ATOM   1110 C CD  . LYS B 1 36 ? -19.830 -2.704  -10.740 1.00 50.69 ? 36   LYS B CD  1 
ATOM   1111 C CE  . LYS B 1 36 ? -19.631 -4.081  -11.342 1.00 73.96 ? 36   LYS B CE  1 
ATOM   1112 N NZ  . LYS B 1 36 ? -20.859 -4.912  -11.248 1.00 61.93 ? 36   LYS B NZ  1 
ATOM   1113 N N   . ARG B 1 37 ? -16.615 -1.378  -7.848  1.00 46.06 ? 37   ARG B N   1 
ATOM   1114 C CA  . ARG B 1 37 ? -16.339 -2.141  -6.624  1.00 47.74 ? 37   ARG B CA  1 
ATOM   1115 C C   . ARG B 1 37 ? -15.608 -1.320  -5.552  1.00 45.96 ? 37   ARG B C   1 
ATOM   1116 O O   . ARG B 1 37 ? -15.867 -1.501  -4.366  1.00 43.07 ? 37   ARG B O   1 
ATOM   1117 C CB  . ARG B 1 37 ? -15.545 -3.420  -6.939  1.00 49.80 ? 37   ARG B CB  1 
ATOM   1118 C CG  . ARG B 1 37 ? -16.271 -4.417  -7.859  1.00 51.60 ? 37   ARG B CG  1 
ATOM   1119 C CD  . ARG B 1 37 ? -17.505 -5.014  -7.215  1.00 82.76 ? 37   ARG B CD  1 
ATOM   1120 N NE  . ARG B 1 37 ? -18.374 -5.660  -8.201  1.00 97.48 ? 37   ARG B NE  1 
ATOM   1121 C CZ  . ARG B 1 37 ? -18.441 -6.970  -8.439  1.00 87.51 ? 37   ARG B CZ  1 
ATOM   1122 N NH1 . ARG B 1 37 ? -17.692 -7.837  -7.759  1.00 80.54 ? 37   ARG B NH1 1 
ATOM   1123 N NH2 . ARG B 1 37 ? -19.274 -7.422  -9.368  1.00 79.35 ? 37   ARG B NH2 1 
ATOM   1124 N N   . PHE B 1 38 ? -14.711 -0.423  -5.956  1.00 43.69 ? 38   PHE B N   1 
ATOM   1125 C CA  . PHE B 1 38 ? -13.883 0.306   -4.990  1.00 47.17 ? 38   PHE B CA  1 
ATOM   1126 C C   . PHE B 1 38 ? -14.048 1.824   -4.967  1.00 47.98 ? 38   PHE B C   1 
ATOM   1127 O O   . PHE B 1 38 ? -13.433 2.485   -4.135  1.00 48.81 ? 38   PHE B O   1 
ATOM   1128 C CB  . PHE B 1 38 ? -12.408 -0.050  -5.193  1.00 46.63 ? 38   PHE B CB  1 
ATOM   1129 C CG  . PHE B 1 38 ? -12.073 -1.445  -4.762  1.00 50.59 ? 38   PHE B CG  1 
ATOM   1130 C CD1 . PHE B 1 38 ? -11.933 -1.749  -3.410  1.00 42.15 ? 38   PHE B CD1 1 
ATOM   1131 C CD2 . PHE B 1 38 ? -11.937 -2.465  -5.695  1.00 51.96 ? 38   PHE B CD2 1 
ATOM   1132 C CE1 . PHE B 1 38 ? -11.645 -3.040  -3.001  1.00 50.79 ? 38   PHE B CE1 1 
ATOM   1133 C CE2 . PHE B 1 38 ? -11.645 -3.759  -5.292  1.00 60.03 ? 38   PHE B CE2 1 
ATOM   1134 C CZ  . PHE B 1 38 ? -11.499 -4.048  -3.941  1.00 57.00 ? 38   PHE B CZ  1 
ATOM   1135 N N   . ASP B 1 39 ? -14.858 2.379   -5.866  1.00 48.79 ? 39   ASP B N   1 
ATOM   1136 C CA  . ASP B 1 39 ? -15.070 3.829   -5.920  1.00 49.06 ? 39   ASP B CA  1 
ATOM   1137 C C   . ASP B 1 39 ? -13.792 4.583   -6.299  1.00 48.76 ? 39   ASP B C   1 
ATOM   1138 O O   . ASP B 1 39 ? -13.655 5.766   -5.993  1.00 49.54 ? 39   ASP B O   1 
ATOM   1139 C CB  . ASP B 1 39 ? -15.609 4.334   -4.566  1.00 49.62 ? 39   ASP B CB  1 
ATOM   1140 C CG  . ASP B 1 39 ? -16.624 5.449   -4.712  1.00 53.53 ? 39   ASP B CG  1 
ATOM   1141 O OD1 . ASP B 1 39 ? -17.501 5.350   -5.598  1.00 77.15 ? 39   ASP B OD1 1 
ATOM   1142 O OD2 . ASP B 1 39 ? -16.561 6.419   -3.925  1.00 79.75 ? 39   ASP B OD2 1 
ATOM   1143 N N   . ILE B 1 40 ? -12.870 3.898   -6.973  1.00 49.44 ? 40   ILE B N   1 
ATOM   1144 C CA  . ILE B 1 40 ? -11.601 4.479   -7.395  1.00 49.15 ? 40   ILE B CA  1 
ATOM   1145 C C   . ILE B 1 40 ? -11.538 4.502   -8.919  1.00 48.90 ? 40   ILE B C   1 
ATOM   1146 O O   . ILE B 1 40 ? -11.791 3.490   -9.578  1.00 48.50 ? 40   ILE B O   1 
ATOM   1147 C CB  . ILE B 1 40 ? -10.403 3.672   -6.847  1.00 52.58 ? 40   ILE B CB  1 
ATOM   1148 C CG1 . ILE B 1 40 ? -10.403 3.685   -5.318  1.00 51.89 ? 40   ILE B CG1 1 
ATOM   1149 C CG2 . ILE B 1 40 ? -9.074  4.239   -7.358  1.00 48.92 ? 40   ILE B CG2 1 
ATOM   1150 C CD1 . ILE B 1 40 ? -9.421  2.703   -4.713  1.00 53.98 ? 40   ILE B CD1 1 
ATOM   1151 N N   . ASP B 1 41 ? -11.210 5.668   -9.467  1.00 51.46 ? 41   ASP B N   1 
ATOM   1152 C CA  . ASP B 1 41 ? -11.090 5.861   -10.908 1.00 51.89 ? 41   ASP B CA  1 
ATOM   1153 C C   . ASP B 1 41 ? -9.611  5.954   -11.262 1.00 54.00 ? 41   ASP B C   1 
ATOM   1154 O O   . ASP B 1 41 ? -8.976  6.984   -11.041 1.00 57.38 ? 41   ASP B O   1 
ATOM   1155 C CB  . ASP B 1 41 ? -11.821 7.143   -11.339 1.00 50.57 ? 41   ASP B CB  1 
ATOM   1156 C CG  . ASP B 1 41 ? -12.226 7.134   -12.811 1.00 54.61 ? 41   ASP B CG  1 
ATOM   1157 O OD1 . ASP B 1 41 ? -12.088 6.077   -13.462 1.00 60.24 ? 41   ASP B OD1 1 
ATOM   1158 O OD2 . ASP B 1 41 ? -12.703 8.183   -13.312 1.00 53.98 ? 41   ASP B OD2 1 
ATOM   1159 N N   . ILE B 1 42 ? -9.054  4.868   -11.785 1.00 54.05 ? 42   ILE B N   1 
ATOM   1160 C CA  . ILE B 1 42 ? -7.668  4.882   -12.245 1.00 52.32 ? 42   ILE B CA  1 
ATOM   1161 C C   . ILE B 1 42 ? -7.671  5.214   -13.739 1.00 48.85 ? 42   ILE B C   1 
ATOM   1162 O O   . ILE B 1 42 ? -8.350  4.553   -14.526 1.00 43.93 ? 42   ILE B O   1 
ATOM   1163 C CB  . ILE B 1 42 ? -6.966  3.528   -11.998 1.00 53.22 ? 42   ILE B CB  1 
ATOM   1164 C CG1 . ILE B 1 42 ? -7.111  3.096   -10.532 1.00 62.84 ? 42   ILE B CG1 1 
ATOM   1165 C CG2 . ILE B 1 42 ? -5.494  3.624   -12.358 1.00 53.16 ? 42   ILE B CG2 1 
ATOM   1166 C CD1 . ILE B 1 42 ? -6.573  1.705   -10.244 1.00 53.64 ? 42   ILE B CD1 1 
ATOM   1167 N N   . SER B 1 43 ? -6.922  6.243   -14.119 1.00 48.13 ? 43   SER B N   1 
ATOM   1168 C CA  . SER B 1 43 ? -6.808  6.643   -15.521 1.00 48.09 ? 43   SER B CA  1 
ATOM   1169 C C   . SER B 1 43 ? -6.152  5.532   -16.352 1.00 46.74 ? 43   SER B C   1 
ATOM   1170 O O   . SER B 1 43 ? -5.462  4.663   -15.807 1.00 45.95 ? 43   SER B O   1 
ATOM   1171 C CB  . SER B 1 43 ? -6.012  7.946   -15.632 1.00 46.52 ? 43   SER B CB  1 
ATOM   1172 O OG  . SER B 1 43 ? -4.704  7.785   -15.109 1.00 51.71 ? 43   SER B OG  1 
ATOM   1173 N N   . ASP B 1 44 ? -6.384  5.551   -17.661 1.00 46.29 ? 44   ASP B N   1 
ATOM   1174 C CA  . ASP B 1 44 ? -5.800  4.545   -18.564 1.00 48.46 ? 44   ASP B CA  1 
ATOM   1175 C C   . ASP B 1 44 ? -4.269  4.582   -18.555 1.00 49.94 ? 44   ASP B C   1 
ATOM   1176 O O   . ASP B 1 44 ? -3.611  3.540   -18.503 1.00 49.99 ? 44   ASP B O   1 
ATOM   1177 C CB  . ASP B 1 44 ? -6.299  4.749   -19.998 1.00 48.02 ? 44   ASP B CB  1 
ATOM   1178 C CG  . ASP B 1 44 ? -7.805  4.548   -20.137 1.00 50.67 ? 44   ASP B CG  1 
ATOM   1179 O OD1 . ASP B 1 44 ? -8.372  3.737   -19.378 1.00 67.89 ? 44   ASP B OD1 1 
ATOM   1180 O OD2 . ASP B 1 44 ? -8.423  5.195   -21.012 1.00 62.78 ? 44   ASP B OD2 1 
ATOM   1181 N N   . GLY B 1 45 ? -3.714  5.788   -18.608 1.00 48.41 ? 45   GLY B N   1 
ATOM   1182 C CA  . GLY B 1 45 ? -2.269  5.968   -18.647 1.00 50.28 ? 45   GLY B CA  1 
ATOM   1183 C C   . GLY B 1 45 ? -1.551  5.436   -17.418 1.00 51.55 ? 45   GLY B C   1 
ATOM   1184 O O   . GLY B 1 45 ? -0.344  5.224   -17.464 1.00 50.61 ? 45   GLY B O   1 
ATOM   1185 N N   . VAL B 1 46 ? -2.289  5.232   -16.322 1.00 51.43 ? 46   VAL B N   1 
ATOM   1186 C CA  . VAL B 1 46 ? -1.744  4.620   -15.112 1.00 48.52 ? 46   VAL B CA  1 
ATOM   1187 C C   . VAL B 1 46 ? -2.086  3.137   -15.039 1.00 52.79 ? 46   VAL B C   1 
ATOM   1188 O O   . VAL B 1 46 ? -1.232  2.324   -14.701 1.00 52.81 ? 46   VAL B O   1 
ATOM   1189 C CB  . VAL B 1 46 ? -2.255  5.321   -13.838 1.00 51.01 ? 46   VAL B CB  1 
ATOM   1190 C CG1 . VAL B 1 46 ? -1.781  4.580   -12.572 1.00 48.37 ? 46   VAL B CG1 1 
ATOM   1191 C CG2 . VAL B 1 46 ? -1.787  6.771   -13.812 1.00 43.25 ? 46   VAL B CG2 1 
ATOM   1192 N N   . LEU B 1 47 ? -3.323  2.783   -15.374 1.00 49.14 ? 47   LEU B N   1 
ATOM   1193 C CA  . LEU B 1 47 ? -3.800  1.414   -15.205 1.00 48.45 ? 47   LEU B CA  1 
ATOM   1194 C C   . LEU B 1 47 ? -3.107  0.405   -16.102 1.00 47.71 ? 47   LEU B C   1 
ATOM   1195 O O   . LEU B 1 47 ? -2.616  -0.610  -15.622 1.00 48.88 ? 47   LEU B O   1 
ATOM   1196 C CB  . LEU B 1 47 ? -5.304  1.336   -15.466 1.00 46.52 ? 47   LEU B CB  1 
ATOM   1197 C CG  . LEU B 1 47 ? -5.966  -0.025  -15.237 1.00 47.52 ? 47   LEU B CG  1 
ATOM   1198 C CD1 . LEU B 1 47 ? -5.915  -0.404  -13.763 1.00 44.32 ? 47   LEU B CD1 1 
ATOM   1199 C CD2 . LEU B 1 47 ? -7.399  0.006   -15.744 1.00 45.27 ? 47   LEU B CD2 1 
ATOM   1200 N N   . TYR B 1 48 ? -3.083  0.667   -17.407 1.00 46.90 ? 48   TYR B N   1 
ATOM   1201 C CA  . TYR B 1 48 ? -2.628  -0.353  -18.350 1.00 48.59 ? 48   TYR B CA  1 
ATOM   1202 C C   . TYR B 1 48 ? -1.137  -0.675  -18.247 1.00 49.43 ? 48   TYR B C   1 
ATOM   1203 O O   . TYR B 1 48 ? -0.755  -1.822  -18.442 1.00 52.03 ? 48   TYR B O   1 
ATOM   1204 C CB  . TYR B 1 48 ? -3.060  -0.019  -19.777 1.00 48.83 ? 48   TYR B CB  1 
ATOM   1205 C CG  . TYR B 1 48 ? -4.565  -0.096  -19.927 1.00 50.85 ? 48   TYR B CG  1 
ATOM   1206 C CD1 . TYR B 1 48 ? -5.225  -1.318  -19.859 1.00 67.84 ? 48   TYR B CD1 1 
ATOM   1207 C CD2 . TYR B 1 48 ? -5.332  1.050   -20.094 1.00 55.15 ? 48   TYR B CD2 1 
ATOM   1208 C CE1 . TYR B 1 48 ? -6.609  -1.399  -19.973 1.00 68.19 ? 48   TYR B CE1 1 
ATOM   1209 C CE2 . TYR B 1 48 ? -6.714  0.981   -20.206 1.00 56.82 ? 48   TYR B CE2 1 
ATOM   1210 C CZ  . TYR B 1 48 ? -7.349  -0.247  -20.150 1.00 66.03 ? 48   TYR B CZ  1 
ATOM   1211 O OH  . TYR B 1 48 ? -8.721  -0.322  -20.268 1.00 65.30 ? 48   TYR B OH  1 
ATOM   1212 N N   . PRO B 1 49 ? -0.286  0.327   -17.952 1.00 52.08 ? 49   PRO B N   1 
ATOM   1213 C CA  . PRO B 1 49 ? 1.096   0.007   -17.581 1.00 50.26 ? 49   PRO B CA  1 
ATOM   1214 C C   . PRO B 1 49 ? 1.238   -0.911  -16.371 1.00 50.46 ? 49   PRO B C   1 
ATOM   1215 O O   . PRO B 1 49 ? 2.120   -1.772  -16.377 1.00 46.82 ? 49   PRO B O   1 
ATOM   1216 C CB  . PRO B 1 49 ? 1.707   1.387   -17.296 1.00 48.47 ? 49   PRO B CB  1 
ATOM   1217 C CG  . PRO B 1 49 ? 0.949   2.284   -18.163 1.00 50.16 ? 49   PRO B CG  1 
ATOM   1218 C CD  . PRO B 1 49 ? -0.477  1.780   -18.055 1.00 51.07 ? 49   PRO B CD  1 
ATOM   1219 N N   . LEU B 1 50 ? 0.396   -0.726  -15.346 1.00 48.57 ? 50   LEU B N   1 
ATOM   1220 C CA  . LEU B 1 50 ? 0.380   -1.640  -14.191 1.00 49.53 ? 50   LEU B CA  1 
ATOM   1221 C C   . LEU B 1 50 ? 0.010   -3.050  -14.633 1.00 48.56 ? 50   LEU B C   1 
ATOM   1222 O O   . LEU B 1 50 ? 0.634   -4.022  -14.219 1.00 47.98 ? 50   LEU B O   1 
ATOM   1223 C CB  . LEU B 1 50 ? -0.605  -1.170  -13.108 1.00 49.32 ? 50   LEU B CB  1 
ATOM   1224 C CG  . LEU B 1 50 ? -0.302  0.145   -12.379 1.00 51.74 ? 50   LEU B CG  1 
ATOM   1225 C CD1 . LEU B 1 50 ? -1.429  0.474   -11.393 1.00 52.43 ? 50   LEU B CD1 1 
ATOM   1226 C CD2 . LEU B 1 50 ? 1.049   0.112   -11.668 1.00 43.86 ? 50   LEU B CD2 1 
ATOM   1227 N N   . ILE B 1 51 ? -1.016  -3.146  -15.476 1.00 49.83 ? 51   ILE B N   1 
ATOM   1228 C CA  . ILE B 1 51 ? -1.424  -4.413  -16.060 1.00 48.41 ? 51   ILE B CA  1 
ATOM   1229 C C   . ILE B 1 51 ? -0.277  -5.056  -16.841 1.00 48.42 ? 51   ILE B C   1 
ATOM   1230 O O   . ILE B 1 51 ? -0.020  -6.249  -16.687 1.00 46.83 ? 51   ILE B O   1 
ATOM   1231 C CB  . ILE B 1 51 ? -2.650  -4.243  -17.000 1.00 50.77 ? 51   ILE B CB  1 
ATOM   1232 C CG1 . ILE B 1 51 ? -3.889  -3.832  -16.203 1.00 48.19 ? 51   ILE B CG1 1 
ATOM   1233 C CG2 . ILE B 1 51 ? -2.941  -5.542  -17.749 1.00 44.64 ? 51   ILE B CG2 1 
ATOM   1234 C CD1 . ILE B 1 51 ? -5.038  -3.380  -17.070 1.00 57.34 ? 51   ILE B CD1 1 
ATOM   1235 N N   . ASP B 1 52 ? 0.414   -4.265  -17.664 1.00 47.28 ? 52   ASP B N   1 
ATOM   1236 C CA  . ASP B 1 52 ? 1.517   -4.782  -18.482 1.00 47.06 ? 52   ASP B CA  1 
ATOM   1237 C C   . ASP B 1 52 ? 2.591   -5.401  -17.612 1.00 47.63 ? 52   ASP B C   1 
ATOM   1238 O O   . ASP B 1 52 ? 3.078   -6.491  -17.898 1.00 49.13 ? 52   ASP B O   1 
ATOM   1239 C CB  . ASP B 1 52 ? 2.136   -3.681  -19.347 1.00 45.53 ? 52   ASP B CB  1 
ATOM   1240 C CG  . ASP B 1 52 ? 1.259   -3.287  -20.526 1.00 48.88 ? 52   ASP B CG  1 
ATOM   1241 O OD1 . ASP B 1 52 ? 0.279   -4.004  -20.830 1.00 46.91 ? 52   ASP B OD1 1 
ATOM   1242 O OD2 . ASP B 1 52 ? 1.558   -2.249  -21.157 1.00 52.87 ? 52   ASP B OD2 1 
ATOM   1243 N N   . SER B 1 53 ? 2.959   -4.702  -16.544 1.00 48.38 ? 53   SER B N   1 
ATOM   1244 C CA  . SER B 1 53 ? 3.987   -5.194  -15.626 1.00 48.10 ? 53   SER B CA  1 
ATOM   1245 C C   . SER B 1 53 ? 3.576   -6.543  -15.050 1.00 48.58 ? 53   SER B C   1 
ATOM   1246 O O   . SER B 1 53 ? 4.376   -7.475  -15.028 1.00 48.99 ? 53   SER B O   1 
ATOM   1247 C CB  . SER B 1 53 ? 4.252   -4.173  -14.510 1.00 49.64 ? 53   SER B CB  1 
ATOM   1248 O OG  . SER B 1 53 ? 4.895   -3.015  -15.032 1.00 47.73 ? 53   SER B OG  1 
ATOM   1249 N N   . LEU B 1 54 ? 2.321   -6.646  -14.610 1.00 51.84 ? 54   LEU B N   1 
ATOM   1250 C CA  . LEU B 1 54 ? 1.773   -7.898  -14.061 1.00 51.11 ? 54   LEU B CA  1 
ATOM   1251 C C   . LEU B 1 54 ? 1.796   -9.036  -15.079 1.00 51.29 ? 54   LEU B C   1 
ATOM   1252 O O   . LEU B 1 54 ? 2.131   -10.166 -14.738 1.00 49.65 ? 54   LEU B O   1 
ATOM   1253 C CB  . LEU B 1 54 ? 0.330   -7.692  -13.562 1.00 51.47 ? 54   LEU B CB  1 
ATOM   1254 C CG  . LEU B 1 54 ? 0.081   -7.227  -12.117 1.00 54.71 ? 54   LEU B CG  1 
ATOM   1255 C CD1 . LEU B 1 54 ? 1.302   -6.646  -11.447 1.00 57.01 ? 54   LEU B CD1 1 
ATOM   1256 C CD2 . LEU B 1 54 ? -1.076  -6.238  -12.080 1.00 50.06 ? 54   LEU B CD2 1 
ATOM   1257 N N   . ILE B 1 55 ? 1.428   -8.724  -16.320 1.00 50.78 ? 55   ILE B N   1 
ATOM   1258 C CA  . ILE B 1 55 ? 1.424   -9.699  -17.412 1.00 49.42 ? 55   ILE B CA  1 
ATOM   1259 C C   . ILE B 1 55 ? 2.831   -10.162 -17.765 1.00 50.11 ? 55   ILE B C   1 
ATOM   1260 O O   . ILE B 1 55 ? 3.070   -11.359 -17.949 1.00 46.65 ? 55   ILE B O   1 
ATOM   1261 C CB  . ILE B 1 55 ? 0.747   -9.124  -18.681 1.00 49.86 ? 55   ILE B CB  1 
ATOM   1262 C CG1 . ILE B 1 55 ? -0.767  -9.021  -18.467 1.00 48.73 ? 55   ILE B CG1 1 
ATOM   1263 C CG2 . ILE B 1 55 ? 1.065   -9.991  -19.903 1.00 43.14 ? 55   ILE B CG2 1 
ATOM   1264 C CD1 . ILE B 1 55 ? -1.515  -8.356  -19.601 1.00 47.11 ? 55   ILE B CD1 1 
ATOM   1265 N N   . ASP B 1 56 ? 3.762   -9.217  -17.873 1.00 49.95 ? 56   ASP B N   1 
ATOM   1266 C CA  . ASP B 1 56 ? 5.133   -9.558  -18.253 1.00 48.58 ? 56   ASP B CA  1 
ATOM   1267 C C   . ASP B 1 56 ? 5.856   -10.295 -17.113 1.00 48.72 ? 56   ASP B C   1 
ATOM   1268 O O   . ASP B 1 56 ? 6.801   -11.034 -17.369 1.00 45.37 ? 56   ASP B O   1 
ATOM   1269 C CB  . ASP B 1 56 ? 5.931   -8.311  -18.678 1.00 51.42 ? 56   ASP B CB  1 
ATOM   1270 C CG  . ASP B 1 56 ? 5.326   -7.586  -19.872 1.00 48.89 ? 56   ASP B CG  1 
ATOM   1271 O OD1 . ASP B 1 56 ? 4.581   -8.212  -20.649 1.00 57.49 ? 56   ASP B OD1 1 
ATOM   1272 O OD2 . ASP B 1 56 ? 5.608   -6.375  -20.032 1.00 55.46 ? 56   ASP B OD2 1 
ATOM   1273 N N   . ASP B 1 57 ? 5.403   -10.097 -15.868 1.00 48.90 ? 57   ASP B N   1 
ATOM   1274 C CA  . ASP B 1 57 ? 5.935   -10.814 -14.693 1.00 48.46 ? 57   ASP B CA  1 
ATOM   1275 C C   . ASP B 1 57 ? 5.153   -12.095 -14.344 1.00 49.09 ? 57   ASP B C   1 
ATOM   1276 O O   . ASP B 1 57 ? 5.370   -12.692 -13.284 1.00 47.66 ? 57   ASP B O   1 
ATOM   1277 C CB  . ASP B 1 57 ? 5.940   -9.886  -13.470 1.00 49.17 ? 57   ASP B CB  1 
ATOM   1278 C CG  . ASP B 1 57 ? 6.760   -10.439 -12.304 1.00 47.77 ? 57   ASP B CG  1 
ATOM   1279 O OD1 . ASP B 1 57 ? 7.851   -10.993 -12.541 1.00 47.92 ? 57   ASP B OD1 1 
ATOM   1280 O OD2 . ASP B 1 57 ? 6.318   -10.309 -11.144 1.00 62.11 ? 57   ASP B OD2 1 
ATOM   1281 N N   . LYS B 1 58 ? 4.235   -12.504 -15.218 1.00 48.58 ? 58   LYS B N   1 
ATOM   1282 C CA  . LYS B 1 58 ? 3.510   -13.775 -15.070 1.00 50.39 ? 58   LYS B CA  1 
ATOM   1283 C C   . LYS B 1 58 ? 2.592   -13.837 -13.847 1.00 50.68 ? 58   LYS B C   1 
ATOM   1284 O O   . LYS B 1 58 ? 2.222   -14.923 -13.411 1.00 52.64 ? 58   LYS B O   1 
ATOM   1285 C CB  . LYS B 1 58 ? 4.481   -14.969 -15.042 1.00 50.89 ? 58   LYS B CB  1 
ATOM   1286 C CG  . LYS B 1 58 ? 5.622   -14.926 -16.061 1.00 54.84 ? 58   LYS B CG  1 
ATOM   1287 C CD  . LYS B 1 58 ? 5.126   -14.704 -17.480 1.00 59.77 ? 58   LYS B CD  1 
ATOM   1288 C CE  . LYS B 1 58 ? 6.218   -15.007 -18.498 1.00 73.27 ? 58   LYS B CE  1 
ATOM   1289 N NZ  . LYS B 1 58 ? 5.873   -14.505 -19.855 1.00 71.43 ? 58   LYS B NZ  1 
ATOM   1290 N N   . ILE B 1 59 ? 2.224   -12.678 -13.310 1.00 53.21 ? 59   ILE B N   1 
ATOM   1291 C CA  . ILE B 1 59 ? 1.215   -12.577 -12.250 1.00 51.87 ? 59   ILE B CA  1 
ATOM   1292 C C   . ILE B 1 59 ? -0.157  -12.712 -12.899 1.00 51.33 ? 59   ILE B C   1 
ATOM   1293 O O   . ILE B 1 59 ? -1.016  -13.463 -12.430 1.00 51.50 ? 59   ILE B O   1 
ATOM   1294 C CB  . ILE B 1 59 ? 1.302   -11.209 -11.511 1.00 51.47 ? 59   ILE B CB  1 
ATOM   1295 C CG1 . ILE B 1 59 ? 2.660   -11.047 -10.816 1.00 52.14 ? 59   ILE B CG1 1 
ATOM   1296 C CG2 . ILE B 1 59 ? 0.164   -11.060 -10.501 1.00 47.85 ? 59   ILE B CG2 1 
ATOM   1297 C CD1 . ILE B 1 59 ? 2.959   -12.103 -9.764  1.00 47.77 ? 59   ILE B CD1 1 
ATOM   1298 N N   . LEU B 1 60 ? -0.343  -11.969 -13.986 1.00 49.38 ? 60   LEU B N   1 
ATOM   1299 C CA  . LEU B 1 60 ? -1.491  -12.130 -14.868 1.00 49.55 ? 60   LEU B CA  1 
ATOM   1300 C C   . LEU B 1 60 ? -1.058  -12.828 -16.150 1.00 50.40 ? 60   LEU B C   1 
ATOM   1301 O O   . LEU B 1 60 ? 0.134   -12.856 -16.491 1.00 49.79 ? 60   LEU B O   1 
ATOM   1302 C CB  . LEU B 1 60 ? -2.101  -10.771 -15.225 1.00 45.58 ? 60   LEU B CB  1 
ATOM   1303 C CG  . LEU B 1 60 ? -2.780  -9.978  -14.112 1.00 48.84 ? 60   LEU B CG  1 
ATOM   1304 C CD1 . LEU B 1 60 ? -3.333  -8.671  -14.674 1.00 48.51 ? 60   LEU B CD1 1 
ATOM   1305 C CD2 . LEU B 1 60 ? -3.885  -10.799 -13.468 1.00 50.06 ? 60   LEU B CD2 1 
ATOM   1306 N N   . ARG B 1 61 ? -2.044  -13.390 -16.846 1.00 53.47 ? 61   ARG B N   1 
ATOM   1307 C CA  . ARG B 1 61 ? -1.889  -13.899 -18.206 1.00 53.39 ? 61   ARG B CA  1 
ATOM   1308 C C   . ARG B 1 61 ? -2.927  -13.221 -19.091 1.00 53.55 ? 61   ARG B C   1 
ATOM   1309 O O   . ARG B 1 61 ? -4.029  -12.912 -18.635 1.00 51.30 ? 61   ARG B O   1 
ATOM   1310 C CB  . ARG B 1 61 ? -2.089  -15.418 -18.248 1.00 51.80 ? 61   ARG B CB  1 
ATOM   1311 C CG  . ARG B 1 61 ? -2.575  -15.965 -19.605 1.00 59.60 ? 61   ARG B CG  1 
ATOM   1312 C CD  . ARG B 1 61 ? -2.393  -17.468 -19.766 1.00 51.97 ? 61   ARG B CD  1 
ATOM   1313 N NE  . ARG B 1 61 ? -3.604  -18.243 -19.483 1.00 50.60 ? 61   ARG B NE  1 
ATOM   1314 C CZ  . ARG B 1 61 ? -3.985  -18.662 -18.277 1.00 67.35 ? 61   ARG B CZ  1 
ATOM   1315 N NH1 . ARG B 1 61 ? -3.272  -18.373 -17.189 1.00 56.44 ? 61   ARG B NH1 1 
ATOM   1316 N NH2 . ARG B 1 61 ? -5.097  -19.391 -18.157 1.00 58.96 ? 61   ARG B NH2 1 
ATOM   1317 N N   . GLU B 1 62 ? -2.577  -13.016 -20.359 1.00 52.84 ? 62   GLU B N   1 
ATOM   1318 C CA  . GLU B 1 62 ? -3.479  -12.403 -21.322 1.00 52.56 ? 62   GLU B CA  1 
ATOM   1319 C C   . GLU B 1 62 ? -3.661  -13.328 -22.519 1.00 52.00 ? 62   GLU B C   1 
ATOM   1320 O O   . GLU B 1 62 ? -2.684  -13.759 -23.124 1.00 52.84 ? 62   GLU B O   1 
ATOM   1321 C CB  . GLU B 1 62 ? -2.907  -11.067 -21.778 1.00 51.83 ? 62   GLU B CB  1 
ATOM   1322 C CG  . GLU B 1 62 ? -3.911  -10.125 -22.415 1.00 52.42 ? 62   GLU B CG  1 
ATOM   1323 C CD  . GLU B 1 62 ? -3.275  -8.802  -22.812 1.00 56.38 ? 62   GLU B CD  1 
ATOM   1324 O OE1 . GLU B 1 62 ? -2.440  -8.796  -23.745 1.00 62.58 ? 62   GLU B OE1 1 
ATOM   1325 O OE2 . GLU B 1 62 ? -3.604  -7.767  -22.189 1.00 66.07 ? 62   GLU B OE2 1 
ATOM   1326 N N   . GLU B 1 63 ? -4.910  -13.651 -22.840 1.00 52.70 ? 63   GLU B N   1 
ATOM   1327 C CA  . GLU B 1 63 ? -5.222  -14.381 -24.067 1.00 51.79 ? 63   GLU B CA  1 
ATOM   1328 C C   . GLU B 1 63 ? -6.043  -13.502 -24.995 1.00 51.22 ? 63   GLU B C   1 
ATOM   1329 O O   . GLU B 1 63 ? -7.006  -12.855 -24.574 1.00 49.09 ? 63   GLU B O   1 
ATOM   1330 C CB  . GLU B 1 63 ? -5.983  -15.681 -23.782 1.00 50.97 ? 63   GLU B CB  1 
ATOM   1331 C CG  . GLU B 1 63 ? -5.109  -16.824 -23.278 1.00 52.53 ? 63   GLU B CG  1 
ATOM   1332 C CD  . GLU B 1 63 ? -5.784  -18.186 -23.393 1.00 52.99 ? 63   GLU B CD  1 
ATOM   1333 O OE1 . GLU B 1 63 ? -6.296  -18.518 -24.486 1.00 55.15 ? 63   GLU B OE1 1 
ATOM   1334 O OE2 . GLU B 1 63 ? -5.790  -18.933 -22.394 1.00 74.40 ? 63   GLU B OE2 1 
ATOM   1335 N N   . GLU B 1 64 ? -5.651  -13.492 -26.263 1.00 51.68 ? 64   GLU B N   1 
ATOM   1336 C CA  . GLU B 1 64 ? -6.371  -12.766 -27.288 1.00 52.03 ? 64   GLU B CA  1 
ATOM   1337 C C   . GLU B 1 64 ? -7.658  -13.514 -27.627 1.00 52.53 ? 64   GLU B C   1 
ATOM   1338 O O   . GLU B 1 64 ? -7.612  -14.685 -28.013 1.00 52.30 ? 64   GLU B O   1 
ATOM   1339 C CB  . GLU B 1 64 ? -5.494  -12.627 -28.538 1.00 53.11 ? 64   GLU B CB  1 
ATOM   1340 C CG  . GLU B 1 64 ? -6.035  -11.660 -29.576 1.00 54.75 ? 64   GLU B CG  1 
ATOM   1341 C CD  . GLU B 1 64 ? -6.075  -10.237 -29.060 1.00 62.22 ? 64   GLU B CD  1 
ATOM   1342 O OE1 . GLU B 1 64 ? -4.994  -9.685  -28.772 1.00 58.25 ? 64   GLU B OE1 1 
ATOM   1343 O OE2 . GLU B 1 64 ? -7.186  -9.677  -28.939 1.00 57.56 ? 64   GLU B OE2 1 
ATOM   1344 N N   . ALA B 1 65 ? -8.800  -12.844 -27.470 1.00 51.80 ? 65   ALA B N   1 
ATOM   1345 C CA  . ALA B 1 65 ? -10.096 -13.412 -27.859 1.00 51.60 ? 65   ALA B CA  1 
ATOM   1346 C C   . ALA B 1 65 ? -10.839 -12.454 -28.795 1.00 52.40 ? 65   ALA B C   1 
ATOM   1347 O O   . ALA B 1 65 ? -10.572 -11.251 -28.778 1.00 53.68 ? 65   ALA B O   1 
ATOM   1348 C CB  . ALA B 1 65 ? -10.932 -13.713 -26.632 1.00 50.21 ? 65   ALA B CB  1 
ATOM   1349 N N   . PRO B 1 66 ? -11.774 -12.985 -29.616 1.00 53.01 ? 66   PRO B N   1 
ATOM   1350 C CA  . PRO B 1 66 ? -12.504 -12.183 -30.612 1.00 52.97 ? 66   PRO B CA  1 
ATOM   1351 C C   . PRO B 1 66 ? -13.203 -10.941 -30.053 1.00 53.21 ? 66   PRO B C   1 
ATOM   1352 O O   . PRO B 1 66 ? -13.129 -9.873  -30.663 1.00 53.49 ? 66   PRO B O   1 
ATOM   1353 C CB  . PRO B 1 66 ? -13.538 -13.170 -31.166 1.00 53.21 ? 66   PRO B CB  1 
ATOM   1354 C CG  . PRO B 1 66 ? -12.942 -14.500 -30.946 1.00 52.07 ? 66   PRO B CG  1 
ATOM   1355 C CD  . PRO B 1 66 ? -12.193 -14.399 -29.657 1.00 52.44 ? 66   PRO B CD  1 
ATOM   1356 N N   . ASP B 1 67 ? -13.876 -11.090 -28.914 1.00 53.67 ? 67   ASP B N   1 
ATOM   1357 C CA  . ASP B 1 67 ? -14.511 -9.953  -28.233 1.00 53.50 ? 67   ASP B CA  1 
ATOM   1358 C C   . ASP B 1 67 ? -13.626 -9.475  -27.080 1.00 53.16 ? 67   ASP B C   1 
ATOM   1359 O O   . ASP B 1 67 ? -13.965 -9.622  -25.902 1.00 54.38 ? 67   ASP B O   1 
ATOM   1360 C CB  . ASP B 1 67 ? -15.945 -10.282 -27.767 1.00 53.45 ? 67   ASP B CB  1 
ATOM   1361 C CG  . ASP B 1 67 ? -16.123 -11.735 -27.353 1.00 56.05 ? 67   ASP B CG  1 
ATOM   1362 O OD1 . ASP B 1 67 ? -16.334 -12.590 -28.248 1.00 45.41 ? 67   ASP B OD1 1 
ATOM   1363 O OD2 . ASP B 1 67 ? -16.074 -12.018 -26.136 1.00 74.86 ? 67   ASP B OD2 1 
ATOM   1364 N N   . GLY B 1 68 ? -12.477 -8.910  -27.446 1.00 52.61 ? 68   GLY B N   1 
ATOM   1365 C CA  . GLY B 1 68 ? -11.550 -8.311  -26.489 1.00 51.55 ? 68   GLY B CA  1 
ATOM   1366 C C   . GLY B 1 68 ? -10.566 -9.289  -25.871 1.00 50.57 ? 68   GLY B C   1 
ATOM   1367 O O   . GLY B 1 68 ? -10.792 -10.502 -25.863 1.00 49.45 ? 68   GLY B O   1 
ATOM   1368 N N   . LYS B 1 69 ? -9.471  -8.747  -25.340 1.00 48.58 ? 69   LYS B N   1 
ATOM   1369 C CA  . LYS B 1 69 ? -8.468  -9.548  -24.644 1.00 48.57 ? 69   LYS B CA  1 
ATOM   1370 C C   . LYS B 1 69 ? -9.020  -9.984  -23.283 1.00 47.22 ? 69   LYS B C   1 
ATOM   1371 O O   . LYS B 1 69 ? -9.814  -9.269  -22.671 1.00 42.83 ? 69   LYS B O   1 
ATOM   1372 C CB  . LYS B 1 69 ? -7.172  -8.752  -24.454 1.00 48.09 ? 69   LYS B CB  1 
ATOM   1373 C CG  . LYS B 1 69 ? -6.602  -8.153  -25.743 1.00 56.08 ? 69   LYS B CG  1 
ATOM   1374 C CD  . LYS B 1 69 ? -5.289  -7.430  -25.494 1.00 50.10 ? 69   LYS B CD  1 
ATOM   1375 C CE  . LYS B 1 69 ? -4.890  -6.577  -26.689 1.00 56.36 ? 69   LYS B CE  1 
ATOM   1376 N NZ  . LYS B 1 69 ? -3.592  -5.872  -26.478 1.00 47.12 ? 69   LYS B NZ  1 
ATOM   1377 N N   . VAL B 1 70 ? -8.619  -11.169 -22.833 1.00 48.21 ? 70   VAL B N   1 
ATOM   1378 C CA  . VAL B 1 70 ? -9.038  -11.690 -21.537 1.00 48.54 ? 70   VAL B CA  1 
ATOM   1379 C C   . VAL B 1 70 ? -7.841  -11.788 -20.607 1.00 50.19 ? 70   VAL B C   1 
ATOM   1380 O O   . VAL B 1 70 ? -6.792  -12.318 -20.984 1.00 48.96 ? 70   VAL B O   1 
ATOM   1381 C CB  . VAL B 1 70 ? -9.685  -13.087 -21.644 1.00 50.75 ? 70   VAL B CB  1 
ATOM   1382 C CG1 . VAL B 1 70 ? -10.013 -13.619 -20.248 1.00 44.72 ? 70   VAL B CG1 1 
ATOM   1383 C CG2 . VAL B 1 70 ? -10.938 -13.040 -22.514 1.00 46.58 ? 70   VAL B CG2 1 
ATOM   1384 N N   . LEU B 1 71 ? -8.009  -11.263 -19.393 1.00 51.89 ? 71   LEU B N   1 
ATOM   1385 C CA  . LEU B 1 71 ? -7.002  -11.385 -18.346 1.00 51.57 ? 71   LEU B CA  1 
ATOM   1386 C C   . LEU B 1 71 ? -7.290  -12.624 -17.498 1.00 51.29 ? 71   LEU B C   1 
ATOM   1387 O O   . LEU B 1 71 ? -8.443  -12.944 -17.215 1.00 49.75 ? 71   LEU B O   1 
ATOM   1388 C CB  . LEU B 1 71 ? -6.970  -10.131 -17.461 1.00 50.80 ? 71   LEU B CB  1 
ATOM   1389 C CG  . LEU B 1 71 ? -6.492  -8.836  -18.122 1.00 49.68 ? 71   LEU B CG  1 
ATOM   1390 C CD1 . LEU B 1 71 ? -6.596  -7.661  -17.147 1.00 51.20 ? 71   LEU B CD1 1 
ATOM   1391 C CD2 . LEU B 1 71 ? -5.053  -8.990  -18.652 1.00 47.91 ? 71   LEU B CD2 1 
ATOM   1392 N N   . PHE B 1 72 ? -6.220  -13.317 -17.120 1.00 52.48 ? 72   PHE B N   1 
ATOM   1393 C CA  . PHE B 1 72 ? -6.285  -14.457 -16.223 1.00 50.39 ? 72   PHE B CA  1 
ATOM   1394 C C   . PHE B 1 72 ? -5.294  -14.246 -15.089 1.00 51.32 ? 72   PHE B C   1 
ATOM   1395 O O   . PHE B 1 72 ? -4.185  -13.758 -15.316 1.00 48.57 ? 72   PHE B O   1 
ATOM   1396 C CB  . PHE B 1 72 ? -5.912  -15.740 -16.953 1.00 47.56 ? 72   PHE B CB  1 
ATOM   1397 C CG  . PHE B 1 72 ? -6.872  -16.127 -18.042 1.00 52.70 ? 72   PHE B CG  1 
ATOM   1398 C CD1 . PHE B 1 72 ? -6.708  -15.640 -19.333 1.00 56.73 ? 72   PHE B CD1 1 
ATOM   1399 C CD2 . PHE B 1 72 ? -7.925  -16.989 -17.782 1.00 44.41 ? 72   PHE B CD2 1 
ATOM   1400 C CE1 . PHE B 1 72 ? -7.586  -15.990 -20.343 1.00 34.03 ? 72   PHE B CE1 1 
ATOM   1401 C CE2 . PHE B 1 72 ? -8.807  -17.356 -18.795 1.00 59.29 ? 72   PHE B CE2 1 
ATOM   1402 C CZ  . PHE B 1 72 ? -8.633  -16.843 -20.077 1.00 47.17 ? 72   PHE B CZ  1 
ATOM   1403 N N   . LEU B 1 73 ? -5.702  -14.627 -13.879 1.00 49.78 ? 73   LEU B N   1 
ATOM   1404 C CA  . LEU B 1 73 ? -4.810  -14.664 -12.732 1.00 49.81 ? 73   LEU B CA  1 
ATOM   1405 C C   . LEU B 1 73 ? -4.134  -16.038 -12.684 1.00 49.42 ? 73   LEU B C   1 
ATOM   1406 O O   . LEU B 1 73 ? -4.798  -17.053 -12.622 1.00 50.30 ? 73   LEU B O   1 
ATOM   1407 C CB  . LEU B 1 73 ? -5.603  -14.404 -11.442 1.00 53.63 ? 73   LEU B CB  1 
ATOM   1408 C CG  . LEU B 1 73 ? -4.812  -14.089 -10.171 1.00 48.89 ? 73   LEU B CG  1 
ATOM   1409 C CD1 . LEU B 1 73 ? -4.038  -12.798 -10.325 1.00 53.34 ? 73   LEU B CD1 1 
ATOM   1410 C CD2 . LEU B 1 73 ? -5.745  -14.002 -8.980  1.00 45.91 ? 73   LEU B CD2 1 
ATOM   1411 N N   . THR B 1 74 ? -2.807  -16.058 -12.716 1.00 52.46 ? 74   THR B N   1 
ATOM   1412 C CA  . THR B 1 74 ? -2.042  -17.298 -12.664 1.00 50.52 ? 74   THR B CA  1 
ATOM   1413 C C   . THR B 1 74 ? -1.896  -17.805 -11.234 1.00 50.92 ? 74   THR B C   1 
ATOM   1414 O O   . THR B 1 74 ? -2.238  -17.105 -10.280 1.00 56.46 ? 74   THR B O   1 
ATOM   1415 C CB  . THR B 1 74 ? -0.620  -17.091 -13.224 1.00 52.86 ? 74   THR B CB  1 
ATOM   1416 O OG1 . THR B 1 74 ? 0.109   -16.194 -12.364 1.00 44.61 ? 74   THR B OG1 1 
ATOM   1417 C CG2 . THR B 1 74 ? -0.677  -16.530 -14.645 1.00 51.81 ? 74   THR B CG2 1 
ATOM   1418 N N   . GLU B 1 75 ? -1.372  -19.022 -11.096 1.00 51.34 ? 75   GLU B N   1 
ATOM   1419 C CA  A GLU B 1 75 ? -1.062  -19.587 -9.787  0.50 50.47 ? 75   GLU B CA  1 
ATOM   1420 C CA  B GLU B 1 75 ? -1.073  -19.592 -9.783  0.50 50.49 ? 75   GLU B CA  1 
ATOM   1421 C C   . GLU B 1 75 ? -0.086  -18.684 -9.046  1.00 51.38 ? 75   GLU B C   1 
ATOM   1422 O O   . GLU B 1 75 ? -0.243  -18.433 -7.853  1.00 50.70 ? 75   GLU B O   1 
ATOM   1423 C CB  A GLU B 1 75 ? -0.447  -20.977 -9.934  0.50 52.82 ? 75   GLU B CB  1 
ATOM   1424 C CB  B GLU B 1 75 ? -0.502  -21.013 -9.921  0.50 53.03 ? 75   GLU B CB  1 
ATOM   1425 C CG  A GLU B 1 75 ? -1.392  -22.034 -10.476 0.50 47.35 ? 75   GLU B CG  1 
ATOM   1426 C CG  B GLU B 1 75 ? -0.398  -21.810 -8.604  0.50 50.89 ? 75   GLU B CG  1 
ATOM   1427 C CD  A GLU B 1 75 ? -0.673  -23.317 -10.835 0.50 52.73 ? 75   GLU B CD  1 
ATOM   1428 C CD  B GLU B 1 75 ? -1.527  -22.821 -8.395  0.50 71.45 ? 75   GLU B CD  1 
ATOM   1429 O OE1 A GLU B 1 75 ? 0.446   -23.537 -10.320 0.50 62.87 ? 75   GLU B OE1 1 
ATOM   1430 O OE1 B GLU B 1 75 ? -1.791  -23.638 -9.306  0.50 63.84 ? 75   GLU B OE1 1 
ATOM   1431 O OE2 A GLU B 1 75 ? -1.228  -24.105 -11.632 0.50 54.73 ? 75   GLU B OE2 1 
ATOM   1432 O OE2 B GLU B 1 75 ? -2.133  -22.827 -7.300  0.50 48.41 ? 75   GLU B OE2 1 
ATOM   1433 N N   . LYS B 1 76 ? 0.925   -18.192 -9.769  1.00 51.15 ? 76   LYS B N   1 
ATOM   1434 C CA  . LYS B 1 76 ? 1.888   -17.239 -9.217  1.00 49.37 ? 76   LYS B CA  1 
ATOM   1435 C C   . LYS B 1 76 ? 1.167   -15.986 -8.695  1.00 51.93 ? 76   LYS B C   1 
ATOM   1436 O O   . LYS B 1 76 ? 1.508   -15.458 -7.629  1.00 50.85 ? 76   LYS B O   1 
ATOM   1437 C CB  . LYS B 1 76 ? 2.930   -16.855 -10.277 1.00 48.54 ? 76   LYS B CB  1 
ATOM   1438 C CG  . LYS B 1 76 ? 3.995   -15.850 -9.805  1.00 50.34 ? 76   LYS B CG  1 
ATOM   1439 C CD  . LYS B 1 76 ? 4.999   -15.512 -10.913 1.00 48.50 ? 76   LYS B CD  1 
ATOM   1440 C CE  . LYS B 1 76 ? 5.960   -14.415 -10.469 1.00 50.18 ? 76   LYS B CE  1 
ATOM   1441 N NZ  . LYS B 1 76 ? 7.115   -14.233 -11.398 1.00 55.24 ? 76   LYS B NZ  1 
ATOM   1442 N N   . GLY B 1 77 ? 0.179   -15.520 -9.458  1.00 49.99 ? 77   GLY B N   1 
ATOM   1443 C CA  . GLY B 1 77 ? -0.582  -14.328 -9.110  1.00 49.77 ? 77   GLY B CA  1 
ATOM   1444 C C   . GLY B 1 77 ? -1.508  -14.511 -7.932  1.00 48.24 ? 77   GLY B C   1 
ATOM   1445 O O   . GLY B 1 77 ? -1.680  -13.596 -7.130  1.00 47.81 ? 77   GLY B O   1 
ATOM   1446 N N   . MET B 1 78 ? -2.126  -15.684 -7.832  1.00 49.72 ? 78   MET B N   1 
ATOM   1447 C CA  . MET B 1 78 ? -2.973  -16.003 -6.683  1.00 49.19 ? 78   MET B CA  1 
ATOM   1448 C C   . MET B 1 78 ? -2.134  -16.018 -5.410  1.00 48.86 ? 78   MET B C   1 
ATOM   1449 O O   . MET B 1 78 ? -2.561  -15.500 -4.377  1.00 47.62 ? 78   MET B O   1 
ATOM   1450 C CB  . MET B 1 78 ? -3.665  -17.357 -6.879  1.00 47.93 ? 78   MET B CB  1 
ATOM   1451 C CG  . MET B 1 78 ? -4.625  -17.767 -5.753  1.00 55.66 ? 78   MET B CG  1 
ATOM   1452 S SD  . MET B 1 78 ? -6.023  -16.651 -5.450  1.00 65.37 ? 78   MET B SD  1 
ATOM   1453 C CE  . MET B 1 78 ? -6.816  -17.492 -4.082  1.00 50.91 ? 78   MET B CE  1 
ATOM   1454 N N   . LYS B 1 79 ? -0.942  -16.613 -5.491  1.00 47.28 ? 79   LYS B N   1 
ATOM   1455 C CA  . LYS B 1 79 ? -0.009  -16.633 -4.364  1.00 47.91 ? 79   LYS B CA  1 
ATOM   1456 C C   . LYS B 1 79 ? 0.427   -15.216 -3.977  1.00 47.68 ? 79   LYS B C   1 
ATOM   1457 O O   . LYS B 1 79 ? 0.566   -14.919 -2.795  1.00 48.03 ? 79   LYS B O   1 
ATOM   1458 C CB  . LYS B 1 79 ? 1.219   -17.497 -4.682  1.00 46.65 ? 79   LYS B CB  1 
ATOM   1459 C CG  . LYS B 1 79 ? 2.149   -17.728 -3.491  1.00 44.04 ? 79   LYS B CG  1 
ATOM   1460 C CD  . LYS B 1 79 ? 3.223   -18.762 -3.804  1.00 51.77 ? 79   LYS B CD  1 
ATOM   1461 C CE  . LYS B 1 79 ? 4.144   -18.987 -2.610  1.00 56.44 ? 79   LYS B CE  1 
ATOM   1462 N NZ  . LYS B 1 79 ? 5.148   -20.054 -2.862  1.00 50.60 ? 79   LYS B NZ  1 
ATOM   1463 N N   . GLU B 1 80 ? 0.641   -14.353 -4.969  1.00 47.33 ? 80   GLU B N   1 
ATOM   1464 C CA  . GLU B 1 80 ? 0.991   -12.950 -4.707  1.00 47.98 ? 80   GLU B CA  1 
ATOM   1465 C C   . GLU B 1 80 ? -0.163  -12.189 -4.071  1.00 47.85 ? 80   GLU B C   1 
ATOM   1466 O O   . GLU B 1 80 ? 0.049   -11.374 -3.171  1.00 49.87 ? 80   GLU B O   1 
ATOM   1467 C CB  . GLU B 1 80 ? 1.417   -12.240 -5.999  1.00 48.27 ? 80   GLU B CB  1 
ATOM   1468 C CG  . GLU B 1 80 ? 1.841   -10.770 -5.815  1.00 49.91 ? 80   GLU B CG  1 
ATOM   1469 C CD  . GLU B 1 80 ? 3.105   -10.611 -4.983  1.00 51.35 ? 80   GLU B CD  1 
ATOM   1470 O OE1 . GLU B 1 80 ? 4.071   -11.373 -5.207  1.00 56.22 ? 80   GLU B OE1 1 
ATOM   1471 O OE2 . GLU B 1 80 ? 3.140   -9.713  -4.116  1.00 50.01 ? 80   GLU B OE2 1 
ATOM   1472 N N   . PHE B 1 81 ? -1.379  -12.453 -4.540  1.00 49.43 ? 81   PHE B N   1 
ATOM   1473 C CA  . PHE B 1 81 ? -2.573  -11.832 -3.968  1.00 48.80 ? 81   PHE B CA  1 
ATOM   1474 C C   . PHE B 1 81 ? -2.719  -12.192 -2.493  1.00 49.86 ? 81   PHE B C   1 
ATOM   1475 O O   . PHE B 1 81 ? -3.000  -11.330 -1.658  1.00 49.54 ? 81   PHE B O   1 
ATOM   1476 C CB  . PHE B 1 81 ? -3.836  -12.259 -4.728  1.00 46.77 ? 81   PHE B CB  1 
ATOM   1477 C CG  . PHE B 1 81 ? -5.116  -11.908 -4.014  1.00 53.05 ? 81   PHE B CG  1 
ATOM   1478 C CD1 . PHE B 1 81 ? -5.555  -10.595 -3.959  1.00 46.84 ? 81   PHE B CD1 1 
ATOM   1479 C CD2 . PHE B 1 81 ? -5.867  -12.891 -3.374  1.00 61.46 ? 81   PHE B CD2 1 
ATOM   1480 C CE1 . PHE B 1 81 ? -6.731  -10.263 -3.288  1.00 45.72 ? 81   PHE B CE1 1 
ATOM   1481 C CE2 . PHE B 1 81 ? -7.042  -12.568 -2.705  1.00 60.18 ? 81   PHE B CE2 1 
ATOM   1482 C CZ  . PHE B 1 81 ? -7.474  -11.253 -2.662  1.00 51.14 ? 81   PHE B CZ  1 
ATOM   1483 N N   . GLU B 1 82 ? -2.533  -13.470 -2.185  1.00 46.20 ? 82   GLU B N   1 
ATOM   1484 C CA  . GLU B 1 82 ? -2.639  -13.940 -0.817  1.00 47.89 ? 82   GLU B CA  1 
ATOM   1485 C C   . GLU B 1 82 ? -1.592  -13.265 0.059   1.00 48.95 ? 82   GLU B C   1 
ATOM   1486 O O   . GLU B 1 82 ? -1.895  -12.819 1.168   1.00 49.97 ? 82   GLU B O   1 
ATOM   1487 C CB  . GLU B 1 82 ? -2.512  -15.462 -0.764  1.00 49.10 ? 82   GLU B CB  1 
ATOM   1488 C CG  . GLU B 1 82 ? -3.725  -16.183 -1.345  1.00 52.21 ? 82   GLU B CG  1 
ATOM   1489 C CD  . GLU B 1 82 ? -3.540  -17.696 -1.463  1.00 49.69 ? 82   GLU B CD  1 
ATOM   1490 O OE1 . GLU B 1 82 ? -2.543  -18.229 -0.926  1.00 50.60 ? 82   GLU B OE1 1 
ATOM   1491 O OE2 . GLU B 1 82 ? -4.396  -18.345 -2.101  1.00 50.60 ? 82   GLU B OE2 1 
ATOM   1492 N N   . GLU B 1 83 ? -0.366  -13.170 -0.450  1.00 48.68 ? 83   GLU B N   1 
ATOM   1493 C CA  . GLU B 1 83 ? 0.691   -12.441 0.247   1.00 51.37 ? 83   GLU B CA  1 
ATOM   1494 C C   . GLU B 1 83 ? 0.330   -10.969 0.469   1.00 50.51 ? 83   GLU B C   1 
ATOM   1495 O O   . GLU B 1 83 ? 0.489   -10.449 1.572   1.00 50.62 ? 83   GLU B O   1 
ATOM   1496 C CB  . GLU B 1 83 ? 2.013   -12.536 -0.514  1.00 51.28 ? 83   GLU B CB  1 
ATOM   1497 C CG  . GLU B 1 83 ? 2.619   -13.928 -0.528  1.00 56.58 ? 83   GLU B CG  1 
ATOM   1498 C CD  . GLU B 1 83 ? 4.018   -13.945 -1.110  1.00 56.90 ? 83   GLU B CD  1 
ATOM   1499 O OE1 . GLU B 1 83 ? 4.875   -13.171 -0.621  1.00 92.47 ? 83   GLU B OE1 1 
ATOM   1500 O OE2 . GLU B 1 83 ? 4.261   -14.736 -2.052  1.00 85.96 ? 83   GLU B OE2 1 
ATOM   1501 N N   . LEU B 1 84 ? -0.154  -10.305 -0.578  1.00 50.85 ? 84   LEU B N   1 
ATOM   1502 C CA  . LEU B 1 84 ? -0.522  -8.891  -0.479  1.00 49.87 ? 84   LEU B CA  1 
ATOM   1503 C C   . LEU B 1 84 ? -1.694  -8.666  0.465   1.00 51.05 ? 84   LEU B C   1 
ATOM   1504 O O   . LEU B 1 84 ? -1.702  -7.709  1.235   1.00 48.89 ? 84   LEU B O   1 
ATOM   1505 C CB  . LEU B 1 84 ? -0.883  -8.320  -1.847  1.00 50.60 ? 84   LEU B CB  1 
ATOM   1506 C CG  . LEU B 1 84 ? 0.255   -7.920  -2.778  1.00 53.13 ? 84   LEU B CG  1 
ATOM   1507 C CD1 . LEU B 1 84 ? -0.335  -7.364  -4.068  1.00 54.08 ? 84   LEU B CD1 1 
ATOM   1508 C CD2 . LEU B 1 84 ? 1.161   -6.893  -2.114  1.00 55.71 ? 84   LEU B CD2 1 
ATOM   1509 N N   . HIS B 1 85 ? -2.687  -9.544  0.378   1.00 49.99 ? 85   HIS B N   1 
ATOM   1510 C CA  . HIS B 1 85 ? -3.863  -9.461  1.223   1.00 48.45 ? 85   HIS B CA  1 
ATOM   1511 C C   . HIS B 1 85 ? -3.489  -9.573  2.692   1.00 48.94 ? 85   HIS B C   1 
ATOM   1512 O O   . HIS B 1 85 ? -4.004  -8.827  3.533   1.00 49.73 ? 85   HIS B O   1 
ATOM   1513 C CB  . HIS B 1 85 ? -4.867  -10.558 0.863   1.00 47.48 ? 85   HIS B CB  1 
ATOM   1514 C CG  . HIS B 1 85 ? -6.070  -10.573 1.750   1.00 46.26 ? 85   HIS B CG  1 
ATOM   1515 N ND1 . HIS B 1 85 ? -6.857  -9.459  1.947   1.00 60.92 ? 85   HIS B ND1 1 
ATOM   1516 C CD2 . HIS B 1 85 ? -6.607  -11.554 2.513   1.00 51.53 ? 85   HIS B CD2 1 
ATOM   1517 C CE1 . HIS B 1 85 ? -7.832  -9.754  2.788   1.00 53.06 ? 85   HIS B CE1 1 
ATOM   1518 N NE2 . HIS B 1 85 ? -7.703  -11.019 3.146   1.00 56.54 ? 85   HIS B NE2 1 
ATOM   1519 N N   . GLU B 1 86 ? -2.608  -10.513 3.009   1.00 47.98 ? 86   GLU B N   1 
ATOM   1520 C CA  . GLU B 1 86 ? -2.167  -10.683 4.391   1.00 48.26 ? 86   GLU B CA  1 
ATOM   1521 C C   . GLU B 1 86 ? -1.360  -9.475  4.843   1.00 47.66 ? 86   GLU B C   1 
ATOM   1522 O O   . GLU B 1 86 ? -1.523  -9.007  5.964   1.00 48.83 ? 86   GLU B O   1 
ATOM   1523 C CB  . GLU B 1 86 ? -1.354  -11.968 4.562   1.00 47.57 ? 86   GLU B CB  1 
ATOM   1524 C CG  . GLU B 1 86 ? -2.168  -13.257 4.405   1.00 58.12 ? 86   GLU B CG  1 
ATOM   1525 C CD  . GLU B 1 86 ? -3.356  -13.339 5.351   1.00 74.54 ? 86   GLU B CD  1 
ATOM   1526 O OE1 . GLU B 1 86 ? -3.163  -13.173 6.575   1.00 53.54 ? 86   GLU B OE1 1 
ATOM   1527 O OE2 . GLU B 1 86 ? -4.484  -13.574 4.864   1.00 78.05 ? 86   GLU B OE2 1 
ATOM   1528 N N   . PHE B 1 87 ? -0.502  -8.960  3.963   1.00 50.59 ? 87   PHE B N   1 
ATOM   1529 C CA  . PHE B 1 87 ? 0.297   -7.780  4.284   1.00 48.51 ? 87   PHE B CA  1 
ATOM   1530 C C   . PHE B 1 87 ? -0.596  -6.574  4.636   1.00 49.72 ? 87   PHE B C   1 
ATOM   1531 O O   . PHE B 1 87 ? -0.452  -5.978  5.709   1.00 51.48 ? 87   PHE B O   1 
ATOM   1532 C CB  . PHE B 1 87 ? 1.236   -7.428  3.127   1.00 45.99 ? 87   PHE B CB  1 
ATOM   1533 C CG  . PHE B 1 87 ? 1.847   -6.062  3.254   1.00 51.28 ? 87   PHE B CG  1 
ATOM   1534 C CD1 . PHE B 1 87 ? 2.930   -5.851  4.099   1.00 56.87 ? 87   PHE B CD1 1 
ATOM   1535 C CD2 . PHE B 1 87 ? 1.320   -4.983  2.557   1.00 48.76 ? 87   PHE B CD2 1 
ATOM   1536 C CE1 . PHE B 1 87 ? 3.489   -4.590  4.233   1.00 49.37 ? 87   PHE B CE1 1 
ATOM   1537 C CE2 . PHE B 1 87 ? 1.871   -3.724  2.681   1.00 50.33 ? 87   PHE B CE2 1 
ATOM   1538 C CZ  . PHE B 1 87 ? 2.959   -3.525  3.523   1.00 51.88 ? 87   PHE B CZ  1 
ATOM   1539 N N   . PHE B 1 88 ? -1.515  -6.230  3.736   1.00 48.20 ? 88   PHE B N   1 
ATOM   1540 C CA  . PHE B 1 88 ? -2.386  -5.060  3.935   1.00 48.47 ? 88   PHE B CA  1 
ATOM   1541 C C   . PHE B 1 88 ? -3.333  -5.225  5.118   1.00 48.08 ? 88   PHE B C   1 
ATOM   1542 O O   . PHE B 1 88 ? -3.599  -4.273  5.843   1.00 50.09 ? 88   PHE B O   1 
ATOM   1543 C CB  . PHE B 1 88 ? -3.173  -4.730  2.658   1.00 46.78 ? 88   PHE B CB  1 
ATOM   1544 C CG  . PHE B 1 88 ? -2.387  -3.916  1.655   1.00 49.82 ? 88   PHE B CG  1 
ATOM   1545 C CD1 . PHE B 1 88 ? -1.983  -4.466  0.449   1.00 47.17 ? 88   PHE B CD1 1 
ATOM   1546 C CD2 . PHE B 1 88 ? -2.052  -2.600  1.928   1.00 56.80 ? 88   PHE B CD2 1 
ATOM   1547 C CE1 . PHE B 1 88 ? -1.260  -3.726  -0.461  1.00 48.00 ? 88   PHE B CE1 1 
ATOM   1548 C CE2 . PHE B 1 88 ? -1.326  -1.851  1.019   1.00 49.79 ? 88   PHE B CE2 1 
ATOM   1549 C CZ  . PHE B 1 88 ? -0.924  -2.422  -0.182  1.00 45.62 ? 88   PHE B CZ  1 
ATOM   1550 N N   . LYS B 1 89 ? -3.822  -6.439  5.332   1.00 51.98 ? 89   LYS B N   1 
ATOM   1551 C CA  . LYS B 1 89 ? -4.661  -6.724  6.484   1.00 51.41 ? 89   LYS B CA  1 
ATOM   1552 C C   . LYS B 1 89 ? -3.877  -6.455  7.771   1.00 51.83 ? 89   LYS B C   1 
ATOM   1553 O O   . LYS B 1 89 ? -4.384  -5.813  8.685   1.00 51.58 ? 89   LYS B O   1 
ATOM   1554 C CB  . LYS B 1 89 ? -5.155  -8.171  6.431   1.00 52.84 ? 89   LYS B CB  1 
ATOM   1555 C CG  . LYS B 1 89 ? -6.161  -8.541  7.500   1.00 54.63 ? 89   LYS B CG  1 
ATOM   1556 C CD  . LYS B 1 89 ? -6.658  -9.965  7.308   1.00 54.28 ? 89   LYS B CD  1 
ATOM   1557 C CE  . LYS B 1 89 ? -7.501  -10.419 8.488   1.00 65.09 ? 89   LYS B CE  1 
ATOM   1558 N NZ  . LYS B 1 89 ? -8.097  -11.765 8.266   1.00 68.52 ? 89   LYS B NZ  1 
ATOM   1559 N N   . LYS B 1 90 ? -2.629  -6.924  7.814   1.00 51.38 ? 90   LYS B N   1 
ATOM   1560 C CA  . LYS B 1 90 ? -1.757  -6.740  8.974   1.00 49.58 ? 90   LYS B CA  1 
ATOM   1561 C C   . LYS B 1 90 ? -1.474  -5.269  9.289   1.00 46.86 ? 90   LYS B C   1 
ATOM   1562 O O   . LYS B 1 90 ? -1.467  -4.885  10.454  1.00 45.78 ? 90   LYS B O   1 
ATOM   1563 C CB  . LYS B 1 90 ? -0.433  -7.500  8.783   1.00 48.30 ? 90   LYS B CB  1 
ATOM   1564 C CG  . LYS B 1 90 ? 0.604   -7.277  9.882   1.00 48.76 ? 90   LYS B CG  1 
ATOM   1565 C CD  . LYS B 1 90 ? 1.814   -8.208  9.731   1.00 50.15 ? 90   LYS B CD  1 
ATOM   1566 C CE  . LYS B 1 90 ? 2.621   -7.896  8.470   1.00 49.59 ? 90   LYS B CE  1 
ATOM   1567 N NZ  . LYS B 1 90 ? 3.963   -8.547  8.472   1.00 56.06 ? 90   LYS B NZ  1 
ATOM   1568 N N   . ILE B 1 91 ? -1.229  -4.450  8.272   1.00 49.59 ? 91   ILE B N   1 
ATOM   1569 C CA  . ILE B 1 91 ? -0.856  -3.050  8.525   1.00 50.84 ? 91   ILE B CA  1 
ATOM   1570 C C   . ILE B 1 91 ? -2.032  -2.070  8.549   1.00 49.04 ? 91   ILE B C   1 
ATOM   1571 O O   . ILE B 1 91 ? -1.907  -0.982  9.099   1.00 49.00 ? 91   ILE B O   1 
ATOM   1572 C CB  . ILE B 1 91 ? 0.254   -2.537  7.559   1.00 51.77 ? 91   ILE B CB  1 
ATOM   1573 C CG1 . ILE B 1 91 ? -0.238  -2.463  6.115   1.00 57.78 ? 91   ILE B CG1 1 
ATOM   1574 C CG2 . ILE B 1 91 ? 1.500   -3.414  7.669   1.00 45.51 ? 91   ILE B CG2 1 
ATOM   1575 C CD1 . ILE B 1 91 ? 0.558   -1.479  5.277   1.00 59.83 ? 91   ILE B CD1 1 
ATOM   1576 N N   . VAL B 1 92 ? -3.171  -2.449  7.977   1.00 49.79 ? 92   VAL B N   1 
ATOM   1577 C CA  . VAL B 1 92 ? -4.315  -1.545  7.921   1.00 49.30 ? 92   VAL B CA  1 
ATOM   1578 C C   . VAL B 1 92 ? -5.439  -1.905  8.891   1.00 50.37 ? 92   VAL B C   1 
ATOM   1579 O O   . VAL B 1 92 ? -5.990  -1.020  9.538   1.00 50.71 ? 92   VAL B O   1 
ATOM   1580 C CB  . VAL B 1 92 ? -4.893  -1.457  6.496   1.00 51.66 ? 92   VAL B CB  1 
ATOM   1581 C CG1 . VAL B 1 92 ? -6.134  -0.558  6.475   1.00 46.34 ? 92   VAL B CG1 1 
ATOM   1582 C CG2 . VAL B 1 92 ? -3.823  -0.930  5.507   1.00 48.26 ? 92   VAL B CG2 1 
ATOM   1583 N N   . CYS B 1 93 ? -5.788  -3.186  8.983   1.00 48.71 ? 93   CYS B N   1 
ATOM   1584 C CA  . CYS B 1 93 ? -6.992  -3.599  9.705   1.00 49.72 ? 93   CYS B CA  1 
ATOM   1585 C C   . CYS B 1 93 ? -6.759  -3.796  11.192  1.00 50.19 ? 93   CYS B C   1 
ATOM   1586 O O   . CYS B 1 93 ? -5.620  -3.912  11.646  1.00 52.85 ? 93   CYS B O   1 
ATOM   1587 C CB  . CYS B 1 93 ? -7.557  -4.885  9.105   1.00 50.34 ? 93   CYS B CB  1 
ATOM   1588 S SG  . CYS B 1 93 ? -7.757  -4.818  7.319   1.00 51.66 ? 93   CYS B SG  1 
ATOM   1589 N N   . HIS B 1 94 ? -7.863  -3.852  11.929  1.00 51.81 ? 94   HIS B N   1 
ATOM   1590 C CA  . HIS B 1 94 ? -7.854  -4.014  13.389  1.00 52.66 ? 94   HIS B CA  1 
ATOM   1591 C C   . HIS B 1 94 ? -7.159  -5.306  13.814  1.00 53.45 ? 94   HIS B C   1 
ATOM   1592 O O   . HIS B 1 94 ? -6.511  -5.358  14.858  1.00 57.23 ? 94   HIS B O   1 
ATOM   1593 C CB  . HIS B 1 94 ? -9.291  -4.012  13.932  1.00 52.53 ? 94   HIS B CB  1 
ATOM   1594 C CG  . HIS B 1 94 ? -9.479  -3.138  15.131  1.00 54.10 ? 94   HIS B CG  1 
ATOM   1595 N ND1 . HIS B 1 94 ? -9.266  -1.778  15.094  1.00 62.34 ? 94   HIS B ND1 1 
ATOM   1596 C CD2 . HIS B 1 94 ? -9.873  -3.425  16.393  1.00 66.50 ? 94   HIS B CD2 1 
ATOM   1597 C CE1 . HIS B 1 94 ? -9.511  -1.264  16.286  1.00 86.70 ? 94   HIS B CE1 1 
ATOM   1598 N NE2 . HIS B 1 94 ? -9.884  -2.242  17.093  1.00 63.56 ? 94   HIS B NE2 1 
HETATM 1599 O O   . HOH C 2 .  ? 13.065  7.756   -5.470  1.00 44.18 ? 2001 HOH A O   1 
HETATM 1600 O O   . HOH C 2 .  ? 10.796  2.963   -1.376  1.00 36.38 ? 2002 HOH A O   1 
HETATM 1601 O O   . HOH C 2 .  ? 6.227   3.295   -6.105  1.00 55.60 ? 2003 HOH A O   1 
HETATM 1602 O O   . HOH C 2 .  ? 4.176   3.982   -3.929  1.00 45.07 ? 2004 HOH A O   1 
HETATM 1603 O O   . HOH C 2 .  ? 10.780  0.048   2.573   1.00 44.84 ? 2005 HOH A O   1 
HETATM 1604 O O   . HOH C 2 .  ? 10.111  0.602   -0.287  1.00 45.02 ? 2006 HOH A O   1 
HETATM 1605 O O   . HOH C 2 .  ? -5.679  0.191   12.677  1.00 64.34 ? 2007 HOH A O   1 
HETATM 1606 O O   . HOH C 2 .  ? 14.964  5.946   25.111  1.00 53.68 ? 2008 HOH A O   1 
HETATM 1607 O O   . HOH C 2 .  ? 9.703   7.295   22.677  1.00 55.04 ? 2009 HOH A O   1 
HETATM 1608 O O   . HOH C 2 .  ? 15.295  1.462   15.910  1.00 45.52 ? 2010 HOH A O   1 
HETATM 1609 O O   . HOH C 2 .  ? 16.226  9.316   18.850  1.00 47.81 ? 2011 HOH A O   1 
HETATM 1610 O O   . HOH C 2 .  ? 19.512  0.562   7.494   1.00 55.00 ? 2012 HOH A O   1 
HETATM 1611 O O   . HOH C 2 .  ? 18.581  -1.655  6.511   1.00 56.11 ? 2013 HOH A O   1 
HETATM 1612 O O   . HOH C 2 .  ? 14.803  4.188   13.925  1.00 51.81 ? 2014 HOH A O   1 
HETATM 1613 O O   . HOH C 2 .  ? -5.781  9.917   0.897   1.00 64.28 ? 2015 HOH A O   1 
HETATM 1614 O O   . HOH C 2 .  ? -23.450 -7.653  -4.094  1.00 65.47 ? 2016 HOH A O   1 
HETATM 1615 O O   . HOH C 2 .  ? 11.750  -1.831  10.462  1.00 43.54 ? 2017 HOH A O   1 
HETATM 1616 O O   . HOH C 2 .  ? 11.384  -2.585  3.486   1.00 50.36 ? 2018 HOH A O   1 
HETATM 1617 O O   . HOH C 2 .  ? 16.292  -2.939  5.930   1.00 60.15 ? 2019 HOH A O   1 
HETATM 1618 O O   . HOH C 2 .  ? 13.847  -0.382  3.223   1.00 50.81 ? 2020 HOH A O   1 
HETATM 1619 O O   . HOH C 2 .  ? 15.941  12.468  9.123   1.00 49.79 ? 2021 HOH A O   1 
HETATM 1620 O O   . HOH C 2 .  ? 10.720  20.217  13.288  1.00 63.43 ? 2022 HOH A O   1 
HETATM 1621 O O   . HOH C 2 .  ? -3.367  14.768  16.786  1.00 60.36 ? 2023 HOH A O   1 
HETATM 1622 O O   . HOH C 2 .  ? -5.778  16.499  13.478  1.00 58.46 ? 2024 HOH A O   1 
HETATM 1623 O O   . HOH C 2 .  ? -2.844  18.188  19.437  1.00 53.34 ? 2025 HOH A O   1 
HETATM 1624 O O   . HOH C 2 .  ? -4.170  11.722  3.435   1.00 56.90 ? 2026 HOH A O   1 
HETATM 1625 O O   . HOH C 2 .  ? -13.745 -1.078  6.284   1.00 61.64 ? 2027 HOH A O   1 
HETATM 1626 O O   . HOH C 2 .  ? -15.318 0.502   -1.603  1.00 54.79 ? 2028 HOH A O   1 
HETATM 1627 O O   . HOH C 2 .  ? -12.335 5.617   -2.693  1.00 60.72 ? 2029 HOH A O   1 
HETATM 1628 O O   . HOH C 2 .  ? -10.471 -6.229  -0.054  1.00 40.29 ? 2030 HOH A O   1 
HETATM 1629 O O   . HOH C 2 .  ? -14.609 -2.178  3.786   1.00 59.63 ? 2031 HOH A O   1 
HETATM 1630 O O   . HOH C 2 .  ? -20.556 -6.338  -3.141  1.00 60.67 ? 2032 HOH A O   1 
HETATM 1631 O O   . HOH D 2 .  ? 12.823  -9.012  8.403   1.00 54.82 ? 2001 HOH B O   1 
HETATM 1632 O O   . HOH D 2 .  ? 10.643  -1.741  -1.468  1.00 49.78 ? 2002 HOH B O   1 
HETATM 1633 O O   . HOH D 2 .  ? 6.297   -0.959  -7.522  1.00 44.80 ? 2003 HOH B O   1 
HETATM 1634 O O   . HOH D 2 .  ? 7.086   -6.204  -12.151 1.00 40.66 ? 2004 HOH B O   1 
HETATM 1635 O O   . HOH D 2 .  ? 5.703   -7.864  -4.241  1.00 48.62 ? 2005 HOH B O   1 
HETATM 1636 O O   . HOH D 2 .  ? 3.348   1.722   -1.695  1.00 41.59 ? 2006 HOH B O   1 
HETATM 1637 O O   . HOH D 2 .  ? 3.677   1.580   -13.902 1.00 41.10 ? 2007 HOH B O   1 
HETATM 1638 O O   . HOH D 2 .  ? -0.224  3.331   -9.243  1.00 45.82 ? 2008 HOH B O   1 
HETATM 1639 O O   . HOH D 2 .  ? 5.068   2.484   -11.716 0.50 48.00 ? 2009 HOH B O   1 
HETATM 1640 O O   . HOH D 2 .  ? -0.862  2.386   -5.720  1.00 37.28 ? 2010 HOH B O   1 
HETATM 1641 O O   . HOH D 2 .  ? -4.939  6.024   -8.374  1.00 59.76 ? 2011 HOH B O   1 
HETATM 1642 O O   . HOH D 2 .  ? 6.047   -1.639  -10.026 1.00 39.74 ? 2012 HOH B O   1 
HETATM 1643 O O   . HOH D 2 .  ? -9.984  -19.455 -14.612 1.00 60.64 ? 2013 HOH B O   1 
HETATM 1644 O O   . HOH D 2 .  ? -6.197  -18.483 -8.760  1.00 44.05 ? 2014 HOH B O   1 
HETATM 1645 O O   . HOH D 2 .  ? -15.188 -10.822 -18.344 1.00 51.20 ? 2015 HOH B O   1 
HETATM 1646 O O   . HOH D 2 .  ? -10.228 -1.788  -18.415 1.00 56.40 ? 2016 HOH B O   1 
HETATM 1647 O O   . HOH D 2 .  ? -13.447 -0.803  -18.076 1.00 50.09 ? 2017 HOH B O   1 
HETATM 1648 O O   . HOH D 2 .  ? -11.355 2.584   -12.123 1.00 38.97 ? 2018 HOH B O   1 
HETATM 1649 O O   . HOH D 2 .  ? -7.865  8.217   -18.581 1.00 50.25 ? 2019 HOH B O   1 
HETATM 1650 O O   . HOH D 2 .  ? 0.723   5.289   -20.442 1.00 47.04 ? 2020 HOH B O   1 
HETATM 1651 O O   . HOH D 2 .  ? -4.906  8.514   -18.854 1.00 43.13 ? 2021 HOH B O   1 
HETATM 1652 O O   . HOH D 2 .  ? 1.911   5.120   -15.764 1.00 36.59 ? 2022 HOH B O   1 
HETATM 1653 O O   . HOH D 2 .  ? 1.282   2.991   -14.057 1.00 29.10 ? 2023 HOH B O   1 
HETATM 1654 O O   . HOH D 2 .  ? -10.090 1.855   -20.159 1.00 48.02 ? 2024 HOH B O   1 
HETATM 1655 O O   . HOH D 2 .  ? 4.416   -0.980  -17.722 1.00 37.78 ? 2025 HOH B O   1 
HETATM 1656 O O   . HOH D 2 .  ? 6.987   -6.648  -15.015 1.00 43.58 ? 2026 HOH B O   1 
HETATM 1657 O O   . HOH D 2 .  ? 4.087   -1.028  -13.450 1.00 46.48 ? 2027 HOH B O   1 
HETATM 1658 O O   . HOH D 2 .  ? 4.402   -4.995  -21.858 1.00 49.60 ? 2028 HOH B O   1 
HETATM 1659 O O   . HOH D 2 .  ? 2.453   -6.802  -21.425 1.00 56.65 ? 2029 HOH B O   1 
HETATM 1660 O O   . HOH D 2 .  ? -2.478  -19.965 -14.800 1.00 59.61 ? 2030 HOH B O   1 
HETATM 1661 O O   . HOH D 2 .  ? 0.554   -13.503 -21.035 1.00 45.94 ? 2031 HOH B O   1 
HETATM 1662 O O   . HOH D 2 .  ? -11.254 -7.202  -23.247 1.00 51.98 ? 2032 HOH B O   1 
HETATM 1663 O O   . HOH D 2 .  ? -3.898  -21.048 -1.358  1.00 57.02 ? 2033 HOH B O   1 
HETATM 1664 O O   . HOH D 2 .  ? -3.070  -2.604  11.678  1.00 45.28 ? 2034 HOH B O   1 
HETATM 1665 O O   . HOH D 2 .  ? -4.676  -6.406  12.243  1.00 57.21 ? 2035 HOH B O   1 
HETATM 1666 O O   . HOH D 2 .  ? -10.765 -2.731  10.495  1.00 60.15 ? 2036 HOH B O   1 
HETATM 1667 O O   . HOH D 2 .  ? -5.612  -2.865  15.495  1.00 71.38 ? 2037 HOH B O   1 
# 
